data_8TXU
#
_entry.id   8TXU
#
_cell.length_a   1.00
_cell.length_b   1.00
_cell.length_c   1.00
_cell.angle_alpha   90.00
_cell.angle_beta   90.00
_cell.angle_gamma   90.00
#
_symmetry.space_group_name_H-M   'P 1'
#
loop_
_entity.id
_entity.type
_entity.pdbx_description
1 polymer 'Hemagglutinin HA1 chain'
2 polymer 'Hemagglutinin HA2'
3 polymer 'Fab 3864-10 Heavy Chain'
4 polymer 'Fab 3864-10 Light Chain'
5 branched alpha-D-mannopyranose-(1-3)-[alpha-D-mannopyranose-(1-6)]beta-D-mannopyranose-(1-4)-2-acetamido-2-deoxy-beta-D-glucopyranose-(1-4)-2-acetamido-2-deoxy-beta-D-glucopyranose
6 branched beta-D-mannopyranose-(1-4)-2-acetamido-2-deoxy-beta-D-glucopyranose-(1-4)-2-acetamido-2-deoxy-beta-D-glucopyranose
7 non-polymer 2-acetamido-2-deoxy-beta-D-glucopyranose
#
loop_
_entity_poly.entity_id
_entity_poly.type
_entity_poly.pdbx_seq_one_letter_code
_entity_poly.pdbx_strand_id
1 'polypeptide(L)'
;MKTIIALSYILCLVFAQKIPGNDNSTATLCLGHHAVPNGTIVKTICNDRIEVTNATELVQNSSIGEICDSPHQILDGENC
TLIDALLGDPQCDGFQNKKWDLFVERSKAYSNCYPYDVPDYASLRSLVASSGTLEFKNESFNWTGVTQNGTSSACIRGSS
SSFFSRLNWLTHLNYTYPALNVTMPNKEQFDKLYIWGVHHPGTDKDQIFLYAQSSGRITVSTKRSQQAVIPNIGSRPRIR
DIPSRISIYWTIVKPGDILLINSTGNLIAPRGYFKIRSGKSSIMRSDAPIGKCKSECITPNGSIPNDKPFQNVNRITYGA
CPRYVKHSTLKLATGMRNVPEKQTRRRRRR
;
A,C,G
2 'polypeptide(L)'
;GIFGAIAGFIENGWEGMVDGWYGFRHQNSEGRGQAADLKSTQAAIDQINGKLNRLIGKTNEKFHQIEKEFSEVEGRVQDL
EKYVEDTKIDLWSYNAELLVALENQHTIDLTDSEMNKLFEKTKKQLRENAEDMGNGCFKIYHKCDNACIESIRNETYDHN
VYRDEALNNRFQIKGVEGRLVPRGSPGSGYIPEAPRDGQAYVRKDGEWVLLSTFLGHHHHHHASWSHPQFEK
;
B,D,I
3 'polypeptide(L)'
;QVQLQQSGAELVMPGASVKLSCKASGYTFISYWMHWVKQRPGQGLEWIGEIDPSDSYTNYNQKFKGKARLTVDKSSSTAY
MQLSSLTSEDSAVYYCARGYYGSSGYFDVWGTGTTVTVSSASTTPPSVYPLAPGSAAQTNSMVTLGCLVKGYFPEPVTVT
WNSGSLSSGVHTFPAVLQSDLYTLSSSVTVPSSTWPSETVTCNVAHPASSTKVDKKIVPRDCDKGLEVLFQ
;
E,F,H
4 'polypeptide(L)'
;DIQMTQTTSSLSASLGDRVTISCRASQDISNYLNWCQQKPDGTIKLLIYYTSRLHSGVPSRFSGSGSGTDYSLTISNLEQ
EDIATYFCQQSNVLPRTFGGGTKLEIKRTDAAPTVSIFPPSSEQLTSGGASVVCFLNNFYPKDINVKWKIDGSERQNGVL
NSWTDQDSKDSTYSMSSTLTLTKDEYERHNSYTCEATHKTSTSPIVKSFNRNEC
;
J,K,L
#
# COMPACT_ATOMS: atom_id res chain seq x y z
N GLN A 17 12.96 -33.20 -6.83
CA GLN A 17 12.33 -33.94 -5.76
C GLN A 17 12.90 -35.34 -5.69
N LYS A 18 14.17 -35.44 -5.30
CA LYS A 18 14.92 -36.69 -5.44
C LYS A 18 14.35 -37.79 -4.54
N ILE A 19 14.06 -38.93 -5.16
CA ILE A 19 13.46 -40.07 -4.49
C ILE A 19 14.51 -41.18 -4.41
N PRO A 20 14.71 -41.81 -3.24
CA PRO A 20 15.85 -42.73 -3.04
C PRO A 20 15.90 -43.92 -3.99
N GLY A 21 14.88 -44.76 -3.98
CA GLY A 21 14.91 -45.97 -4.77
C GLY A 21 13.76 -46.89 -4.40
N ASN A 22 13.78 -48.11 -4.94
CA ASN A 22 12.66 -49.06 -4.69
C ASN A 22 12.70 -49.52 -3.23
N ASP A 23 11.80 -48.96 -2.40
CA ASP A 23 11.77 -49.33 -0.96
C ASP A 23 10.48 -50.10 -0.68
N ASN A 24 10.58 -51.20 0.07
CA ASN A 24 9.40 -52.05 0.32
C ASN A 24 8.80 -51.67 1.67
N SER A 25 9.56 -51.81 2.76
CA SER A 25 9.05 -51.56 4.13
C SER A 25 8.65 -50.09 4.34
N THR A 26 9.30 -49.17 3.64
CA THR A 26 9.00 -47.73 3.84
C THR A 26 8.36 -47.18 2.57
N ALA A 27 7.84 -45.95 2.63
CA ALA A 27 7.30 -45.34 1.40
C ALA A 27 7.70 -43.87 1.39
N THR A 28 8.71 -43.52 0.60
CA THR A 28 9.22 -42.13 0.56
C THR A 28 8.29 -41.34 -0.33
N LEU A 29 7.26 -40.74 0.25
CA LEU A 29 6.25 -40.05 -0.57
C LEU A 29 6.59 -38.58 -0.64
N CYS A 30 7.54 -38.22 -1.52
CA CYS A 30 8.02 -36.81 -1.71
C CYS A 30 6.86 -35.88 -2.04
N LEU A 31 6.05 -35.57 -1.04
CA LEU A 31 4.83 -34.77 -1.26
C LEU A 31 5.28 -33.34 -1.55
N GLY A 32 5.53 -33.04 -2.82
CA GLY A 32 6.03 -31.76 -3.25
C GLY A 32 4.98 -30.89 -3.90
N HIS A 33 5.45 -29.96 -4.74
CA HIS A 33 4.59 -28.97 -5.40
C HIS A 33 4.77 -28.97 -6.91
N HIS A 34 4.21 -27.98 -7.57
CA HIS A 34 4.05 -27.91 -9.02
C HIS A 34 5.04 -26.95 -9.67
N ALA A 35 5.44 -27.27 -10.91
CA ALA A 35 6.39 -26.47 -11.66
C ALA A 35 5.96 -26.36 -13.11
N VAL A 36 6.43 -25.30 -13.77
CA VAL A 36 6.16 -25.05 -15.20
C VAL A 36 7.50 -24.79 -15.89
N PRO A 37 7.81 -25.51 -16.97
CA PRO A 37 9.12 -25.33 -17.62
C PRO A 37 9.38 -23.95 -18.19
N ASN A 38 8.36 -23.24 -18.66
CA ASN A 38 8.54 -21.88 -19.13
C ASN A 38 8.23 -20.93 -17.98
N GLY A 39 8.92 -19.79 -17.97
CA GLY A 39 8.82 -18.84 -16.88
C GLY A 39 8.52 -17.45 -17.38
N THR A 40 7.99 -16.64 -16.48
CA THR A 40 7.69 -15.24 -16.74
C THR A 40 8.24 -14.40 -15.60
N ILE A 41 8.97 -13.35 -15.95
CA ILE A 41 9.68 -12.53 -14.96
C ILE A 41 8.74 -11.43 -14.47
N VAL A 42 8.51 -11.40 -13.17
CA VAL A 42 7.68 -10.38 -12.53
C VAL A 42 8.49 -9.72 -11.41
N LYS A 43 8.01 -8.55 -10.99
CA LYS A 43 8.67 -7.74 -9.98
C LYS A 43 7.94 -7.85 -8.66
N THR A 44 8.70 -8.00 -7.57
CA THR A 44 8.15 -8.05 -6.23
C THR A 44 8.68 -6.88 -5.42
N ILE A 45 8.36 -6.88 -4.11
CA ILE A 45 8.84 -5.82 -3.23
C ILE A 45 10.29 -6.02 -2.82
N CYS A 46 10.84 -7.23 -3.01
CA CYS A 46 12.24 -7.52 -2.69
C CYS A 46 13.10 -7.66 -3.93
N ASN A 47 12.73 -8.55 -4.84
CA ASN A 47 13.50 -8.81 -6.05
C ASN A 47 12.75 -8.30 -7.26
N ASP A 48 13.48 -7.71 -8.21
CA ASP A 48 12.89 -7.17 -9.41
C ASP A 48 12.91 -8.14 -10.59
N ARG A 49 13.54 -9.30 -10.43
CA ARG A 49 13.65 -10.28 -11.51
C ARG A 49 13.32 -11.67 -11.01
N ILE A 50 12.22 -11.79 -10.28
CA ILE A 50 11.74 -13.10 -9.82
C ILE A 50 10.88 -13.70 -10.93
N GLU A 51 10.82 -15.03 -10.97
CA GLU A 51 10.17 -15.76 -12.06
C GLU A 51 9.01 -16.59 -11.51
N VAL A 52 7.85 -16.44 -12.14
CA VAL A 52 6.64 -17.13 -11.71
C VAL A 52 6.15 -18.02 -12.85
N THR A 53 5.32 -18.99 -12.50
CA THR A 53 4.85 -19.98 -13.47
C THR A 53 3.90 -19.35 -14.48
N ASN A 54 2.97 -18.54 -14.01
CA ASN A 54 2.02 -17.85 -14.87
C ASN A 54 1.97 -16.39 -14.48
N ALA A 55 1.64 -15.53 -15.44
CA ALA A 55 1.58 -14.10 -15.19
C ALA A 55 0.56 -13.46 -16.10
N THR A 56 -0.27 -12.59 -15.52
CA THR A 56 -1.26 -11.82 -16.27
C THR A 56 -0.70 -10.43 -16.52
N GLU A 57 -0.59 -10.06 -17.79
CA GLU A 57 -0.09 -8.75 -18.18
C GLU A 57 -1.14 -7.70 -17.83
N LEU A 58 -0.94 -7.01 -16.71
CA LEU A 58 -1.93 -6.04 -16.23
C LEU A 58 -2.00 -4.81 -17.12
N VAL A 59 -0.88 -4.39 -17.68
CA VAL A 59 -0.84 -3.19 -18.51
C VAL A 59 -1.15 -3.59 -19.95
N GLN A 60 -2.20 -2.98 -20.51
CA GLN A 60 -2.55 -3.21 -21.90
C GLN A 60 -1.49 -2.58 -22.79
N ASN A 61 -0.60 -3.41 -23.35
CA ASN A 61 0.56 -2.89 -24.07
C ASN A 61 0.16 -2.25 -25.38
N SER A 62 -0.70 -2.92 -26.16
CA SER A 62 -1.05 -2.45 -27.49
C SER A 62 -2.57 -2.53 -27.66
N SER A 63 -3.05 -1.84 -28.69
CA SER A 63 -4.46 -1.78 -29.02
C SER A 63 -4.71 -2.59 -30.29
N ILE A 64 -5.98 -2.63 -30.70
CA ILE A 64 -6.32 -3.18 -32.01
C ILE A 64 -6.23 -2.13 -33.10
N GLY A 65 -5.99 -0.87 -32.73
CA GLY A 65 -5.77 0.19 -33.70
C GLY A 65 -7.02 0.80 -34.29
N GLU A 66 -8.20 0.38 -33.83
CA GLU A 66 -9.44 0.76 -34.48
C GLU A 66 -10.43 1.23 -33.42
N ILE A 67 -11.27 2.20 -33.79
CA ILE A 67 -12.35 2.65 -32.94
C ILE A 67 -13.61 1.88 -33.31
N CYS A 68 -14.25 1.28 -32.31
CA CYS A 68 -15.42 0.42 -32.52
C CYS A 68 -16.61 1.00 -31.75
N ASP A 69 -17.66 1.37 -32.48
CA ASP A 69 -18.75 2.18 -31.93
C ASP A 69 -20.01 1.37 -31.62
N SER A 70 -19.87 0.07 -31.36
CA SER A 70 -21.06 -0.71 -31.06
C SER A 70 -21.58 -0.54 -29.63
N PRO A 71 -20.75 -0.59 -28.56
CA PRO A 71 -21.35 -0.37 -27.23
C PRO A 71 -21.72 1.08 -26.97
N HIS A 72 -20.87 2.03 -27.35
CA HIS A 72 -21.16 3.44 -27.18
C HIS A 72 -21.84 3.98 -28.43
N GLN A 73 -21.91 5.30 -28.56
CA GLN A 73 -22.54 5.95 -29.70
C GLN A 73 -21.54 6.91 -30.34
N ILE A 74 -20.34 6.42 -30.62
CA ILE A 74 -19.23 7.25 -31.08
C ILE A 74 -19.57 7.89 -32.41
N LEU A 75 -19.51 9.22 -32.44
CA LEU A 75 -19.77 9.99 -33.65
C LEU A 75 -18.45 10.31 -34.34
N ASP A 76 -18.37 10.03 -35.63
CA ASP A 76 -17.17 10.31 -36.40
C ASP A 76 -16.99 11.81 -36.58
N GLY A 77 -15.77 12.21 -36.87
CA GLY A 77 -15.47 13.62 -37.07
C GLY A 77 -14.64 13.89 -38.30
N GLU A 78 -14.91 13.17 -39.39
CA GLU A 78 -14.13 13.33 -40.61
C GLU A 78 -14.29 14.73 -41.18
N ASN A 79 -13.17 15.45 -41.25
CA ASN A 79 -13.13 16.88 -41.59
C ASN A 79 -14.04 17.71 -40.69
N CYS A 80 -14.14 17.31 -39.42
CA CYS A 80 -15.04 17.96 -38.47
C CYS A 80 -14.30 18.31 -37.19
N THR A 81 -14.51 19.53 -36.71
CA THR A 81 -14.16 19.92 -35.36
C THR A 81 -15.46 20.18 -34.60
N LEU A 82 -15.46 19.83 -33.31
CA LEU A 82 -16.71 19.89 -32.53
C LEU A 82 -17.24 21.30 -32.41
N ILE A 83 -16.36 22.29 -32.22
CA ILE A 83 -16.84 23.66 -32.10
C ILE A 83 -17.41 24.16 -33.43
N ASP A 84 -16.93 23.64 -34.56
CA ASP A 84 -17.58 23.91 -35.83
C ASP A 84 -18.77 22.98 -36.09
N ALA A 85 -18.81 21.81 -35.45
CA ALA A 85 -20.03 21.00 -35.49
C ALA A 85 -21.18 21.71 -34.77
N LEU A 86 -20.88 22.42 -33.69
CA LEU A 86 -21.83 23.37 -33.11
C LEU A 86 -22.15 24.47 -34.11
N LEU A 87 -21.15 24.90 -34.86
CA LEU A 87 -21.34 25.98 -35.80
C LEU A 87 -21.98 25.42 -37.08
N GLY A 88 -22.05 26.24 -38.11
CA GLY A 88 -22.47 25.74 -39.40
C GLY A 88 -21.31 25.32 -40.27
N ASP A 89 -20.63 24.25 -39.90
CA ASP A 89 -19.52 23.76 -40.71
C ASP A 89 -20.05 23.17 -42.00
N PRO A 90 -19.71 23.72 -43.16
CA PRO A 90 -20.28 23.20 -44.43
C PRO A 90 -19.79 21.81 -44.78
N GLN A 91 -18.64 21.40 -44.28
CA GLN A 91 -18.16 20.03 -44.43
C GLN A 91 -18.74 19.10 -43.37
N CYS A 92 -19.54 19.63 -42.44
CA CYS A 92 -20.00 18.82 -41.32
C CYS A 92 -21.46 19.10 -40.97
N ASP A 93 -22.27 19.49 -41.97
CA ASP A 93 -23.69 19.64 -41.75
C ASP A 93 -24.46 18.33 -41.87
N GLY A 94 -23.77 17.23 -42.17
CA GLY A 94 -24.39 15.92 -42.11
C GLY A 94 -24.47 15.32 -40.72
N PHE A 95 -23.88 16.01 -39.73
CA PHE A 95 -23.88 15.56 -38.34
C PHE A 95 -24.74 16.47 -37.46
N GLN A 96 -25.65 17.22 -38.07
CA GLN A 96 -26.47 18.18 -37.34
C GLN A 96 -27.61 17.47 -36.60
N ASN A 97 -27.91 17.96 -35.38
CA ASN A 97 -28.90 17.35 -34.47
C ASN A 97 -28.59 15.90 -34.16
N LYS A 98 -27.31 15.55 -34.04
CA LYS A 98 -26.90 14.17 -33.85
C LYS A 98 -26.48 13.95 -32.40
N LYS A 99 -27.12 12.98 -31.75
CA LYS A 99 -26.66 12.51 -30.45
C LYS A 99 -25.29 11.86 -30.58
N TRP A 100 -24.51 11.93 -29.51
CA TRP A 100 -23.29 11.15 -29.42
C TRP A 100 -22.98 10.86 -27.96
N ASP A 101 -22.22 9.79 -27.74
CA ASP A 101 -21.63 9.54 -26.45
C ASP A 101 -20.13 9.78 -26.43
N LEU A 102 -19.49 9.80 -27.59
CA LEU A 102 -18.06 10.13 -27.66
C LEU A 102 -17.80 10.75 -29.03
N PHE A 103 -17.40 12.01 -29.05
CA PHE A 103 -17.01 12.65 -30.30
C PHE A 103 -15.52 12.46 -30.50
N VAL A 104 -15.14 11.96 -31.68
CA VAL A 104 -13.74 11.87 -32.07
C VAL A 104 -13.44 12.94 -33.12
N GLU A 105 -12.46 13.78 -32.83
CA GLU A 105 -12.06 14.84 -33.75
C GLU A 105 -10.85 14.35 -34.53
N ARG A 106 -10.97 14.35 -35.86
CA ARG A 106 -9.92 13.79 -36.71
C ARG A 106 -8.70 14.71 -36.73
N SER A 107 -7.52 14.09 -36.82
CA SER A 107 -6.27 14.84 -36.81
C SER A 107 -6.06 15.66 -38.08
N LYS A 108 -6.77 15.33 -39.17
CA LYS A 108 -6.74 16.19 -40.34
C LYS A 108 -7.35 17.55 -40.04
N ALA A 109 -8.50 17.57 -39.34
CA ALA A 109 -9.06 18.76 -38.69
C ALA A 109 -9.26 19.93 -39.65
N TYR A 110 -9.61 19.62 -40.89
CA TYR A 110 -9.76 20.65 -41.91
C TYR A 110 -11.09 21.36 -41.72
N SER A 111 -11.04 22.59 -41.21
CA SER A 111 -12.19 23.46 -41.12
C SER A 111 -12.10 24.47 -42.25
N ASN A 112 -13.15 24.54 -43.08
CA ASN A 112 -13.16 25.40 -44.26
C ASN A 112 -14.34 26.37 -44.13
N CYS A 113 -14.14 27.45 -43.39
CA CYS A 113 -15.06 28.58 -43.36
C CYS A 113 -14.29 29.77 -42.78
N TYR A 114 -15.01 30.80 -42.31
CA TYR A 114 -14.36 31.89 -41.59
C TYR A 114 -13.62 31.35 -40.36
N PRO A 115 -12.44 31.90 -40.04
CA PRO A 115 -11.68 31.38 -38.90
C PRO A 115 -12.27 31.80 -37.58
N TYR A 116 -12.90 30.86 -36.89
CA TYR A 116 -13.42 31.08 -35.56
C TYR A 116 -12.28 31.02 -34.53
N ASP A 117 -12.40 31.85 -33.50
CA ASP A 117 -11.42 31.87 -32.41
C ASP A 117 -12.17 32.08 -31.10
N VAL A 118 -12.55 30.98 -30.46
CA VAL A 118 -13.22 31.05 -29.17
C VAL A 118 -12.19 31.45 -28.13
N PRO A 119 -12.39 32.55 -27.41
CA PRO A 119 -11.38 33.00 -26.43
C PRO A 119 -11.16 32.04 -25.28
N ASP A 120 -12.11 31.16 -25.02
CA ASP A 120 -12.00 30.09 -24.04
C ASP A 120 -12.34 28.77 -24.70
N TYR A 121 -11.66 28.50 -25.82
CA TYR A 121 -11.95 27.37 -26.69
C TYR A 121 -11.94 26.04 -25.95
N ALA A 122 -10.95 25.84 -25.07
CA ALA A 122 -10.90 24.60 -24.29
C ALA A 122 -12.09 24.49 -23.36
N SER A 123 -12.57 25.60 -22.82
CA SER A 123 -13.73 25.57 -21.93
C SER A 123 -14.99 25.17 -22.68
N LEU A 124 -15.23 25.75 -23.85
CA LEU A 124 -16.42 25.39 -24.63
C LEU A 124 -16.33 23.96 -25.14
N ARG A 125 -15.13 23.53 -25.54
CA ARG A 125 -14.93 22.14 -25.95
C ARG A 125 -15.26 21.18 -24.82
N SER A 126 -14.75 21.46 -23.61
CA SER A 126 -15.04 20.60 -22.46
C SER A 126 -16.50 20.67 -22.06
N LEU A 127 -17.14 21.83 -22.19
CA LEU A 127 -18.56 21.97 -21.86
C LEU A 127 -19.43 21.11 -22.76
N VAL A 128 -19.24 21.23 -24.08
CA VAL A 128 -20.11 20.48 -24.97
C VAL A 128 -19.72 19.00 -24.98
N ALA A 129 -18.45 18.69 -24.69
CA ALA A 129 -18.08 17.30 -24.47
C ALA A 129 -18.80 16.73 -23.25
N SER A 130 -18.95 17.53 -22.19
CA SER A 130 -19.70 17.08 -21.02
C SER A 130 -21.17 16.92 -21.34
N SER A 131 -21.74 17.83 -22.13
CA SER A 131 -23.15 17.70 -22.49
C SER A 131 -23.35 16.58 -23.49
N GLY A 132 -22.78 16.73 -24.69
CA GLY A 132 -22.69 15.65 -25.63
C GLY A 132 -23.94 15.33 -26.42
N THR A 133 -25.03 16.05 -26.19
CA THR A 133 -26.28 15.80 -26.90
C THR A 133 -26.63 17.03 -27.71
N LEU A 134 -26.52 16.92 -29.03
CA LEU A 134 -26.75 18.05 -29.92
C LEU A 134 -28.22 18.03 -30.34
N GLU A 135 -29.02 18.92 -29.75
CA GLU A 135 -30.42 19.10 -30.11
C GLU A 135 -30.65 20.59 -30.30
N PHE A 136 -30.39 21.06 -31.51
CA PHE A 136 -30.58 22.47 -31.82
C PHE A 136 -32.04 22.71 -32.11
N LYS A 137 -32.74 23.30 -31.15
CA LYS A 137 -34.18 23.62 -31.32
C LYS A 137 -34.27 25.03 -31.91
N ASN A 138 -34.66 25.12 -33.16
CA ASN A 138 -34.66 26.40 -33.86
C ASN A 138 -35.72 27.31 -33.25
N GLU A 139 -35.27 28.36 -32.55
CA GLU A 139 -36.15 29.22 -31.76
C GLU A 139 -36.41 30.52 -32.50
N SER A 140 -37.68 30.92 -32.54
CA SER A 140 -38.05 32.20 -33.14
C SER A 140 -37.61 33.35 -32.26
N PHE A 141 -37.41 34.52 -32.88
CA PHE A 141 -36.79 35.63 -32.17
C PHE A 141 -37.45 36.95 -32.59
N ASN A 142 -36.85 38.04 -32.15
CA ASN A 142 -37.31 39.43 -32.29
C ASN A 142 -36.31 40.32 -33.01
N TRP A 143 -35.52 39.75 -33.91
CA TRP A 143 -34.54 40.53 -34.66
C TRP A 143 -35.29 41.33 -35.73
N THR A 144 -35.44 42.63 -35.50
CA THR A 144 -36.15 43.51 -36.41
C THR A 144 -35.18 44.58 -36.92
N GLY A 145 -35.19 44.80 -38.23
CA GLY A 145 -34.28 45.77 -38.81
C GLY A 145 -32.88 45.27 -39.05
N VAL A 146 -32.69 43.97 -39.19
CA VAL A 146 -31.38 43.38 -39.43
C VAL A 146 -31.43 42.57 -40.71
N THR A 147 -30.26 42.18 -41.19
CA THR A 147 -30.11 41.37 -42.40
C THR A 147 -29.66 39.98 -41.96
N GLN A 148 -30.61 39.10 -41.70
CA GLN A 148 -30.32 37.74 -41.28
C GLN A 148 -29.81 36.91 -42.45
N ASN A 149 -29.20 35.77 -42.12
CA ASN A 149 -28.69 34.79 -43.09
C ASN A 149 -27.68 35.43 -44.04
N GLY A 150 -26.56 35.86 -43.47
CA GLY A 150 -25.52 36.48 -44.26
C GLY A 150 -24.82 35.49 -45.17
N THR A 151 -24.01 36.04 -46.08
CA THR A 151 -23.27 35.24 -47.04
C THR A 151 -21.79 35.28 -46.70
N SER A 152 -21.21 34.11 -46.45
CA SER A 152 -19.79 34.00 -46.17
C SER A 152 -19.03 33.89 -47.50
N SER A 153 -17.72 33.66 -47.40
CA SER A 153 -16.90 33.44 -48.59
C SER A 153 -16.00 32.23 -48.48
N ALA A 154 -15.94 31.56 -47.33
CA ALA A 154 -15.11 30.38 -47.18
C ALA A 154 -15.87 29.13 -46.75
N CYS A 155 -17.04 29.26 -46.12
CA CYS A 155 -17.95 28.13 -46.05
C CYS A 155 -18.37 27.72 -47.46
N ILE A 156 -18.24 26.42 -47.75
CA ILE A 156 -18.49 25.88 -49.08
C ILE A 156 -19.61 24.85 -48.96
N ARG A 157 -20.83 25.27 -49.26
CA ARG A 157 -21.99 24.37 -49.21
C ARG A 157 -22.90 24.69 -50.38
N GLY A 158 -22.96 23.78 -51.35
CA GLY A 158 -23.83 23.97 -52.49
C GLY A 158 -23.37 25.01 -53.48
N SER A 159 -22.10 25.42 -53.40
CA SER A 159 -21.49 26.45 -54.26
C SER A 159 -22.25 27.77 -54.16
N SER A 160 -22.80 28.06 -52.99
CA SER A 160 -23.54 29.29 -52.75
C SER A 160 -22.86 30.25 -51.80
N SER A 161 -21.86 29.79 -51.05
CA SER A 161 -21.08 30.60 -50.10
C SER A 161 -21.99 31.24 -49.05
N SER A 162 -22.72 30.40 -48.33
CA SER A 162 -23.55 30.84 -47.23
C SER A 162 -22.74 30.88 -45.94
N PHE A 163 -23.35 31.44 -44.90
CA PHE A 163 -22.70 31.54 -43.60
C PHE A 163 -22.82 30.20 -42.85
N PHE A 164 -22.47 30.22 -41.56
CA PHE A 164 -22.81 29.13 -40.66
C PHE A 164 -24.32 28.95 -40.61
N SER A 165 -24.77 27.70 -40.64
CA SER A 165 -26.19 27.42 -40.56
C SER A 165 -26.75 27.77 -39.18
N ARG A 166 -25.94 27.70 -38.13
CA ARG A 166 -26.50 27.81 -36.80
C ARG A 166 -26.37 29.23 -36.23
N LEU A 167 -25.35 29.96 -36.61
CA LEU A 167 -25.20 31.35 -36.22
C LEU A 167 -25.80 32.24 -37.30
N ASN A 168 -26.49 33.28 -36.87
CA ASN A 168 -27.07 34.24 -37.78
C ASN A 168 -26.13 35.44 -37.89
N TRP A 169 -25.75 35.79 -39.13
CA TRP A 169 -24.79 36.86 -39.37
C TRP A 169 -25.55 38.16 -39.55
N LEU A 170 -25.86 38.80 -38.42
CA LEU A 170 -26.67 40.01 -38.44
C LEU A 170 -25.82 41.20 -38.85
N THR A 171 -26.24 41.88 -39.92
CA THR A 171 -25.58 43.09 -40.40
C THR A 171 -26.60 44.21 -40.51
N HIS A 172 -26.21 45.31 -41.15
CA HIS A 172 -27.13 46.42 -41.34
C HIS A 172 -28.26 46.03 -42.29
N LEU A 173 -29.45 46.58 -42.03
CA LEU A 173 -30.57 46.51 -42.94
C LEU A 173 -31.02 47.93 -43.26
N ASN A 174 -31.10 48.25 -44.56
CA ASN A 174 -31.42 49.60 -45.05
C ASN A 174 -30.45 50.63 -44.48
N TYR A 175 -29.17 50.24 -44.38
CA TYR A 175 -28.08 51.07 -43.83
C TYR A 175 -28.38 51.55 -42.42
N THR A 176 -28.94 50.65 -41.60
CA THR A 176 -29.32 50.98 -40.24
C THR A 176 -29.27 49.71 -39.39
N TYR A 177 -28.52 49.77 -38.31
CA TYR A 177 -28.43 48.65 -37.35
C TYR A 177 -29.02 49.10 -36.03
N PRO A 178 -30.27 48.77 -35.73
CA PRO A 178 -30.87 49.19 -34.45
C PRO A 178 -30.24 48.45 -33.27
N ALA A 179 -30.29 49.11 -32.11
CA ALA A 179 -29.78 48.54 -30.88
C ALA A 179 -30.68 47.40 -30.46
N LEU A 180 -30.22 46.17 -30.67
CA LEU A 180 -31.07 45.00 -30.47
C LEU A 180 -31.29 44.75 -28.99
N ASN A 181 -32.51 44.34 -28.65
CA ASN A 181 -32.93 44.19 -27.27
C ASN A 181 -33.76 42.91 -27.11
N VAL A 182 -33.36 41.85 -27.79
CA VAL A 182 -34.19 40.65 -27.86
C VAL A 182 -34.03 39.84 -26.59
N THR A 183 -35.02 38.98 -26.34
CA THR A 183 -34.98 38.09 -25.19
C THR A 183 -35.84 36.86 -25.47
N MET A 184 -35.52 35.76 -24.80
CA MET A 184 -36.30 34.54 -24.87
C MET A 184 -36.31 33.87 -23.50
N PRO A 185 -37.45 33.84 -22.82
CA PRO A 185 -37.50 33.31 -21.45
C PRO A 185 -37.28 31.80 -21.40
N ASN A 186 -36.74 31.36 -20.26
CA ASN A 186 -36.57 29.93 -19.98
C ASN A 186 -37.81 29.44 -19.25
N LYS A 187 -38.87 29.18 -20.02
CA LYS A 187 -40.13 28.69 -19.50
C LYS A 187 -40.24 27.17 -19.56
N GLU A 188 -39.13 26.48 -19.79
CA GLU A 188 -39.10 25.03 -19.93
C GLU A 188 -38.38 24.42 -18.73
N GLN A 189 -38.18 23.09 -18.78
CA GLN A 189 -37.64 22.37 -17.64
C GLN A 189 -36.13 22.19 -17.69
N PHE A 190 -35.52 22.23 -18.86
CA PHE A 190 -34.10 21.97 -18.99
C PHE A 190 -33.34 23.26 -19.25
N ASP A 191 -32.02 23.16 -19.13
CA ASP A 191 -31.14 24.27 -19.46
C ASP A 191 -31.17 24.56 -20.95
N LYS A 192 -30.96 25.82 -21.30
CA LYS A 192 -30.81 26.20 -22.70
C LYS A 192 -29.52 26.98 -22.90
N LEU A 193 -28.58 26.37 -23.62
CA LEU A 193 -27.30 26.96 -23.98
C LEU A 193 -27.45 27.77 -25.26
N TYR A 194 -27.02 29.02 -25.22
CA TYR A 194 -27.07 29.91 -26.37
C TYR A 194 -25.64 30.19 -26.82
N ILE A 195 -25.28 29.68 -28.01
CA ILE A 195 -23.94 29.84 -28.56
C ILE A 195 -24.00 31.04 -29.49
N TRP A 196 -23.47 32.18 -29.04
CA TRP A 196 -23.42 33.38 -29.86
C TRP A 196 -21.98 33.76 -30.13
N GLY A 197 -21.79 34.83 -30.91
CA GLY A 197 -20.47 35.29 -31.25
C GLY A 197 -20.44 36.79 -31.44
N VAL A 198 -19.21 37.31 -31.45
CA VAL A 198 -18.94 38.70 -31.81
C VAL A 198 -17.86 38.71 -32.88
N HIS A 199 -18.03 39.57 -33.88
CA HIS A 199 -17.21 39.59 -35.07
C HIS A 199 -16.08 40.62 -34.92
N HIS A 200 -14.89 40.23 -35.35
CA HIS A 200 -13.70 41.10 -35.29
C HIS A 200 -13.28 41.43 -36.71
N PRO A 201 -13.72 42.57 -37.26
CA PRO A 201 -13.37 42.89 -38.65
C PRO A 201 -11.91 43.29 -38.81
N GLY A 202 -11.46 43.25 -40.06
CA GLY A 202 -10.09 43.62 -40.35
C GLY A 202 -9.83 45.11 -40.20
N THR A 203 -10.73 45.94 -40.73
CA THR A 203 -10.58 47.38 -40.69
C THR A 203 -11.82 48.02 -40.08
N ASP A 204 -11.65 49.25 -39.60
CA ASP A 204 -12.78 50.03 -39.12
C ASP A 204 -13.74 50.36 -40.26
N LYS A 205 -13.21 50.54 -41.47
CA LYS A 205 -14.07 50.73 -42.64
C LYS A 205 -14.90 49.50 -42.93
N ASP A 206 -14.35 48.30 -42.68
CA ASP A 206 -15.11 47.07 -42.85
C ASP A 206 -16.25 46.99 -41.84
N GLN A 207 -16.02 47.38 -40.60
CA GLN A 207 -17.08 47.38 -39.60
C GLN A 207 -18.15 48.42 -39.93
N ILE A 208 -17.72 49.59 -40.42
CA ILE A 208 -18.67 50.64 -40.80
C ILE A 208 -19.55 50.17 -41.96
N PHE A 209 -18.93 49.53 -42.96
CA PHE A 209 -19.68 49.09 -44.13
C PHE A 209 -20.58 47.90 -43.82
N LEU A 210 -20.13 46.98 -42.96
CA LEU A 210 -20.85 45.74 -42.75
C LEU A 210 -21.93 45.84 -41.67
N TYR A 211 -21.54 46.14 -40.43
CA TYR A 211 -22.43 45.93 -39.29
C TYR A 211 -23.20 47.17 -38.88
N ALA A 212 -22.51 48.22 -38.46
CA ALA A 212 -23.16 49.39 -37.89
C ALA A 212 -22.30 50.60 -38.19
N GLN A 213 -22.52 51.69 -37.47
CA GLN A 213 -21.70 52.88 -37.58
C GLN A 213 -20.69 52.91 -36.44
N SER A 214 -19.43 53.18 -36.79
CA SER A 214 -18.28 53.28 -35.86
C SER A 214 -18.12 51.92 -35.18
N SER A 215 -17.89 51.87 -33.87
CA SER A 215 -17.58 50.63 -33.18
C SER A 215 -18.87 49.87 -32.85
N GLY A 216 -18.74 48.84 -32.00
CA GLY A 216 -19.88 48.07 -31.57
C GLY A 216 -19.77 47.68 -30.11
N ARG A 217 -20.88 47.24 -29.56
CA ARG A 217 -20.97 46.92 -28.14
C ARG A 217 -21.96 45.78 -27.95
N ILE A 218 -21.62 44.80 -27.12
CA ILE A 218 -22.52 43.67 -26.83
C ILE A 218 -22.56 43.44 -25.34
N THR A 219 -23.76 43.38 -24.77
CA THR A 219 -23.97 42.97 -23.38
C THR A 219 -24.99 41.84 -23.36
N VAL A 220 -24.52 40.61 -23.22
CA VAL A 220 -25.39 39.45 -23.12
C VAL A 220 -25.46 39.05 -21.65
N SER A 221 -26.67 39.10 -21.08
CA SER A 221 -26.86 38.93 -19.66
C SER A 221 -27.99 37.95 -19.37
N THR A 222 -27.70 36.97 -18.52
CA THR A 222 -28.71 36.15 -17.88
C THR A 222 -29.21 36.95 -16.66
N LYS A 223 -30.28 36.46 -16.02
CA LYS A 223 -30.72 37.08 -14.76
C LYS A 223 -29.63 37.02 -13.69
N ARG A 224 -28.93 35.88 -13.58
CA ARG A 224 -27.98 35.71 -12.49
C ARG A 224 -26.58 36.20 -12.84
N SER A 225 -26.23 36.27 -14.12
CA SER A 225 -24.89 36.66 -14.51
C SER A 225 -24.94 37.40 -15.84
N GLN A 226 -23.88 38.16 -16.11
CA GLN A 226 -23.79 38.95 -17.33
C GLN A 226 -22.46 38.68 -18.01
N GLN A 227 -22.43 38.88 -19.32
CA GLN A 227 -21.23 38.68 -20.13
C GLN A 227 -21.21 39.76 -21.19
N ALA A 228 -20.32 40.73 -21.05
CA ALA A 228 -20.18 41.82 -22.01
C ALA A 228 -18.86 41.68 -22.74
N VAL A 229 -18.84 42.13 -23.99
CA VAL A 229 -17.66 42.04 -24.83
C VAL A 229 -17.60 43.26 -25.74
N ILE A 230 -16.40 43.74 -26.00
CA ILE A 230 -16.13 44.79 -26.98
C ILE A 230 -15.35 44.16 -28.13
N PRO A 231 -15.80 44.30 -29.38
CA PRO A 231 -15.05 43.74 -30.49
C PRO A 231 -13.74 44.47 -30.75
N ASN A 232 -12.75 43.72 -31.22
CA ASN A 232 -11.43 44.23 -31.53
C ASN A 232 -11.27 44.35 -33.03
N ILE A 233 -10.67 45.45 -33.48
CA ILE A 233 -10.52 45.75 -34.90
C ILE A 233 -9.04 45.81 -35.22
N GLY A 234 -8.61 45.01 -36.19
CA GLY A 234 -7.21 44.93 -36.56
C GLY A 234 -7.01 43.94 -37.68
N SER A 235 -5.87 44.07 -38.35
CA SER A 235 -5.59 43.31 -39.56
C SER A 235 -4.90 42.01 -39.17
N ARG A 236 -5.68 40.95 -39.03
CA ARG A 236 -5.15 39.64 -38.70
C ARG A 236 -4.46 39.02 -39.92
N PRO A 237 -3.59 38.04 -39.72
CA PRO A 237 -3.08 37.27 -40.86
C PRO A 237 -4.20 36.54 -41.59
N ARG A 238 -4.08 36.47 -42.90
CA ARG A 238 -5.15 35.93 -43.74
C ARG A 238 -5.13 34.40 -43.70
N ILE A 239 -6.23 33.82 -43.23
CA ILE A 239 -6.48 32.39 -43.38
C ILE A 239 -7.58 32.23 -44.43
N ARG A 240 -7.28 31.44 -45.47
CA ARG A 240 -8.09 31.21 -46.67
C ARG A 240 -8.74 32.48 -47.20
N ASP A 241 -8.01 33.59 -47.22
CA ASP A 241 -8.50 34.89 -47.81
C ASP A 241 -9.44 35.64 -46.87
N ILE A 242 -9.29 35.50 -45.55
CA ILE A 242 -10.10 36.28 -44.64
C ILE A 242 -9.16 37.01 -43.69
N PRO A 243 -9.09 38.35 -43.73
CA PRO A 243 -8.30 39.11 -42.75
C PRO A 243 -9.11 39.47 -41.51
N SER A 244 -9.81 38.49 -40.93
CA SER A 244 -10.72 38.75 -39.84
C SER A 244 -10.86 37.51 -38.98
N ARG A 245 -11.44 37.69 -37.80
CA ARG A 245 -11.71 36.61 -36.87
C ARG A 245 -13.12 36.77 -36.32
N ILE A 246 -13.69 35.64 -35.91
CA ILE A 246 -14.98 35.59 -35.22
C ILE A 246 -14.76 34.87 -33.90
N SER A 247 -15.18 35.48 -32.80
CA SER A 247 -14.99 34.92 -31.47
C SER A 247 -16.34 34.53 -30.87
N ILE A 248 -16.42 33.31 -30.36
CA ILE A 248 -17.67 32.64 -30.03
C ILE A 248 -17.83 32.62 -28.52
N TYR A 249 -19.07 32.80 -28.05
CA TYR A 249 -19.36 32.85 -26.62
C TYR A 249 -20.58 31.99 -26.30
N TRP A 250 -20.67 31.57 -25.04
CA TRP A 250 -21.68 30.64 -24.57
C TRP A 250 -22.34 31.19 -23.29
N THR A 251 -23.66 31.03 -23.21
CA THR A 251 -24.48 31.76 -22.23
C THR A 251 -25.50 30.80 -21.59
N ILE A 252 -25.00 29.74 -20.93
CA ILE A 252 -25.78 28.76 -20.18
C ILE A 252 -26.86 29.41 -19.31
N VAL A 253 -28.11 28.95 -19.44
CA VAL A 253 -29.25 29.55 -18.76
C VAL A 253 -29.95 28.48 -17.93
N LYS A 254 -30.09 28.73 -16.63
CA LYS A 254 -30.78 27.83 -15.72
C LYS A 254 -32.30 27.99 -15.87
N PRO A 255 -33.10 27.00 -15.45
CA PRO A 255 -34.56 27.12 -15.59
C PRO A 255 -35.12 28.27 -14.77
N GLY A 256 -36.05 29.00 -15.39
CA GLY A 256 -36.65 30.17 -14.78
C GLY A 256 -35.93 31.47 -15.04
N ASP A 257 -34.68 31.42 -15.48
CA ASP A 257 -33.91 32.63 -15.75
C ASP A 257 -34.31 33.20 -17.10
N ILE A 258 -33.84 34.42 -17.38
CA ILE A 258 -34.15 35.12 -18.62
C ILE A 258 -32.83 35.46 -19.31
N LEU A 259 -32.71 35.09 -20.57
CA LEU A 259 -31.58 35.47 -21.40
C LEU A 259 -31.94 36.69 -22.21
N LEU A 260 -31.04 37.68 -22.25
CA LEU A 260 -31.33 38.98 -22.85
C LEU A 260 -30.15 39.39 -23.72
N ILE A 261 -30.21 39.05 -25.00
CA ILE A 261 -29.19 39.47 -25.95
C ILE A 261 -29.37 40.97 -26.19
N ASN A 262 -28.50 41.77 -25.60
CA ASN A 262 -28.50 43.22 -25.78
C ASN A 262 -27.23 43.59 -26.51
N SER A 263 -27.35 43.90 -27.79
CA SER A 263 -26.20 44.23 -28.62
C SER A 263 -26.47 45.50 -29.41
N THR A 264 -25.38 46.21 -29.71
CA THR A 264 -25.42 47.40 -30.55
C THR A 264 -24.60 47.24 -31.82
N GLY A 265 -23.57 46.39 -31.80
CA GLY A 265 -22.70 46.22 -32.94
C GLY A 265 -22.59 44.81 -33.46
N ASN A 266 -21.38 44.25 -33.42
CA ASN A 266 -21.06 43.03 -34.17
C ASN A 266 -21.69 41.79 -33.56
N LEU A 267 -23.00 41.63 -33.72
CA LEU A 267 -23.69 40.49 -33.13
C LEU A 267 -23.69 39.32 -34.10
N ILE A 268 -23.24 38.17 -33.64
CA ILE A 268 -23.42 36.90 -34.35
C ILE A 268 -24.32 36.06 -33.45
N ALA A 269 -25.64 36.19 -33.64
CA ALA A 269 -26.64 35.71 -32.71
C ALA A 269 -26.98 34.24 -32.97
N PRO A 270 -27.36 33.49 -31.95
CA PRO A 270 -27.74 32.09 -32.17
C PRO A 270 -29.14 32.00 -32.76
N ARG A 271 -29.29 31.07 -33.71
CA ARG A 271 -30.60 30.82 -34.29
C ARG A 271 -31.49 29.98 -33.38
N GLY A 272 -30.97 29.48 -32.27
CA GLY A 272 -31.72 28.65 -31.37
C GLY A 272 -30.83 28.10 -30.27
N TYR A 273 -31.44 27.59 -29.21
CA TYR A 273 -30.67 27.06 -28.10
C TYR A 273 -30.16 25.65 -28.38
N PHE A 274 -29.08 25.30 -27.71
CA PHE A 274 -28.56 23.93 -27.72
C PHE A 274 -29.00 23.27 -26.43
N LYS A 275 -29.71 22.15 -26.55
CA LYS A 275 -30.07 21.38 -25.37
C LYS A 275 -28.84 20.71 -24.79
N ILE A 276 -28.66 20.80 -23.48
CA ILE A 276 -27.54 20.18 -22.80
C ILE A 276 -28.06 19.21 -21.75
N ARG A 277 -27.39 18.08 -21.63
CA ARG A 277 -27.73 17.05 -20.65
C ARG A 277 -26.45 16.59 -19.98
N SER A 278 -26.45 16.56 -18.64
CA SER A 278 -25.28 16.11 -17.88
C SER A 278 -25.22 14.59 -17.97
N GLY A 279 -24.71 14.11 -19.10
CA GLY A 279 -24.70 12.70 -19.41
C GLY A 279 -23.30 12.15 -19.64
N LYS A 280 -23.26 10.87 -19.96
CA LYS A 280 -22.02 10.12 -20.20
C LYS A 280 -21.49 10.47 -21.59
N SER A 281 -20.78 11.59 -21.68
CA SER A 281 -20.26 12.05 -22.96
C SER A 281 -18.87 12.64 -22.78
N SER A 282 -18.13 12.70 -23.88
CA SER A 282 -16.77 13.24 -23.87
C SER A 282 -16.35 13.59 -25.29
N ILE A 283 -15.13 14.10 -25.41
CA ILE A 283 -14.49 14.35 -26.70
C ILE A 283 -13.11 13.72 -26.65
N MET A 284 -12.55 13.43 -27.83
CA MET A 284 -11.27 12.74 -27.92
C MET A 284 -10.64 13.03 -29.28
N ARG A 285 -9.54 13.77 -29.29
CA ARG A 285 -8.84 14.07 -30.53
C ARG A 285 -8.07 12.82 -30.97
N SER A 286 -8.51 12.21 -32.07
CA SER A 286 -7.96 10.94 -32.51
C SER A 286 -7.80 10.94 -34.02
N ASP A 287 -7.32 9.81 -34.56
CA ASP A 287 -7.19 9.66 -36.01
C ASP A 287 -7.64 8.31 -36.54
N ALA A 288 -7.85 7.30 -35.71
CA ALA A 288 -8.25 5.99 -36.19
C ALA A 288 -9.71 6.00 -36.62
N PRO A 289 -10.06 5.30 -37.71
CA PRO A 289 -11.45 5.33 -38.20
C PRO A 289 -12.40 4.51 -37.35
N ILE A 290 -13.66 4.43 -37.79
CA ILE A 290 -14.74 3.80 -37.02
C ILE A 290 -14.95 2.37 -37.52
N GLY A 291 -15.01 1.42 -36.60
CA GLY A 291 -15.24 0.03 -36.92
C GLY A 291 -16.35 -0.62 -36.11
N LYS A 292 -16.30 -1.94 -35.95
CA LYS A 292 -17.32 -2.70 -35.24
C LYS A 292 -16.67 -3.73 -34.33
N CYS A 293 -16.95 -3.64 -33.03
CA CYS A 293 -16.32 -4.50 -32.03
C CYS A 293 -17.31 -4.71 -30.89
N LYS A 294 -16.80 -5.14 -29.74
CA LYS A 294 -17.54 -5.08 -28.47
C LYS A 294 -16.50 -4.66 -27.42
N SER A 295 -16.42 -3.35 -27.18
CA SER A 295 -15.50 -2.78 -26.20
C SER A 295 -15.94 -1.36 -25.91
N GLU A 296 -16.02 -1.00 -24.63
CA GLU A 296 -16.53 0.30 -24.21
C GLU A 296 -15.43 1.29 -23.84
N CYS A 297 -14.16 0.90 -23.95
CA CYS A 297 -13.04 1.78 -23.65
C CYS A 297 -12.39 2.20 -24.96
N ILE A 298 -12.28 3.50 -25.19
CA ILE A 298 -11.79 4.05 -26.45
C ILE A 298 -10.64 5.00 -26.15
N THR A 299 -9.59 4.91 -26.94
CA THR A 299 -8.33 5.63 -26.80
C THR A 299 -8.01 6.23 -28.16
N PRO A 300 -7.27 7.35 -28.22
CA PRO A 300 -6.91 7.90 -29.54
C PRO A 300 -6.15 6.95 -30.45
N ASN A 301 -5.39 6.00 -29.90
CA ASN A 301 -4.86 4.92 -30.72
C ASN A 301 -5.99 4.05 -31.27
N GLY A 302 -6.97 3.74 -30.43
CA GLY A 302 -8.06 2.86 -30.81
C GLY A 302 -8.66 2.22 -29.58
N SER A 303 -9.77 1.53 -29.81
CA SER A 303 -10.50 0.89 -28.72
C SER A 303 -9.70 -0.28 -28.16
N ILE A 304 -9.40 -0.23 -26.87
CA ILE A 304 -8.65 -1.31 -26.23
C ILE A 304 -9.64 -2.15 -25.44
N PRO A 305 -9.36 -3.42 -25.16
CA PRO A 305 -10.21 -4.19 -24.26
C PRO A 305 -10.16 -3.66 -22.84
N ASN A 306 -11.27 -3.82 -22.12
CA ASN A 306 -11.43 -3.28 -20.78
C ASN A 306 -11.04 -4.27 -19.69
N ASP A 307 -10.53 -5.44 -20.05
CA ASP A 307 -10.23 -6.48 -19.08
C ASP A 307 -8.85 -6.34 -18.46
N LYS A 308 -8.29 -5.12 -18.45
CA LYS A 308 -7.01 -4.85 -17.82
C LYS A 308 -7.19 -3.78 -16.75
N PRO A 309 -6.43 -3.85 -15.65
CA PRO A 309 -6.52 -2.79 -14.65
C PRO A 309 -5.83 -1.51 -15.09
N PHE A 310 -4.69 -1.62 -15.74
CA PHE A 310 -3.88 -0.48 -16.16
C PHE A 310 -3.69 -0.52 -17.68
N GLN A 311 -2.94 0.45 -18.19
CA GLN A 311 -2.68 0.53 -19.62
C GLN A 311 -1.38 1.29 -19.84
N ASN A 312 -0.93 1.28 -21.09
CA ASN A 312 0.12 2.20 -21.53
C ASN A 312 -0.21 2.74 -22.91
N VAL A 313 -1.48 2.72 -23.32
CA VAL A 313 -1.83 3.13 -24.66
C VAL A 313 -1.75 4.64 -24.80
N ASN A 314 -2.57 5.37 -24.04
CA ASN A 314 -2.51 6.83 -24.02
C ASN A 314 -3.15 7.32 -22.73
N ARG A 315 -2.96 8.61 -22.46
CA ARG A 315 -3.54 9.23 -21.27
C ARG A 315 -5.04 9.44 -21.44
N ILE A 316 -5.46 9.90 -22.62
CA ILE A 316 -6.86 10.31 -22.83
C ILE A 316 -7.72 9.07 -23.01
N THR A 317 -8.76 8.95 -22.19
CA THR A 317 -9.65 7.79 -22.20
C THR A 317 -11.10 8.25 -22.22
N TYR A 318 -12.00 7.28 -22.40
CA TYR A 318 -13.44 7.52 -22.31
C TYR A 318 -14.14 6.22 -21.94
N GLY A 319 -14.96 6.27 -20.91
CA GLY A 319 -15.72 5.11 -20.51
C GLY A 319 -15.00 4.25 -19.49
N ALA A 320 -15.44 2.99 -19.41
CA ALA A 320 -14.88 2.02 -18.47
C ALA A 320 -13.50 1.60 -18.99
N CYS A 321 -12.52 2.46 -18.73
CA CYS A 321 -11.17 2.35 -19.24
C CYS A 321 -10.19 2.03 -18.11
N PRO A 322 -9.10 1.31 -18.41
CA PRO A 322 -8.05 1.13 -17.41
C PRO A 322 -7.31 2.43 -17.15
N ARG A 323 -6.66 2.49 -16.00
CA ARG A 323 -5.95 3.71 -15.58
C ARG A 323 -4.59 3.77 -16.25
N TYR A 324 -4.22 4.95 -16.74
CA TYR A 324 -2.94 5.10 -17.43
C TYR A 324 -1.80 5.17 -16.43
N VAL A 325 -0.76 4.37 -16.70
CA VAL A 325 0.47 4.37 -15.91
C VAL A 325 1.64 4.59 -16.85
N LYS A 326 2.77 4.97 -16.27
CA LYS A 326 3.98 5.18 -17.06
C LYS A 326 4.76 3.90 -17.30
N HIS A 327 4.39 2.81 -16.64
CA HIS A 327 5.06 1.54 -16.84
C HIS A 327 4.61 0.88 -18.14
N SER A 328 5.22 -0.25 -18.46
CA SER A 328 4.89 -0.93 -19.69
C SER A 328 4.65 -2.42 -19.50
N THR A 329 5.23 -3.03 -18.46
CA THR A 329 5.24 -4.48 -18.34
C THR A 329 4.98 -4.93 -16.89
N LEU A 330 4.03 -4.30 -16.22
CA LEU A 330 3.57 -4.82 -14.92
C LEU A 330 2.79 -6.10 -15.14
N LYS A 331 3.38 -7.21 -14.74
CA LYS A 331 2.75 -8.52 -14.86
C LYS A 331 2.40 -9.01 -13.46
N LEU A 332 1.13 -9.33 -13.23
CA LEU A 332 0.70 -9.86 -11.96
C LEU A 332 1.14 -11.30 -11.80
N ALA A 333 1.62 -11.65 -10.60
CA ALA A 333 1.97 -13.04 -10.31
C ALA A 333 0.68 -13.82 -10.17
N THR A 334 0.21 -14.37 -11.29
CA THR A 334 -0.99 -15.19 -11.34
C THR A 334 -0.63 -16.67 -11.14
N GLY A 335 0.46 -16.92 -10.42
CA GLY A 335 0.89 -18.26 -10.11
C GLY A 335 1.99 -18.21 -9.08
N MET A 336 2.43 -19.39 -8.67
CA MET A 336 3.47 -19.50 -7.66
C MET A 336 4.84 -19.24 -8.29
N ARG A 337 5.88 -19.25 -7.46
CA ARG A 337 7.24 -18.99 -7.92
C ARG A 337 7.73 -20.12 -8.81
N ASN A 338 8.29 -19.77 -9.96
CA ASN A 338 8.77 -20.76 -10.91
C ASN A 338 10.20 -21.17 -10.59
N VAL A 339 10.42 -22.48 -10.44
CA VAL A 339 11.75 -23.08 -10.35
C VAL A 339 11.81 -24.19 -11.40
N PRO A 340 11.95 -23.82 -12.68
CA PRO A 340 11.53 -24.71 -13.77
C PRO A 340 12.43 -25.91 -14.01
N GLU A 341 13.59 -26.00 -13.38
CA GLU A 341 14.49 -27.12 -13.67
C GLU A 341 13.98 -28.38 -12.97
N GLY B 1 6.90 -12.01 4.21
CA GLY B 1 6.65 -13.15 5.07
C GLY B 1 6.78 -14.47 4.35
N ILE B 2 7.99 -14.75 3.86
CA ILE B 2 8.22 -15.99 3.13
C ILE B 2 8.21 -17.17 4.10
N PHE B 3 7.84 -18.34 3.59
CA PHE B 3 7.83 -19.56 4.38
C PHE B 3 8.96 -20.50 4.03
N GLY B 4 9.69 -20.25 2.95
CA GLY B 4 10.89 -20.99 2.62
C GLY B 4 10.68 -22.45 2.24
N ALA B 5 9.66 -22.74 1.44
CA ALA B 5 9.48 -24.09 0.92
C ALA B 5 9.73 -24.17 -0.57
N ILE B 6 9.01 -23.36 -1.38
CA ILE B 6 9.09 -23.46 -2.83
C ILE B 6 10.44 -22.96 -3.34
N ALA B 7 11.01 -21.96 -2.69
CA ALA B 7 12.39 -21.58 -2.90
C ALA B 7 13.32 -22.20 -1.87
N GLY B 8 12.76 -23.00 -0.95
CA GLY B 8 13.51 -23.60 0.13
C GLY B 8 13.79 -25.07 -0.10
N PHE B 9 12.97 -25.93 0.49
CA PHE B 9 13.22 -27.37 0.48
C PHE B 9 12.37 -28.09 -0.57
N ILE B 10 11.64 -27.37 -1.39
CA ILE B 10 11.05 -27.92 -2.61
C ILE B 10 11.89 -27.31 -3.73
N GLU B 11 12.94 -28.03 -4.13
CA GLU B 11 14.03 -27.40 -4.87
C GLU B 11 13.62 -27.05 -6.30
N ASN B 12 12.96 -27.96 -7.02
CA ASN B 12 12.55 -27.61 -8.37
C ASN B 12 11.09 -27.91 -8.68
N GLY B 13 10.54 -28.96 -8.09
CA GLY B 13 9.22 -29.43 -8.48
C GLY B 13 9.22 -30.02 -9.89
N TRP B 14 8.12 -30.69 -10.20
CA TRP B 14 7.99 -31.45 -11.43
C TRP B 14 6.85 -30.94 -12.28
N GLU B 15 7.12 -30.86 -13.58
CA GLU B 15 6.36 -30.10 -14.56
C GLU B 15 5.33 -30.94 -15.29
N GLY B 16 5.18 -32.20 -14.91
CA GLY B 16 4.16 -33.05 -15.49
C GLY B 16 2.88 -32.99 -14.69
N MET B 17 2.56 -31.82 -14.16
CA MET B 17 1.32 -31.57 -13.43
C MET B 17 0.45 -30.64 -14.26
N VAL B 18 -0.65 -31.17 -14.79
CA VAL B 18 -1.65 -30.38 -15.48
C VAL B 18 -3.01 -30.45 -14.77
N ASP B 19 -3.02 -30.92 -13.53
CA ASP B 19 -4.26 -31.15 -12.79
C ASP B 19 -4.46 -30.17 -11.64
N GLY B 20 -3.65 -29.11 -11.56
CA GLY B 20 -3.83 -28.14 -10.50
C GLY B 20 -2.57 -27.33 -10.27
N TRP B 21 -2.44 -26.85 -9.03
CA TRP B 21 -1.33 -25.99 -8.63
C TRP B 21 -0.43 -26.57 -7.55
N TYR B 22 -0.86 -27.60 -6.85
CA TYR B 22 -0.14 -28.22 -5.75
C TYR B 22 -0.19 -29.73 -5.95
N GLY B 23 0.80 -30.44 -5.39
CA GLY B 23 1.04 -31.82 -5.80
C GLY B 23 1.13 -32.78 -4.63
N PHE B 24 1.05 -34.06 -4.97
CA PHE B 24 1.25 -35.17 -4.05
C PHE B 24 1.86 -36.32 -4.84
N ARG B 25 3.12 -36.64 -4.57
CA ARG B 25 3.77 -37.77 -5.21
C ARG B 25 3.72 -38.98 -4.29
N HIS B 26 4.30 -40.09 -4.76
CA HIS B 26 4.49 -41.27 -3.91
C HIS B 26 5.53 -42.17 -4.54
N GLN B 27 6.03 -43.11 -3.75
CA GLN B 27 6.97 -44.13 -4.18
C GLN B 27 6.48 -45.48 -3.61
N ASN B 28 5.23 -45.78 -3.92
CA ASN B 28 4.62 -47.03 -3.47
C ASN B 28 5.34 -48.23 -4.09
N SER B 29 5.12 -49.40 -3.47
CA SER B 29 5.64 -50.64 -4.03
C SER B 29 5.00 -50.96 -5.37
N GLU B 30 3.75 -50.53 -5.56
CA GLU B 30 3.05 -50.70 -6.84
C GLU B 30 3.32 -49.52 -7.77
N GLY B 31 4.58 -49.18 -7.96
CA GLY B 31 4.95 -48.10 -8.86
C GLY B 31 4.77 -46.72 -8.27
N ARG B 32 5.59 -45.76 -8.68
CA ARG B 32 5.43 -44.39 -8.23
C ARG B 32 4.27 -43.74 -8.98
N GLY B 33 4.05 -42.45 -8.68
CA GLY B 33 3.01 -41.70 -9.35
C GLY B 33 2.89 -40.33 -8.72
N GLN B 34 1.87 -39.60 -9.17
CA GLN B 34 1.59 -38.29 -8.61
C GLN B 34 0.12 -37.94 -8.84
N ALA B 35 -0.39 -37.02 -8.02
CA ALA B 35 -1.75 -36.55 -8.14
C ALA B 35 -1.82 -35.15 -7.53
N ALA B 36 -2.62 -34.28 -8.14
CA ALA B 36 -2.75 -32.92 -7.66
C ALA B 36 -3.80 -32.84 -6.56
N ASP B 37 -3.69 -31.80 -5.72
CA ASP B 37 -4.62 -31.61 -4.63
C ASP B 37 -5.94 -31.05 -5.15
N LEU B 38 -6.97 -31.17 -4.31
CA LEU B 38 -8.30 -30.69 -4.67
C LEU B 38 -8.60 -29.33 -4.06
N LYS B 39 -8.53 -29.22 -2.73
CA LYS B 39 -8.98 -28.01 -2.05
C LYS B 39 -7.90 -26.95 -1.96
N SER B 40 -6.62 -27.34 -1.88
CA SER B 40 -5.55 -26.34 -1.75
C SER B 40 -5.31 -25.61 -3.06
N THR B 41 -5.28 -26.34 -4.17
CA THR B 41 -5.16 -25.72 -5.48
C THR B 41 -6.36 -24.83 -5.76
N GLN B 42 -7.56 -25.30 -5.39
CA GLN B 42 -8.77 -24.50 -5.57
C GLN B 42 -8.75 -23.27 -4.68
N ALA B 43 -8.18 -23.37 -3.49
CA ALA B 43 -8.06 -22.21 -2.61
C ALA B 43 -7.12 -21.18 -3.21
N ALA B 44 -6.00 -21.63 -3.77
CA ALA B 44 -5.07 -20.71 -4.42
C ALA B 44 -5.71 -20.04 -5.65
N ILE B 45 -6.42 -20.82 -6.46
CA ILE B 45 -7.08 -20.25 -7.63
C ILE B 45 -8.20 -19.29 -7.21
N ASP B 46 -8.89 -19.61 -6.12
CA ASP B 46 -9.96 -18.75 -5.63
C ASP B 46 -9.42 -17.42 -5.11
N GLN B 47 -8.29 -17.43 -4.42
CA GLN B 47 -7.76 -16.14 -3.97
C GLN B 47 -7.13 -15.35 -5.13
N ILE B 48 -6.59 -16.04 -6.14
CA ILE B 48 -6.16 -15.33 -7.35
C ILE B 48 -7.35 -14.66 -8.02
N ASN B 49 -8.47 -15.37 -8.16
CA ASN B 49 -9.66 -14.80 -8.76
C ASN B 49 -10.22 -13.67 -7.91
N GLY B 50 -10.14 -13.78 -6.58
CA GLY B 50 -10.56 -12.70 -5.72
C GLY B 50 -9.69 -11.46 -5.86
N LYS B 51 -8.39 -11.67 -6.10
CA LYS B 51 -7.53 -10.55 -6.45
C LYS B 51 -7.94 -9.94 -7.78
N LEU B 52 -8.27 -10.78 -8.76
CA LEU B 52 -8.59 -10.31 -10.11
C LEU B 52 -9.99 -9.70 -10.22
N ASN B 53 -10.85 -9.87 -9.21
CA ASN B 53 -12.17 -9.24 -9.26
C ASN B 53 -12.07 -7.73 -9.19
N ARG B 54 -11.21 -7.20 -8.32
CA ARG B 54 -10.99 -5.77 -8.27
C ARG B 54 -9.98 -5.28 -9.31
N LEU B 55 -9.37 -6.20 -10.05
CA LEU B 55 -8.41 -5.84 -11.10
C LEU B 55 -8.98 -6.02 -12.49
N ILE B 56 -9.48 -7.21 -12.82
CA ILE B 56 -10.11 -7.46 -14.12
C ILE B 56 -11.58 -7.07 -13.98
N GLY B 57 -11.99 -6.06 -14.73
CA GLY B 57 -13.31 -5.49 -14.55
C GLY B 57 -13.32 -4.48 -13.42
N LYS B 58 -14.53 -3.97 -13.14
CA LYS B 58 -14.79 -2.97 -12.10
C LYS B 58 -13.95 -1.71 -12.31
N THR B 59 -13.77 -1.34 -13.57
CA THR B 59 -13.04 -0.13 -13.92
C THR B 59 -13.98 1.07 -13.82
N ASN B 60 -13.52 2.14 -13.17
CA ASN B 60 -14.37 3.27 -12.89
C ASN B 60 -14.67 4.03 -14.18
N GLU B 61 -15.97 4.23 -14.45
CA GLU B 61 -16.42 4.85 -15.70
C GLU B 61 -16.20 6.36 -15.62
N LYS B 62 -14.96 6.75 -15.90
CA LYS B 62 -14.60 8.17 -15.94
C LYS B 62 -14.85 8.67 -17.35
N PHE B 63 -15.99 9.33 -17.55
CA PHE B 63 -16.40 9.67 -18.92
C PHE B 63 -15.69 10.94 -19.40
N HIS B 64 -15.92 12.07 -18.75
CA HIS B 64 -15.35 13.34 -19.16
C HIS B 64 -14.27 13.75 -18.18
N GLN B 65 -13.05 13.97 -18.70
CA GLN B 65 -11.92 14.41 -17.91
C GLN B 65 -11.31 15.66 -18.54
N ILE B 66 -10.15 16.09 -18.06
CA ILE B 66 -9.51 17.28 -18.59
C ILE B 66 -8.67 16.88 -19.80
N GLU B 67 -8.33 17.86 -20.63
CA GLU B 67 -7.49 17.59 -21.80
C GLU B 67 -6.06 17.30 -21.35
N LYS B 68 -5.55 16.14 -21.75
CA LYS B 68 -4.26 15.65 -21.28
C LYS B 68 -3.14 15.82 -22.30
N GLU B 69 -3.43 16.42 -23.45
CA GLU B 69 -2.41 16.73 -24.44
C GLU B 69 -2.61 18.17 -24.92
N PHE B 70 -1.51 18.81 -25.27
CA PHE B 70 -1.55 20.22 -25.67
C PHE B 70 -0.66 20.43 -26.88
N SER B 71 -1.06 21.36 -27.73
CA SER B 71 -0.29 21.76 -28.90
C SER B 71 0.48 23.05 -28.68
N GLU B 72 -0.21 24.11 -28.26
CA GLU B 72 0.43 25.38 -27.96
C GLU B 72 0.79 25.45 -26.48
N VAL B 73 1.43 26.54 -26.08
CA VAL B 73 1.75 26.79 -24.69
C VAL B 73 0.98 28.03 -24.22
N GLU B 74 0.32 27.90 -23.06
CA GLU B 74 -0.50 28.97 -22.51
C GLU B 74 0.02 29.51 -21.18
N GLY B 75 0.65 28.68 -20.36
CA GLY B 75 1.21 29.16 -19.12
C GLY B 75 0.56 28.60 -17.88
N ARG B 76 0.05 29.49 -17.02
CA ARG B 76 -0.40 29.16 -15.67
C ARG B 76 -1.53 28.14 -15.64
N VAL B 77 -2.52 28.30 -16.50
CA VAL B 77 -3.65 27.37 -16.51
C VAL B 77 -3.24 26.05 -17.17
N GLN B 78 -2.29 26.12 -18.11
CA GLN B 78 -1.91 24.91 -18.84
C GLN B 78 -0.95 24.05 -18.02
N ASP B 79 0.08 24.66 -17.44
CA ASP B 79 1.05 23.86 -16.70
C ASP B 79 0.48 23.35 -15.38
N LEU B 80 -0.56 23.99 -14.85
CA LEU B 80 -1.27 23.41 -13.72
C LEU B 80 -2.00 22.13 -14.12
N GLU B 81 -2.61 22.13 -15.32
CA GLU B 81 -3.26 20.92 -15.81
C GLU B 81 -2.23 19.83 -16.09
N LYS B 82 -1.09 20.20 -16.67
CA LYS B 82 -0.02 19.24 -16.89
C LYS B 82 0.53 18.71 -15.56
N TYR B 83 0.63 19.59 -14.56
CA TYR B 83 1.14 19.18 -13.26
C TYR B 83 0.18 18.24 -12.56
N VAL B 84 -1.13 18.54 -12.59
CA VAL B 84 -2.08 17.67 -11.90
C VAL B 84 -2.20 16.34 -12.62
N GLU B 85 -2.12 16.34 -13.96
CA GLU B 85 -2.20 15.07 -14.68
C GLU B 85 -0.92 14.26 -14.50
N ASP B 86 0.23 14.93 -14.44
CA ASP B 86 1.49 14.22 -14.24
C ASP B 86 1.59 13.68 -12.82
N THR B 87 1.10 14.43 -11.83
CA THR B 87 1.11 13.93 -10.46
C THR B 87 0.11 12.80 -10.28
N LYS B 88 -1.04 12.87 -10.96
CA LYS B 88 -1.98 11.76 -10.96
C LYS B 88 -1.37 10.53 -11.60
N ILE B 89 -0.66 10.71 -12.71
CA ILE B 89 -0.04 9.58 -13.41
C ILE B 89 1.09 8.99 -12.57
N ASP B 90 1.90 9.85 -11.93
CA ASP B 90 2.97 9.36 -11.07
C ASP B 90 2.43 8.65 -9.84
N LEU B 91 1.37 9.20 -9.23
CA LEU B 91 0.75 8.56 -8.08
C LEU B 91 0.12 7.24 -8.47
N TRP B 92 -0.55 7.19 -9.62
CA TRP B 92 -1.19 5.95 -10.05
C TRP B 92 -0.19 4.93 -10.56
N SER B 93 0.92 5.37 -11.14
CA SER B 93 1.96 4.44 -11.57
C SER B 93 2.72 3.90 -10.37
N TYR B 94 2.97 4.73 -9.36
CA TYR B 94 3.53 4.23 -8.11
C TYR B 94 2.55 3.30 -7.43
N ASN B 95 1.25 3.62 -7.49
CA ASN B 95 0.23 2.75 -6.92
C ASN B 95 0.18 1.41 -7.64
N ALA B 96 0.31 1.43 -8.97
CA ALA B 96 0.28 0.19 -9.74
C ALA B 96 1.53 -0.65 -9.48
N GLU B 97 2.71 -0.01 -9.49
CA GLU B 97 3.95 -0.73 -9.20
C GLU B 97 3.96 -1.25 -7.77
N LEU B 98 3.51 -0.44 -6.81
CA LEU B 98 3.43 -0.88 -5.43
C LEU B 98 2.42 -2.00 -5.26
N LEU B 99 1.26 -1.90 -5.92
CA LEU B 99 0.24 -2.92 -5.83
C LEU B 99 0.75 -4.24 -6.38
N VAL B 100 1.40 -4.20 -7.55
CA VAL B 100 2.00 -5.40 -8.13
C VAL B 100 3.06 -5.98 -7.19
N ALA B 101 3.86 -5.11 -6.58
CA ALA B 101 4.89 -5.59 -5.66
C ALA B 101 4.29 -6.29 -4.44
N LEU B 102 3.32 -5.64 -3.78
CA LEU B 102 2.72 -6.23 -2.58
C LEU B 102 1.98 -7.52 -2.89
N GLU B 103 1.16 -7.55 -3.94
CA GLU B 103 0.39 -8.77 -4.12
C GLU B 103 1.13 -9.85 -4.91
N ASN B 104 2.21 -9.52 -5.63
CA ASN B 104 3.11 -10.57 -6.09
C ASN B 104 3.87 -11.18 -4.92
N GLN B 105 4.32 -10.35 -3.97
CA GLN B 105 4.93 -10.87 -2.76
C GLN B 105 3.94 -11.71 -1.96
N HIS B 106 2.69 -11.27 -1.89
CA HIS B 106 1.67 -12.00 -1.16
C HIS B 106 1.31 -13.30 -1.86
N THR B 107 1.30 -13.31 -3.20
CA THR B 107 1.06 -14.53 -3.94
C THR B 107 2.18 -15.53 -3.74
N ILE B 108 3.43 -15.05 -3.70
CA ILE B 108 4.55 -15.95 -3.41
C ILE B 108 4.48 -16.44 -1.96
N ASP B 109 4.04 -15.59 -1.03
CA ASP B 109 4.03 -15.96 0.39
C ASP B 109 2.91 -16.95 0.70
N LEU B 110 1.71 -16.75 0.14
CA LEU B 110 0.63 -17.66 0.49
C LEU B 110 0.75 -18.99 -0.24
N THR B 111 1.27 -18.98 -1.47
CA THR B 111 1.56 -20.21 -2.21
C THR B 111 2.89 -20.80 -1.73
N ASP B 112 2.95 -21.04 -0.43
CA ASP B 112 4.16 -21.46 0.25
C ASP B 112 3.75 -22.15 1.53
N SER B 113 4.49 -23.19 1.90
CA SER B 113 4.21 -24.08 3.04
C SER B 113 2.81 -24.67 2.84
N GLU B 114 1.98 -24.69 3.90
CA GLU B 114 0.72 -25.43 4.01
C GLU B 114 0.91 -26.94 3.89
N MET B 115 2.15 -27.41 3.92
CA MET B 115 2.55 -28.78 4.18
C MET B 115 2.25 -29.20 5.61
N ASN B 116 2.04 -28.23 6.50
CA ASN B 116 1.85 -28.52 7.92
C ASN B 116 0.59 -29.33 8.18
N LYS B 117 -0.45 -29.16 7.34
CA LYS B 117 -1.64 -30.00 7.46
C LYS B 117 -1.29 -31.46 7.19
N LEU B 118 -0.51 -31.72 6.14
CA LEU B 118 -0.05 -33.08 5.87
C LEU B 118 0.91 -33.57 6.93
N PHE B 119 1.72 -32.66 7.49
CA PHE B 119 2.67 -33.01 8.54
C PHE B 119 1.94 -33.50 9.78
N GLU B 120 0.93 -32.75 10.21
CA GLU B 120 0.16 -33.12 11.39
C GLU B 120 -0.76 -34.32 11.13
N LYS B 121 -1.25 -34.45 9.90
CA LYS B 121 -2.07 -35.62 9.54
C LYS B 121 -1.25 -36.90 9.57
N THR B 122 -0.03 -36.86 9.04
CA THR B 122 0.84 -38.03 9.05
C THR B 122 1.44 -38.27 10.43
N LYS B 123 1.49 -37.22 11.27
CA LYS B 123 2.27 -37.21 12.51
C LYS B 123 1.94 -38.35 13.45
N LYS B 124 0.66 -38.50 13.80
CA LYS B 124 0.29 -39.39 14.90
C LYS B 124 0.51 -40.86 14.56
N GLN B 125 0.45 -41.19 13.27
CA GLN B 125 0.75 -42.59 12.84
C GLN B 125 2.24 -42.70 12.49
N LEU B 126 2.96 -41.58 12.46
CA LEU B 126 4.43 -41.60 12.16
C LEU B 126 5.20 -41.20 13.41
N ARG B 127 4.71 -41.61 14.59
CA ARG B 127 5.39 -41.27 15.87
C ARG B 127 6.20 -42.47 16.37
N GLU B 128 5.73 -43.68 16.10
CA GLU B 128 6.38 -44.84 16.69
C GLU B 128 7.05 -45.74 15.65
N ASN B 129 6.75 -45.56 14.36
CA ASN B 129 7.38 -46.34 13.30
C ASN B 129 8.56 -45.55 12.75
N ALA B 130 9.68 -45.62 13.47
CA ALA B 130 10.97 -45.03 13.08
C ALA B 130 10.88 -43.51 12.86
N GLU B 131 10.04 -42.85 13.65
CA GLU B 131 9.92 -41.39 13.75
C GLU B 131 9.49 -40.83 12.39
N ASP B 132 9.96 -39.64 12.01
CA ASP B 132 9.29 -38.81 11.02
C ASP B 132 10.29 -38.22 10.02
N MET B 133 9.75 -37.43 9.10
CA MET B 133 10.52 -36.63 8.15
C MET B 133 9.93 -35.23 8.09
N GLY B 134 10.79 -34.23 8.03
CA GLY B 134 10.33 -32.85 8.12
C GLY B 134 10.32 -32.08 6.81
N ASN B 135 10.94 -32.64 5.78
CA ASN B 135 11.03 -31.96 4.49
C ASN B 135 9.72 -32.12 3.72
N GLY B 136 9.75 -31.77 2.43
CA GLY B 136 8.63 -32.03 1.55
C GLY B 136 8.75 -33.40 0.91
N CYS B 137 9.60 -34.24 1.48
CA CYS B 137 9.95 -35.56 1.00
C CYS B 137 9.73 -36.60 2.09
N PHE B 138 8.51 -36.60 2.65
CA PHE B 138 8.10 -37.45 3.76
C PHE B 138 8.50 -38.91 3.58
N LYS B 139 9.32 -39.40 4.49
CA LYS B 139 9.60 -40.82 4.60
C LYS B 139 8.51 -41.40 5.50
N ILE B 140 7.37 -41.73 4.89
CA ILE B 140 6.23 -42.29 5.62
C ILE B 140 6.53 -43.76 5.85
N TYR B 141 6.98 -44.14 7.05
CA TYR B 141 7.37 -45.52 7.28
C TYR B 141 6.19 -46.47 7.37
N HIS B 142 4.95 -45.97 7.30
CA HIS B 142 3.79 -46.84 7.17
C HIS B 142 3.85 -47.56 5.83
N LYS B 143 4.19 -48.87 5.88
CA LYS B 143 4.23 -49.67 4.63
C LYS B 143 2.82 -49.76 4.06
N CYS B 144 2.48 -48.91 3.10
CA CYS B 144 1.13 -48.86 2.59
C CYS B 144 1.13 -48.63 1.07
N ASP B 145 0.05 -49.06 0.44
CA ASP B 145 -0.09 -49.11 -1.01
C ASP B 145 -0.73 -47.83 -1.52
N ASN B 146 -1.21 -47.85 -2.77
CA ASN B 146 -1.80 -46.66 -3.39
C ASN B 146 -3.09 -46.22 -2.69
N ALA B 147 -3.82 -47.15 -2.05
CA ALA B 147 -5.01 -46.77 -1.30
C ALA B 147 -4.64 -45.94 -0.07
N CYS B 148 -3.49 -46.21 0.53
CA CYS B 148 -2.98 -45.38 1.62
C CYS B 148 -2.70 -43.95 1.14
N ILE B 149 -2.10 -43.80 -0.04
CA ILE B 149 -1.87 -42.46 -0.58
C ILE B 149 -3.20 -41.80 -0.95
N GLU B 150 -4.18 -42.60 -1.37
CA GLU B 150 -5.52 -42.07 -1.59
C GLU B 150 -6.11 -41.54 -0.29
N SER B 151 -5.85 -42.21 0.82
CA SER B 151 -6.31 -41.72 2.12
C SER B 151 -5.54 -40.48 2.56
N ILE B 152 -4.24 -40.41 2.23
CA ILE B 152 -3.44 -39.23 2.53
C ILE B 152 -3.96 -38.00 1.80
N ARG B 153 -4.19 -38.15 0.49
CA ARG B 153 -4.74 -37.05 -0.30
C ARG B 153 -6.22 -36.81 -0.01
N ASN B 154 -6.90 -37.80 0.57
CA ASN B 154 -8.35 -37.77 0.76
C ASN B 154 -8.76 -37.28 2.13
N GLU B 155 -7.81 -36.78 2.94
CA GLU B 155 -8.01 -36.19 4.27
C GLU B 155 -8.80 -37.09 5.24
N THR B 156 -8.91 -38.39 4.93
CA THR B 156 -9.61 -39.36 5.77
C THR B 156 -8.67 -40.55 5.95
N TYR B 157 -7.84 -40.49 7.00
CA TYR B 157 -6.77 -41.46 7.18
C TYR B 157 -6.73 -41.91 8.64
N ASP B 158 -7.14 -43.16 8.88
CA ASP B 158 -7.01 -43.75 10.20
C ASP B 158 -5.56 -44.08 10.48
N HIS B 159 -5.22 -44.14 11.77
CA HIS B 159 -3.83 -44.14 12.20
C HIS B 159 -3.47 -45.50 12.79
N ASN B 160 -3.04 -46.40 11.91
CA ASN B 160 -2.53 -47.71 12.31
C ASN B 160 -1.02 -47.59 12.48
N VAL B 161 -0.62 -47.05 13.63
CA VAL B 161 0.79 -46.84 13.89
C VAL B 161 1.48 -48.19 14.12
N TYR B 162 2.67 -48.33 13.57
CA TYR B 162 3.28 -49.63 13.36
C TYR B 162 4.18 -49.91 14.57
N ARG B 163 3.93 -51.04 15.25
CA ARG B 163 4.38 -51.19 16.63
C ARG B 163 5.87 -51.53 16.72
N ASP B 164 6.28 -52.69 16.20
CA ASP B 164 7.62 -53.20 16.39
C ASP B 164 8.44 -52.99 15.12
N GLU B 165 9.70 -53.43 15.17
CA GLU B 165 10.69 -53.29 14.10
C GLU B 165 10.80 -51.84 13.64
N ALA B 166 10.99 -50.95 14.62
CA ALA B 166 11.10 -49.53 14.34
C ALA B 166 12.17 -48.93 15.24
N LEU B 167 12.81 -47.87 14.74
CA LEU B 167 13.95 -47.23 15.40
C LEU B 167 15.06 -48.23 15.71
N ASN B 168 15.35 -49.08 14.73
CA ASN B 168 16.38 -50.13 14.82
C ASN B 168 16.15 -51.06 16.00
N GLN C 17 -13.98 -27.76 19.38
CA GLN C 17 -12.98 -28.82 19.48
C GLN C 17 -13.60 -30.07 20.08
N LYS C 18 -13.68 -31.13 19.29
CA LYS C 18 -14.24 -32.40 19.76
C LYS C 18 -13.25 -33.06 20.72
N ILE C 19 -13.47 -32.87 22.01
CA ILE C 19 -12.61 -33.40 23.07
C ILE C 19 -13.10 -34.79 23.42
N PRO C 20 -12.22 -35.79 23.51
CA PRO C 20 -12.66 -37.15 23.86
C PRO C 20 -13.18 -37.23 25.28
N GLY C 21 -14.03 -38.23 25.51
CA GLY C 21 -14.71 -38.39 26.78
C GLY C 21 -13.77 -38.71 27.92
N ASN C 22 -14.30 -38.55 29.13
CA ASN C 22 -13.48 -38.64 30.35
C ASN C 22 -12.99 -40.07 30.60
N ASP C 23 -13.79 -41.08 30.23
CA ASP C 23 -13.36 -42.46 30.38
C ASP C 23 -12.18 -42.74 29.46
N ASN C 24 -11.15 -43.38 30.02
CA ASN C 24 -9.88 -43.77 29.39
C ASN C 24 -9.02 -42.56 29.01
N SER C 25 -9.50 -41.35 29.26
CA SER C 25 -8.69 -40.14 29.14
C SER C 25 -8.13 -39.73 30.51
N THR C 26 -7.48 -40.67 31.18
CA THR C 26 -6.81 -40.36 32.44
C THR C 26 -5.53 -39.57 32.23
N ALA C 27 -5.06 -39.43 30.99
CA ALA C 27 -3.89 -38.62 30.69
C ALA C 27 -4.09 -38.02 29.29
N THR C 28 -4.71 -36.83 29.25
CA THR C 28 -5.02 -36.12 28.01
C THR C 28 -5.45 -34.69 28.32
N LEU C 29 -4.87 -33.71 27.60
CA LEU C 29 -5.26 -32.31 27.74
C LEU C 29 -5.65 -31.76 26.36
N CYS C 30 -5.81 -30.44 26.23
CA CYS C 30 -6.31 -29.89 24.98
C CYS C 30 -5.80 -28.47 24.78
N LEU C 31 -6.32 -27.83 23.73
CA LEU C 31 -6.04 -26.43 23.41
C LEU C 31 -7.07 -25.98 22.38
N GLY C 32 -7.46 -24.71 22.43
CA GLY C 32 -8.34 -24.13 21.43
C GLY C 32 -7.92 -22.72 21.08
N HIS C 33 -8.66 -22.02 20.21
CA HIS C 33 -8.20 -20.68 19.87
C HIS C 33 -9.24 -19.58 20.13
N HIS C 34 -10.45 -19.67 19.54
CA HIS C 34 -11.38 -18.54 19.47
C HIS C 34 -12.74 -18.87 18.84
N ALA C 35 -13.80 -18.14 19.22
CA ALA C 35 -15.09 -18.05 18.51
C ALA C 35 -15.99 -17.03 19.21
N VAL C 36 -16.93 -16.47 18.44
CA VAL C 36 -18.09 -15.74 18.98
C VAL C 36 -19.20 -15.66 17.93
N PRO C 37 -20.46 -15.95 18.30
CA PRO C 37 -21.54 -16.04 17.30
C PRO C 37 -22.22 -14.71 17.00
N ASN C 38 -21.47 -13.77 16.42
CA ASN C 38 -22.08 -12.52 15.99
C ASN C 38 -21.99 -12.33 14.47
N GLY C 39 -20.80 -12.38 13.91
CA GLY C 39 -20.63 -12.29 12.47
C GLY C 39 -20.59 -10.87 11.95
N THR C 40 -19.53 -10.51 11.24
CA THR C 40 -19.42 -9.19 10.61
C THR C 40 -18.59 -9.35 9.35
N ILE C 41 -19.15 -8.94 8.21
CA ILE C 41 -18.54 -9.16 6.91
C ILE C 41 -17.58 -8.02 6.60
N VAL C 42 -16.32 -8.38 6.30
CA VAL C 42 -15.29 -7.42 5.94
C VAL C 42 -14.64 -7.87 4.64
N LYS C 43 -13.94 -6.94 4.01
CA LYS C 43 -13.27 -7.19 2.74
C LYS C 43 -11.76 -7.25 2.96
N THR C 44 -11.11 -8.25 2.38
CA THR C 44 -9.66 -8.40 2.44
C THR C 44 -9.08 -8.32 1.03
N ILE C 45 -7.78 -8.57 0.92
CA ILE C 45 -7.12 -8.54 -0.38
C ILE C 45 -7.34 -9.80 -1.19
N CYS C 46 -7.85 -10.87 -0.57
CA CYS C 46 -8.15 -12.12 -1.26
C CYS C 46 -9.64 -12.38 -1.39
N ASN C 47 -10.40 -12.18 -0.32
CA ASN C 47 -11.84 -12.42 -0.32
C ASN C 47 -12.58 -11.13 0.03
N ASP C 48 -13.73 -10.94 -0.59
CA ASP C 48 -14.56 -9.78 -0.33
C ASP C 48 -15.73 -10.07 0.59
N ARG C 49 -15.88 -11.31 1.05
CA ARG C 49 -17.00 -11.70 1.91
C ARG C 49 -16.51 -12.57 3.06
N ILE C 50 -15.44 -12.15 3.72
CA ILE C 50 -14.92 -12.88 4.87
C ILE C 50 -15.55 -12.29 6.13
N GLU C 51 -15.63 -13.10 7.17
CA GLU C 51 -16.39 -12.78 8.37
C GLU C 51 -15.47 -12.72 9.57
N VAL C 52 -15.59 -11.66 10.37
CA VAL C 52 -14.76 -11.44 11.54
C VAL C 52 -15.63 -11.30 12.78
N THR C 53 -14.97 -11.38 13.94
CA THR C 53 -15.68 -11.25 15.22
C THR C 53 -16.15 -9.83 15.45
N ASN C 54 -15.22 -8.88 15.47
CA ASN C 54 -15.53 -7.48 15.65
C ASN C 54 -15.01 -6.68 14.46
N ALA C 55 -15.63 -5.53 14.23
CA ALA C 55 -15.22 -4.65 13.14
C ALA C 55 -15.72 -3.25 13.44
N THR C 56 -14.80 -2.29 13.55
CA THR C 56 -15.19 -0.90 13.70
C THR C 56 -15.40 -0.28 12.33
N GLU C 57 -16.59 0.29 12.14
CA GLU C 57 -16.95 0.92 10.87
C GLU C 57 -16.09 2.15 10.65
N LEU C 58 -15.16 2.08 9.70
CA LEU C 58 -14.23 3.18 9.49
C LEU C 58 -14.86 4.38 8.80
N VAL C 59 -15.99 4.20 8.13
CA VAL C 59 -16.60 5.24 7.33
C VAL C 59 -17.83 5.74 8.06
N GLN C 60 -17.85 7.03 8.40
CA GLN C 60 -18.98 7.65 9.08
C GLN C 60 -20.19 7.65 8.14
N ASN C 61 -21.15 6.77 8.41
CA ASN C 61 -22.26 6.59 7.49
C ASN C 61 -23.22 7.77 7.52
N SER C 62 -23.57 8.25 8.70
CA SER C 62 -24.55 9.31 8.84
C SER C 62 -24.11 10.32 9.88
N SER C 63 -24.64 11.53 9.75
CA SER C 63 -24.36 12.63 10.66
C SER C 63 -25.39 12.64 11.79
N ILE C 64 -25.39 13.72 12.57
CA ILE C 64 -26.42 13.94 13.58
C ILE C 64 -27.43 14.98 13.14
N GLY C 65 -27.16 15.75 12.09
CA GLY C 65 -28.14 16.61 11.48
C GLY C 65 -28.10 18.06 11.89
N GLU C 66 -27.17 18.46 12.77
CA GLU C 66 -27.08 19.85 13.19
C GLU C 66 -25.63 20.29 13.23
N ILE C 67 -25.42 21.60 13.11
CA ILE C 67 -24.09 22.20 13.13
C ILE C 67 -23.88 22.68 14.57
N CYS C 68 -23.26 21.85 15.39
CA CYS C 68 -23.03 22.19 16.79
C CYS C 68 -21.63 22.75 16.98
N ASP C 69 -21.54 23.89 17.66
CA ASP C 69 -20.42 24.81 17.51
C ASP C 69 -19.64 25.09 18.79
N SER C 70 -19.33 24.06 19.58
CA SER C 70 -18.50 24.34 20.75
C SER C 70 -17.00 24.48 20.44
N PRO C 71 -16.32 23.60 19.63
CA PRO C 71 -14.89 23.83 19.42
C PRO C 71 -14.59 24.98 18.48
N HIS C 72 -15.35 25.07 17.39
CA HIS C 72 -15.16 26.12 16.39
C HIS C 72 -16.27 27.15 16.53
N GLN C 73 -15.88 28.42 16.57
CA GLN C 73 -16.86 29.52 16.62
C GLN C 73 -17.51 29.63 15.25
N ILE C 74 -18.71 29.09 15.12
CA ILE C 74 -19.37 28.93 13.83
C ILE C 74 -20.42 30.04 13.70
N LEU C 75 -20.21 30.92 12.72
CA LEU C 75 -21.23 31.90 12.37
C LEU C 75 -22.29 31.25 11.50
N ASP C 76 -23.55 31.58 11.76
CA ASP C 76 -24.67 30.96 11.07
C ASP C 76 -25.42 32.03 10.29
N GLY C 77 -25.13 32.13 9.01
CA GLY C 77 -25.74 33.14 8.16
C GLY C 77 -27.13 32.79 7.68
N GLU C 78 -28.12 32.91 8.55
CA GLU C 78 -29.49 32.63 8.15
C GLU C 78 -29.99 33.74 7.21
N ASN C 79 -30.57 33.33 6.09
CA ASN C 79 -31.10 34.20 5.04
C ASN C 79 -30.06 35.18 4.48
N CYS C 80 -28.76 34.91 4.67
CA CYS C 80 -27.71 35.85 4.29
C CYS C 80 -26.49 35.07 3.84
N THR C 81 -25.90 35.49 2.73
CA THR C 81 -24.63 34.94 2.28
C THR C 81 -23.47 35.72 2.89
N LEU C 82 -22.28 35.13 2.82
CA LEU C 82 -21.09 35.77 3.38
C LEU C 82 -20.72 37.02 2.60
N ILE C 83 -20.87 37.00 1.27
CA ILE C 83 -20.56 38.19 0.49
C ILE C 83 -21.56 39.30 0.78
N ASP C 84 -22.79 38.94 1.15
CA ASP C 84 -23.71 39.94 1.70
C ASP C 84 -23.20 40.48 3.03
N ALA C 85 -22.61 39.61 3.87
CA ALA C 85 -22.13 40.03 5.18
C ALA C 85 -20.99 41.03 5.07
N LEU C 86 -20.07 40.83 4.13
CA LEU C 86 -19.07 41.86 3.85
C LEU C 86 -19.69 43.11 3.28
N LEU C 87 -20.53 42.96 2.25
CA LEU C 87 -21.06 44.12 1.56
C LEU C 87 -22.35 44.61 2.22
N GLY C 88 -22.31 44.82 3.54
CA GLY C 88 -23.37 45.45 4.30
C GLY C 88 -24.78 44.98 4.06
N ASP C 89 -25.08 43.74 4.39
CA ASP C 89 -26.42 43.22 4.17
C ASP C 89 -27.39 43.86 5.15
N PRO C 90 -28.44 44.53 4.68
CA PRO C 90 -29.48 45.00 5.60
C PRO C 90 -30.28 43.86 6.20
N GLN C 91 -30.30 42.69 5.56
CA GLN C 91 -30.96 41.52 6.12
C GLN C 91 -30.19 41.01 7.34
N CYS C 92 -28.86 41.13 7.33
CA CYS C 92 -28.03 40.73 8.48
C CYS C 92 -27.10 41.89 8.82
N ASP C 93 -27.61 42.82 9.63
CA ASP C 93 -26.79 43.87 10.21
C ASP C 93 -26.22 43.47 11.56
N GLY C 94 -26.58 42.28 12.06
CA GLY C 94 -26.04 41.75 13.28
C GLY C 94 -24.80 40.90 13.12
N PHE C 95 -24.20 40.90 11.93
CA PHE C 95 -22.97 40.17 11.68
C PHE C 95 -21.76 41.09 11.53
N GLN C 96 -21.94 42.38 11.67
CA GLN C 96 -20.84 43.31 11.46
C GLN C 96 -19.89 43.31 12.65
N ASN C 97 -18.59 43.42 12.34
CA ASN C 97 -17.50 43.37 13.32
C ASN C 97 -17.53 42.05 14.11
N LYS C 98 -17.88 40.96 13.43
CA LYS C 98 -18.02 39.66 14.06
C LYS C 98 -17.04 38.68 13.41
N LYS C 99 -16.10 38.17 14.20
CA LYS C 99 -15.20 37.14 13.74
C LYS C 99 -15.91 35.80 13.70
N TRP C 100 -15.31 34.86 12.98
CA TRP C 100 -15.85 33.51 12.92
C TRP C 100 -14.72 32.52 12.66
N ASP C 101 -14.97 31.26 12.97
CA ASP C 101 -14.08 30.20 12.56
C ASP C 101 -14.64 29.38 11.41
N LEU C 102 -15.95 29.27 11.29
CA LEU C 102 -16.57 28.64 10.13
C LEU C 102 -17.86 29.35 9.80
N PHE C 103 -17.97 29.88 8.58
CA PHE C 103 -19.22 30.44 8.10
C PHE C 103 -20.01 29.36 7.39
N VAL C 104 -21.30 29.25 7.72
CA VAL C 104 -22.22 28.38 7.01
C VAL C 104 -23.23 29.24 6.27
N GLU C 105 -23.42 28.97 4.99
CA GLU C 105 -24.36 29.70 4.14
C GLU C 105 -25.61 28.87 3.97
N ARG C 106 -26.76 29.48 4.25
CA ARG C 106 -28.02 28.75 4.21
C ARG C 106 -28.45 28.50 2.77
N SER C 107 -29.21 27.42 2.57
CA SER C 107 -29.74 27.11 1.26
C SER C 107 -30.87 28.05 0.85
N LYS C 108 -31.54 28.67 1.82
CA LYS C 108 -32.57 29.66 1.56
C LYS C 108 -32.01 31.07 1.50
N ALA C 109 -30.70 31.23 1.59
CA ALA C 109 -30.09 32.56 1.63
C ALA C 109 -30.28 33.31 0.32
N TYR C 110 -30.54 34.59 0.44
CA TYR C 110 -30.81 35.44 -0.72
C TYR C 110 -30.46 36.87 -0.37
N SER C 111 -29.87 37.58 -1.31
CA SER C 111 -29.69 39.01 -1.15
C SER C 111 -31.00 39.72 -1.40
N ASN C 112 -31.24 40.79 -0.64
CA ASN C 112 -32.35 41.69 -0.88
C ASN C 112 -31.78 43.09 -1.02
N CYS C 113 -31.21 43.36 -2.21
CA CYS C 113 -30.62 44.66 -2.55
C CYS C 113 -30.29 44.71 -4.02
N TYR C 114 -29.45 45.66 -4.42
CA TYR C 114 -28.87 45.65 -5.75
C TYR C 114 -28.17 44.32 -6.03
N PRO C 115 -28.43 43.68 -7.16
CA PRO C 115 -27.78 42.39 -7.45
C PRO C 115 -26.30 42.58 -7.76
N TYR C 116 -25.45 42.24 -6.81
CA TYR C 116 -24.02 42.32 -7.02
C TYR C 116 -23.56 41.17 -7.90
N ASP C 117 -22.61 41.45 -8.79
CA ASP C 117 -22.04 40.45 -9.70
C ASP C 117 -20.52 40.56 -9.58
N VAL C 118 -19.96 39.87 -8.59
CA VAL C 118 -18.51 39.84 -8.43
C VAL C 118 -17.94 39.01 -9.57
N PRO C 119 -17.08 39.59 -10.42
CA PRO C 119 -16.60 38.86 -11.61
C PRO C 119 -15.76 37.65 -11.30
N ASP C 120 -15.17 37.59 -10.12
CA ASP C 120 -14.43 36.44 -9.62
C ASP C 120 -14.97 36.04 -8.26
N TYR C 121 -16.29 35.86 -8.21
CA TYR C 121 -17.04 35.69 -6.97
C TYR C 121 -16.52 34.51 -6.14
N ALA C 122 -16.16 33.42 -6.80
CA ALA C 122 -15.61 32.26 -6.09
C ALA C 122 -14.27 32.61 -5.45
N SER C 123 -13.47 33.44 -6.12
CA SER C 123 -12.18 33.84 -5.55
C SER C 123 -12.35 34.71 -4.31
N LEU C 124 -13.24 35.71 -4.37
CA LEU C 124 -13.46 36.57 -3.20
C LEU C 124 -14.07 35.78 -2.06
N ARG C 125 -14.98 34.87 -2.38
CA ARG C 125 -15.58 34.01 -1.36
C ARG C 125 -14.52 33.14 -0.67
N SER C 126 -13.63 32.52 -1.46
CA SER C 126 -12.58 31.70 -0.90
C SER C 126 -11.57 32.53 -0.12
N LEU C 127 -11.28 33.75 -0.59
CA LEU C 127 -10.38 34.65 0.10
C LEU C 127 -10.89 35.00 1.49
N VAL C 128 -12.13 35.47 1.58
CA VAL C 128 -12.59 35.94 2.89
C VAL C 128 -12.98 34.75 3.76
N ALA C 129 -13.27 33.60 3.14
CA ALA C 129 -13.38 32.37 3.92
C ALA C 129 -12.05 32.02 4.56
N SER C 130 -10.94 32.16 3.84
CA SER C 130 -9.63 31.88 4.40
C SER C 130 -9.25 32.90 5.46
N SER C 131 -9.64 34.16 5.27
CA SER C 131 -9.38 35.18 6.28
C SER C 131 -10.18 34.91 7.55
N GLY C 132 -11.51 34.97 7.44
CA GLY C 132 -12.38 34.65 8.56
C GLY C 132 -12.24 35.57 9.74
N THR C 133 -11.94 36.85 9.50
CA THR C 133 -11.77 37.83 10.58
C THR C 133 -12.48 39.09 10.09
N LEU C 134 -13.75 39.20 10.41
CA LEU C 134 -14.58 40.29 9.89
C LEU C 134 -14.69 41.38 10.95
N GLU C 135 -13.84 42.39 10.78
CA GLU C 135 -14.03 43.69 11.42
C GLU C 135 -13.59 44.78 10.45
N PHE C 136 -14.38 45.84 10.37
CA PHE C 136 -14.27 46.82 9.30
C PHE C 136 -13.87 48.13 9.97
N LYS C 137 -12.56 48.40 9.98
CA LYS C 137 -12.05 49.66 10.58
C LYS C 137 -12.55 50.80 9.72
N ASN C 138 -13.45 51.61 10.26
CA ASN C 138 -14.12 52.66 9.48
C ASN C 138 -13.13 53.80 9.27
N GLU C 139 -12.25 53.63 8.28
CA GLU C 139 -11.16 54.56 8.05
C GLU C 139 -11.68 55.81 7.34
N SER C 140 -11.20 56.97 7.79
CA SER C 140 -11.56 58.22 7.15
C SER C 140 -10.85 58.36 5.80
N PHE C 141 -11.56 58.92 4.84
CA PHE C 141 -11.02 59.11 3.50
C PHE C 141 -11.10 60.56 3.09
N ASN C 142 -10.82 60.86 1.82
CA ASN C 142 -10.87 62.21 1.29
C ASN C 142 -11.85 62.32 0.14
N TRP C 143 -13.02 61.71 0.28
CA TRP C 143 -14.09 61.83 -0.71
C TRP C 143 -14.60 63.26 -0.69
N THR C 144 -14.18 64.06 -1.67
CA THR C 144 -14.53 65.47 -1.75
C THR C 144 -15.33 65.71 -3.02
N GLY C 145 -16.44 66.45 -2.89
CA GLY C 145 -17.27 66.73 -4.04
C GLY C 145 -18.12 65.58 -4.51
N VAL C 146 -18.44 64.63 -3.64
CA VAL C 146 -19.28 63.48 -4.00
C VAL C 146 -20.45 63.43 -3.02
N THR C 147 -21.50 62.73 -3.45
CA THR C 147 -22.69 62.52 -2.62
C THR C 147 -22.61 61.12 -2.03
N GLN C 148 -21.77 60.97 -1.00
CA GLN C 148 -21.66 59.71 -0.30
C GLN C 148 -22.88 59.50 0.60
N ASN C 149 -22.92 58.32 1.25
CA ASN C 149 -24.07 57.88 2.05
C ASN C 149 -25.35 57.90 1.21
N GLY C 150 -25.25 57.44 -0.03
CA GLY C 150 -26.40 57.45 -0.90
C GLY C 150 -27.44 56.42 -0.51
N THR C 151 -28.68 56.68 -0.92
CA THR C 151 -29.81 55.84 -0.56
C THR C 151 -30.28 55.06 -1.78
N SER C 152 -30.42 53.74 -1.62
CA SER C 152 -30.92 52.88 -2.67
C SER C 152 -32.42 52.71 -2.54
N SER C 153 -32.98 51.75 -3.27
CA SER C 153 -34.39 51.41 -3.14
C SER C 153 -34.64 49.91 -3.04
N ALA C 154 -33.59 49.08 -3.07
CA ALA C 154 -33.73 47.64 -3.00
C ALA C 154 -33.25 47.05 -1.68
N CYS C 155 -32.19 47.58 -1.08
CA CYS C 155 -31.92 47.30 0.32
C CYS C 155 -33.04 47.86 1.18
N ILE C 156 -33.53 47.04 2.11
CA ILE C 156 -34.54 47.47 3.06
C ILE C 156 -33.99 47.30 4.47
N ARG C 157 -34.01 48.38 5.25
CA ARG C 157 -33.38 48.41 6.57
C ARG C 157 -34.20 49.37 7.44
N GLY C 158 -35.15 48.80 8.19
CA GLY C 158 -36.05 49.61 8.98
C GLY C 158 -36.95 50.51 8.17
N SER C 159 -37.36 50.06 6.97
CA SER C 159 -38.23 50.79 6.05
C SER C 159 -37.67 52.16 5.70
N SER C 160 -36.34 52.23 5.53
CA SER C 160 -35.65 53.47 5.21
C SER C 160 -35.00 53.49 3.84
N SER C 161 -34.79 52.31 3.22
CA SER C 161 -34.24 52.16 1.87
C SER C 161 -32.86 52.81 1.75
N SER C 162 -31.91 52.26 2.48
CA SER C 162 -30.52 52.71 2.44
C SER C 162 -29.74 51.91 1.41
N PHE C 163 -28.44 52.17 1.35
CA PHE C 163 -27.52 51.37 0.55
C PHE C 163 -26.96 50.25 1.44
N PHE C 164 -25.90 49.60 0.96
CA PHE C 164 -25.14 48.70 1.82
C PHE C 164 -24.48 49.49 2.95
N SER C 165 -24.30 48.86 4.10
CA SER C 165 -23.74 49.56 5.25
C SER C 165 -22.23 49.67 5.21
N ARG C 166 -21.56 49.03 4.24
CA ARG C 166 -20.11 48.97 4.24
C ARG C 166 -19.46 49.54 2.99
N LEU C 167 -20.18 49.60 1.86
CA LEU C 167 -19.68 50.20 0.65
C LEU C 167 -20.41 51.51 0.41
N ASN C 168 -19.67 52.52 -0.04
CA ASN C 168 -20.20 53.87 -0.17
C ASN C 168 -20.64 54.10 -1.61
N TRP C 169 -21.92 54.44 -1.78
CA TRP C 169 -22.49 54.74 -3.09
C TRP C 169 -22.20 56.20 -3.41
N LEU C 170 -21.29 56.43 -4.35
CA LEU C 170 -20.88 57.78 -4.73
C LEU C 170 -21.56 58.18 -6.03
N THR C 171 -22.23 59.32 -6.01
CA THR C 171 -22.86 59.88 -7.19
C THR C 171 -22.34 61.30 -7.42
N HIS C 172 -22.96 62.03 -8.32
CA HIS C 172 -22.60 63.43 -8.53
C HIS C 172 -23.01 64.28 -7.33
N LEU C 173 -22.21 65.29 -7.04
CA LEU C 173 -22.55 66.31 -6.06
C LEU C 173 -22.54 67.67 -6.73
N ASN C 174 -23.66 68.39 -6.62
CA ASN C 174 -23.89 69.65 -7.32
C ASN C 174 -23.71 69.50 -8.83
N TYR C 175 -24.20 68.36 -9.35
CA TYR C 175 -24.11 68.00 -10.77
C TYR C 175 -22.66 67.98 -11.27
N THR C 176 -21.76 67.45 -10.44
CA THR C 176 -20.34 67.42 -10.75
C THR C 176 -19.69 66.26 -10.01
N TYR C 177 -19.01 65.39 -10.75
CA TYR C 177 -18.26 64.28 -10.18
C TYR C 177 -16.79 64.49 -10.47
N PRO C 178 -16.02 65.04 -9.52
CA PRO C 178 -14.59 65.24 -9.76
C PRO C 178 -13.84 63.92 -9.82
N ALA C 179 -12.74 63.92 -10.56
CA ALA C 179 -11.90 62.74 -10.68
C ALA C 179 -11.21 62.47 -9.35
N LEU C 180 -11.65 61.41 -8.67
CA LEU C 180 -11.14 61.12 -7.34
C LEU C 180 -9.69 60.68 -7.39
N ASN C 181 -8.93 61.07 -6.37
CA ASN C 181 -7.48 60.88 -6.38
C ASN C 181 -6.98 60.46 -5.00
N VAL C 182 -7.84 59.83 -4.20
CA VAL C 182 -7.53 59.60 -2.80
C VAL C 182 -6.50 58.48 -2.65
N THR C 183 -5.83 58.47 -1.51
CA THR C 183 -4.87 57.42 -1.18
C THR C 183 -4.76 57.33 0.33
N MET C 184 -4.62 56.11 0.82
CA MET C 184 -4.43 55.85 2.25
C MET C 184 -3.38 54.77 2.45
N PRO C 185 -2.20 55.14 2.95
CA PRO C 185 -1.08 54.19 3.02
C PRO C 185 -1.28 53.15 4.13
N ASN C 186 -0.57 52.03 3.96
CA ASN C 186 -0.52 50.99 4.98
C ASN C 186 0.64 51.31 5.93
N LYS C 187 0.36 52.19 6.89
CA LYS C 187 1.32 52.52 7.92
C LYS C 187 1.30 51.53 9.07
N GLU C 188 0.41 50.55 9.05
CA GLU C 188 0.27 49.57 10.10
C GLU C 188 1.07 48.31 9.75
N GLN C 189 0.90 47.25 10.52
CA GLN C 189 1.71 46.05 10.38
C GLN C 189 0.87 44.83 10.03
N PHE C 190 -0.16 45.01 9.21
CA PHE C 190 -0.94 43.88 8.72
C PHE C 190 -1.59 44.25 7.40
N ASP C 191 -2.03 43.22 6.68
CA ASP C 191 -2.67 43.42 5.39
C ASP C 191 -4.03 44.09 5.55
N LYS C 192 -4.33 45.04 4.67
CA LYS C 192 -5.61 45.74 4.68
C LYS C 192 -6.35 45.42 3.39
N LEU C 193 -7.31 44.50 3.47
CA LEU C 193 -8.20 44.23 2.36
C LEU C 193 -9.14 45.41 2.14
N TYR C 194 -9.24 45.87 0.90
CA TYR C 194 -10.17 46.92 0.52
C TYR C 194 -11.19 46.32 -0.43
N ILE C 195 -12.47 46.42 -0.07
CA ILE C 195 -13.55 45.91 -0.89
C ILE C 195 -14.23 47.11 -1.54
N TRP C 196 -14.11 47.21 -2.87
CA TRP C 196 -14.70 48.30 -3.62
C TRP C 196 -15.47 47.72 -4.80
N GLY C 197 -16.32 48.55 -5.39
CA GLY C 197 -17.12 48.12 -6.51
C GLY C 197 -17.23 49.20 -7.56
N VAL C 198 -17.81 48.82 -8.70
CA VAL C 198 -18.12 49.73 -9.79
C VAL C 198 -19.51 49.41 -10.30
N HIS C 199 -20.28 50.44 -10.63
CA HIS C 199 -21.70 50.31 -10.93
C HIS C 199 -21.92 50.12 -12.42
N HIS C 200 -22.76 49.14 -12.77
CA HIS C 200 -23.18 48.91 -14.14
C HIS C 200 -24.65 49.29 -14.26
N PRO C 201 -24.98 50.49 -14.72
CA PRO C 201 -26.38 50.93 -14.76
C PRO C 201 -27.16 50.26 -15.88
N GLY C 202 -28.41 50.68 -16.01
CA GLY C 202 -29.30 50.12 -17.00
C GLY C 202 -29.52 50.99 -18.22
N THR C 203 -28.96 52.20 -18.22
CA THR C 203 -29.17 53.13 -19.32
C THR C 203 -28.02 54.13 -19.31
N ASP C 204 -27.62 54.59 -20.51
CA ASP C 204 -26.66 55.69 -20.61
C ASP C 204 -27.20 56.94 -19.93
N LYS C 205 -28.50 57.20 -20.09
CA LYS C 205 -29.15 58.29 -19.37
C LYS C 205 -29.05 58.08 -17.86
N ASP C 206 -29.08 56.83 -17.39
CA ASP C 206 -28.93 56.57 -15.96
C ASP C 206 -27.52 56.92 -15.48
N GLN C 207 -26.49 56.53 -16.25
CA GLN C 207 -25.12 56.92 -15.94
C GLN C 207 -24.97 58.44 -15.87
N ILE C 208 -25.47 59.14 -16.89
CA ILE C 208 -25.34 60.59 -16.94
C ILE C 208 -26.10 61.26 -15.80
N PHE C 209 -27.32 60.81 -15.52
CA PHE C 209 -28.16 61.44 -14.53
C PHE C 209 -27.74 61.13 -13.10
N LEU C 210 -27.05 60.02 -12.85
CA LEU C 210 -26.65 59.68 -11.49
C LEU C 210 -25.19 59.93 -11.19
N TYR C 211 -24.25 59.36 -11.96
CA TYR C 211 -22.89 59.20 -11.47
C TYR C 211 -21.92 60.23 -12.04
N ALA C 212 -21.78 60.30 -13.36
CA ALA C 212 -20.79 61.21 -13.94
C ALA C 212 -21.32 61.69 -15.28
N GLN C 213 -20.44 62.25 -16.10
CA GLN C 213 -20.77 62.66 -17.45
C GLN C 213 -20.14 61.68 -18.43
N SER C 214 -20.93 61.26 -19.42
CA SER C 214 -20.58 60.26 -20.44
C SER C 214 -20.24 58.95 -19.72
N SER C 215 -19.17 58.25 -20.12
CA SER C 215 -18.84 56.96 -19.54
C SER C 215 -18.01 57.15 -18.26
N GLY C 216 -17.43 56.05 -17.77
CA GLY C 216 -16.57 56.08 -16.62
C GLY C 216 -15.21 55.48 -16.94
N ARG C 217 -14.28 55.63 -16.00
CA ARG C 217 -12.92 55.15 -16.17
C ARG C 217 -12.31 54.99 -14.78
N ILE C 218 -12.06 53.75 -14.37
CA ILE C 218 -11.71 53.43 -12.98
C ILE C 218 -10.46 52.56 -12.98
N THR C 219 -9.44 53.00 -12.25
CA THR C 219 -8.24 52.20 -12.04
C THR C 219 -7.80 52.29 -10.59
N VAL C 220 -7.66 51.15 -9.94
CA VAL C 220 -7.27 51.08 -8.54
C VAL C 220 -5.92 50.39 -8.46
N SER C 221 -4.92 51.14 -8.01
CA SER C 221 -3.54 50.70 -8.08
C SER C 221 -2.93 50.59 -6.70
N THR C 222 -1.88 49.78 -6.62
CA THR C 222 -1.12 49.54 -5.41
C THR C 222 0.36 49.73 -5.78
N LYS C 223 1.23 49.83 -4.78
CA LYS C 223 2.66 49.92 -5.06
C LYS C 223 3.21 48.68 -5.75
N ARG C 224 2.56 47.52 -5.61
CA ARG C 224 3.08 46.29 -6.19
C ARG C 224 2.28 45.76 -7.37
N SER C 225 1.04 46.20 -7.55
CA SER C 225 0.20 45.72 -8.64
C SER C 225 -0.86 46.78 -8.93
N GLN C 226 -1.70 46.51 -9.93
CA GLN C 226 -2.77 47.43 -10.26
C GLN C 226 -3.98 46.64 -10.73
N GLN C 227 -5.14 47.28 -10.63
CA GLN C 227 -6.40 46.72 -11.10
C GLN C 227 -7.19 47.83 -11.77
N ALA C 228 -7.94 47.46 -12.80
CA ALA C 228 -8.71 48.44 -13.56
C ALA C 228 -10.01 47.81 -14.02
N VAL C 229 -10.99 48.67 -14.27
CA VAL C 229 -12.30 48.25 -14.75
C VAL C 229 -12.95 49.43 -15.45
N ILE C 230 -13.62 49.15 -16.55
CA ILE C 230 -14.50 50.10 -17.22
C ILE C 230 -15.92 49.57 -17.12
N PRO C 231 -16.88 50.37 -16.63
CA PRO C 231 -18.24 49.86 -16.48
C PRO C 231 -18.93 49.61 -17.81
N ASN C 232 -19.78 48.58 -17.82
CA ASN C 232 -20.55 48.20 -18.99
C ASN C 232 -22.01 48.60 -18.77
N ILE C 233 -22.58 49.30 -19.74
CA ILE C 233 -23.94 49.82 -19.65
C ILE C 233 -24.81 48.99 -20.58
N GLY C 234 -25.72 48.22 -19.99
CA GLY C 234 -26.63 47.36 -20.75
C GLY C 234 -28.04 47.45 -20.22
N SER C 235 -28.85 46.41 -20.44
CA SER C 235 -30.25 46.38 -20.03
C SER C 235 -30.58 45.04 -19.38
N ARG C 236 -29.78 44.66 -18.39
CA ARG C 236 -29.86 43.37 -17.73
C ARG C 236 -31.24 43.16 -17.09
N PRO C 237 -31.71 41.90 -17.00
CA PRO C 237 -33.06 41.65 -16.50
C PRO C 237 -33.25 42.06 -15.05
N ARG C 238 -34.49 42.42 -14.72
CA ARG C 238 -34.79 42.96 -13.40
C ARG C 238 -34.78 41.86 -12.34
N ILE C 239 -34.06 42.11 -11.26
CA ILE C 239 -34.20 41.35 -10.02
C ILE C 239 -34.60 42.34 -8.94
N ARG C 240 -35.69 42.01 -8.23
CA ARG C 240 -36.45 42.91 -7.35
C ARG C 240 -36.56 44.33 -7.92
N ASP C 241 -37.02 44.40 -9.18
CA ASP C 241 -37.26 45.71 -9.84
C ASP C 241 -35.97 46.52 -9.94
N ILE C 242 -34.84 45.87 -10.22
CA ILE C 242 -33.58 46.58 -10.39
C ILE C 242 -32.95 46.16 -11.71
N PRO C 243 -32.94 47.03 -12.73
CA PRO C 243 -32.34 46.68 -14.03
C PRO C 243 -30.85 47.03 -14.11
N SER C 244 -30.10 46.62 -13.08
CA SER C 244 -28.69 46.96 -13.01
C SER C 244 -27.96 45.92 -12.15
N ARG C 245 -26.65 45.87 -12.32
CA ARG C 245 -25.77 45.11 -11.46
C ARG C 245 -24.60 45.99 -11.03
N ILE C 246 -23.90 45.55 -9.99
CA ILE C 246 -22.61 46.13 -9.62
C ILE C 246 -21.60 44.99 -9.54
N SER C 247 -20.35 45.32 -9.84
CA SER C 247 -19.27 44.34 -9.81
C SER C 247 -18.23 44.78 -8.79
N ILE C 248 -17.83 43.84 -7.95
CA ILE C 248 -17.08 44.12 -6.73
C ILE C 248 -15.67 43.57 -6.88
N TYR C 249 -14.68 44.37 -6.46
CA TYR C 249 -13.27 44.02 -6.61
C TYR C 249 -12.54 44.22 -5.30
N TRP C 250 -11.45 43.48 -5.11
CA TRP C 250 -10.67 43.51 -3.89
C TRP C 250 -9.21 43.82 -4.20
N THR C 251 -8.60 44.62 -3.33
CA THR C 251 -7.33 45.28 -3.61
C THR C 251 -6.41 45.13 -2.39
N ILE C 252 -6.13 43.87 -2.02
CA ILE C 252 -5.23 43.48 -0.92
C ILE C 252 -3.94 44.28 -0.90
N VAL C 253 -3.62 44.88 0.24
CA VAL C 253 -2.49 45.79 0.38
C VAL C 253 -1.55 45.25 1.45
N LYS C 254 -0.29 45.02 1.07
CA LYS C 254 0.74 44.58 1.99
C LYS C 254 1.24 45.76 2.83
N PRO C 255 1.85 45.50 3.99
CA PRO C 255 2.45 46.60 4.77
C PRO C 255 3.54 47.31 3.99
N GLY C 256 3.54 48.63 4.07
CA GLY C 256 4.44 49.47 3.31
C GLY C 256 3.88 49.90 1.97
N ASP C 257 3.13 49.01 1.32
CA ASP C 257 2.47 49.36 0.07
C ASP C 257 1.36 50.38 0.32
N ILE C 258 1.10 51.21 -0.69
CA ILE C 258 0.19 52.33 -0.57
C ILE C 258 -0.91 52.17 -1.61
N LEU C 259 -2.15 52.05 -1.15
CA LEU C 259 -3.30 51.96 -2.03
C LEU C 259 -3.69 53.36 -2.53
N LEU C 260 -4.06 53.42 -3.81
CA LEU C 260 -4.42 54.69 -4.44
C LEU C 260 -5.70 54.47 -5.25
N ILE C 261 -6.84 54.82 -4.66
CA ILE C 261 -8.10 54.77 -5.39
C ILE C 261 -8.13 55.91 -6.39
N ASN C 262 -8.28 55.57 -7.66
CA ASN C 262 -8.36 56.56 -8.73
C ASN C 262 -9.60 56.25 -9.56
N SER C 263 -10.44 57.26 -9.77
CA SER C 263 -11.68 57.02 -10.49
C SER C 263 -12.16 58.30 -11.15
N THR C 264 -12.84 58.14 -12.27
CA THR C 264 -13.51 59.22 -12.96
C THR C 264 -15.02 59.01 -13.05
N GLY C 265 -15.47 57.76 -13.11
CA GLY C 265 -16.88 57.46 -13.20
C GLY C 265 -17.42 56.70 -12.00
N ASN C 266 -18.05 55.56 -12.26
CA ASN C 266 -18.80 54.84 -11.23
C ASN C 266 -17.87 54.27 -10.18
N LEU C 267 -18.19 54.46 -8.91
CA LEU C 267 -17.34 53.95 -7.84
C LEU C 267 -18.19 53.58 -6.65
N ILE C 268 -18.31 52.29 -6.36
CA ILE C 268 -18.89 51.82 -5.10
C ILE C 268 -17.72 51.70 -4.13
N ALA C 269 -17.36 52.83 -3.54
CA ALA C 269 -16.13 53.00 -2.78
C ALA C 269 -16.24 52.36 -1.39
N PRO C 270 -15.12 51.89 -0.84
CA PRO C 270 -15.16 51.35 0.53
C PRO C 270 -15.25 52.46 1.57
N ARG C 271 -15.69 52.06 2.76
CA ARG C 271 -15.72 52.96 3.91
C ARG C 271 -14.52 52.77 4.82
N GLY C 272 -13.55 51.96 4.42
CA GLY C 272 -12.39 51.68 5.24
C GLY C 272 -11.62 50.50 4.71
N TYR C 273 -11.24 49.56 5.57
CA TYR C 273 -10.58 48.34 5.15
C TYR C 273 -11.07 47.18 5.99
N PHE C 274 -11.05 45.99 5.40
CA PHE C 274 -11.37 44.76 6.12
C PHE C 274 -10.05 44.15 6.59
N LYS C 275 -9.85 44.13 7.92
CA LYS C 275 -8.63 43.56 8.46
C LYS C 275 -8.63 42.05 8.25
N ILE C 276 -7.55 41.54 7.67
CA ILE C 276 -7.43 40.12 7.35
C ILE C 276 -6.17 39.55 8.00
N ARG C 277 -6.17 38.24 8.16
CA ARG C 277 -5.00 37.53 8.63
C ARG C 277 -5.06 36.10 8.12
N SER C 278 -3.89 35.46 8.03
CA SER C 278 -3.81 34.09 7.54
C SER C 278 -4.28 33.15 8.65
N GLY C 279 -5.60 33.11 8.81
CA GLY C 279 -6.23 32.34 9.87
C GLY C 279 -6.51 30.92 9.46
N LYS C 280 -7.39 30.27 10.22
CA LYS C 280 -7.76 28.88 10.02
C LYS C 280 -9.23 28.72 9.66
N SER C 281 -9.86 29.78 9.16
CA SER C 281 -11.29 29.75 8.88
C SER C 281 -11.58 29.20 7.49
N SER C 282 -12.87 29.00 7.22
CA SER C 282 -13.34 28.49 5.93
C SER C 282 -14.80 28.90 5.74
N ILE C 283 -15.43 28.34 4.71
CA ILE C 283 -16.85 28.55 4.43
C ILE C 283 -17.48 27.19 4.18
N MET C 284 -18.79 27.13 4.36
CA MET C 284 -19.57 25.93 4.11
C MET C 284 -20.95 26.36 3.63
N ARG C 285 -21.56 25.55 2.76
CA ARG C 285 -22.91 25.80 2.29
C ARG C 285 -23.79 24.65 2.79
N SER C 286 -24.77 24.98 3.63
CA SER C 286 -25.52 23.95 4.34
C SER C 286 -26.92 24.46 4.64
N ASP C 287 -27.69 23.62 5.34
CA ASP C 287 -29.02 23.99 5.80
C ASP C 287 -29.31 23.52 7.21
N ALA C 288 -28.38 22.84 7.87
CA ALA C 288 -28.65 22.29 9.20
C ALA C 288 -28.60 23.40 10.26
N PRO C 289 -29.45 23.34 11.28
CA PRO C 289 -29.44 24.38 12.32
C PRO C 289 -28.28 24.24 13.30
N ILE C 290 -28.28 25.06 14.34
CA ILE C 290 -27.17 25.17 15.28
C ILE C 290 -27.54 24.46 16.58
N GLY C 291 -26.64 23.60 17.06
CA GLY C 291 -26.84 22.90 18.32
C GLY C 291 -25.64 22.94 19.23
N LYS C 292 -25.54 21.98 20.17
CA LYS C 292 -24.41 21.90 21.10
C LYS C 292 -23.87 20.47 21.12
N CYS C 293 -22.56 20.34 20.94
CA CYS C 293 -21.86 19.06 21.11
C CYS C 293 -20.46 19.35 21.62
N LYS C 294 -19.57 18.36 21.48
CA LYS C 294 -18.12 18.57 21.46
C LYS C 294 -17.61 17.81 20.24
N SER C 295 -17.67 18.47 19.08
CA SER C 295 -17.27 17.85 17.82
C SER C 295 -16.64 18.91 16.94
N GLU C 296 -15.41 18.66 16.50
CA GLU C 296 -14.62 19.66 15.79
C GLU C 296 -14.65 19.49 14.27
N CYS C 297 -15.46 18.58 13.76
CA CYS C 297 -15.60 18.38 12.32
C CYS C 297 -17.01 18.78 11.89
N ILE C 298 -17.08 19.65 10.89
CA ILE C 298 -18.37 20.16 10.40
C ILE C 298 -18.51 19.83 8.93
N THR C 299 -19.70 19.40 8.55
CA THR C 299 -20.09 18.93 7.22
C THR C 299 -21.42 19.58 6.88
N PRO C 300 -21.72 19.81 5.59
CA PRO C 300 -23.02 20.42 5.25
C PRO C 300 -24.24 19.65 5.74
N ASN C 301 -24.16 18.33 5.89
CA ASN C 301 -25.22 17.60 6.58
C ASN C 301 -25.28 17.99 8.05
N GLY C 302 -24.13 18.12 8.68
CA GLY C 302 -24.05 18.41 10.10
C GLY C 302 -22.75 17.89 10.67
N SER C 303 -22.51 18.22 11.93
CA SER C 303 -21.26 17.86 12.58
C SER C 303 -21.21 16.36 12.83
N ILE C 304 -20.21 15.70 12.26
CA ILE C 304 -20.00 14.27 12.49
C ILE C 304 -18.89 14.12 13.53
N PRO C 305 -18.95 13.09 14.37
CA PRO C 305 -17.83 12.87 15.30
C PRO C 305 -16.64 12.30 14.55
N ASN C 306 -15.50 12.98 14.66
CA ASN C 306 -14.32 12.61 13.89
C ASN C 306 -13.47 11.57 14.63
N ASP C 307 -14.12 10.51 15.08
CA ASP C 307 -13.43 9.33 15.57
C ASP C 307 -13.32 8.26 14.50
N LYS C 308 -13.39 8.65 13.23
CA LYS C 308 -13.31 7.80 12.07
C LYS C 308 -12.14 8.22 11.19
N PRO C 309 -11.54 7.29 10.47
CA PRO C 309 -10.51 7.69 9.48
C PRO C 309 -11.12 8.24 8.21
N PHE C 310 -12.26 7.70 7.79
CA PHE C 310 -12.89 8.04 6.53
C PHE C 310 -14.34 8.44 6.75
N GLN C 311 -15.00 8.86 5.68
CA GLN C 311 -16.38 9.32 5.76
C GLN C 311 -17.05 9.12 4.40
N ASN C 312 -18.37 9.23 4.39
CA ASN C 312 -19.16 9.14 3.17
C ASN C 312 -20.12 10.33 3.15
N VAL C 313 -20.15 11.12 4.23
CA VAL C 313 -21.24 12.05 4.48
C VAL C 313 -21.30 13.14 3.42
N ASN C 314 -20.18 13.80 3.15
CA ASN C 314 -20.10 14.78 2.06
C ASN C 314 -18.64 15.04 1.73
N ARG C 315 -18.44 15.72 0.60
CA ARG C 315 -17.09 16.11 0.17
C ARG C 315 -16.56 17.27 1.00
N ILE C 316 -17.39 18.26 1.26
CA ILE C 316 -16.93 19.50 1.90
C ILE C 316 -16.79 19.26 3.39
N THR C 317 -15.64 19.67 3.94
CA THR C 317 -15.34 19.49 5.36
C THR C 317 -14.70 20.76 5.90
N TYR C 318 -14.71 20.88 7.23
CA TYR C 318 -14.02 21.96 7.92
C TYR C 318 -13.42 21.43 9.20
N GLY C 319 -12.15 21.77 9.44
CA GLY C 319 -11.48 21.34 10.65
C GLY C 319 -11.02 19.89 10.55
N ALA C 320 -10.73 19.32 11.71
CA ALA C 320 -10.22 17.95 11.77
C ALA C 320 -11.32 16.96 11.44
N CYS C 321 -11.41 16.59 10.17
CA CYS C 321 -12.43 15.69 9.64
C CYS C 321 -11.82 14.45 9.05
N PRO C 322 -12.55 13.34 9.03
CA PRO C 322 -12.11 12.18 8.25
C PRO C 322 -12.15 12.48 6.76
N ARG C 323 -11.33 11.74 6.01
CA ARG C 323 -11.18 12.00 4.58
C ARG C 323 -12.31 11.33 3.81
N TYR C 324 -12.87 12.06 2.84
CA TYR C 324 -14.03 11.57 2.11
C TYR C 324 -13.65 10.48 1.13
N VAL C 325 -14.42 9.39 1.12
CA VAL C 325 -14.24 8.30 0.18
C VAL C 325 -15.60 8.03 -0.47
N LYS C 326 -15.56 7.28 -1.57
CA LYS C 326 -16.78 6.93 -2.29
C LYS C 326 -17.46 5.68 -1.77
N HIS C 327 -16.83 4.95 -0.84
CA HIS C 327 -17.44 3.77 -0.27
C HIS C 327 -18.45 4.16 0.80
N SER C 328 -19.10 3.17 1.37
CA SER C 328 -20.05 3.41 2.44
C SER C 328 -19.85 2.50 3.65
N THR C 329 -19.27 1.31 3.45
CA THR C 329 -19.19 0.30 4.50
C THR C 329 -17.78 -0.29 4.52
N LEU C 330 -16.77 0.57 4.57
CA LEU C 330 -15.41 0.09 4.80
C LEU C 330 -15.26 -0.25 6.28
N LYS C 331 -15.25 -1.55 6.58
CA LYS C 331 -15.12 -2.02 7.95
C LYS C 331 -13.73 -2.64 8.12
N LEU C 332 -12.97 -2.12 9.07
CA LEU C 332 -11.68 -2.70 9.41
C LEU C 332 -11.88 -3.90 10.31
N ALA C 333 -11.08 -4.95 10.10
CA ALA C 333 -11.13 -6.12 10.96
C ALA C 333 -10.46 -5.77 12.29
N THR C 334 -11.21 -5.04 13.11
CA THR C 334 -10.73 -4.70 14.45
C THR C 334 -10.58 -5.94 15.31
N GLY C 335 -11.52 -6.87 15.20
CA GLY C 335 -11.33 -8.18 15.80
C GLY C 335 -10.54 -9.09 14.89
N MET C 336 -10.89 -10.36 14.84
CA MET C 336 -10.19 -11.33 14.01
C MET C 336 -11.23 -12.28 13.43
N ARG C 337 -10.77 -13.27 12.66
CA ARG C 337 -11.65 -14.10 11.84
C ARG C 337 -12.64 -14.89 12.68
N ASN C 338 -13.90 -14.88 12.26
CA ASN C 338 -14.99 -15.53 12.98
C ASN C 338 -15.25 -16.92 12.42
N VAL C 339 -15.30 -17.91 13.28
CA VAL C 339 -15.81 -19.24 12.93
C VAL C 339 -16.88 -19.55 13.97
N PRO C 340 -18.11 -19.04 13.78
CA PRO C 340 -19.10 -19.15 14.86
C PRO C 340 -19.71 -20.53 15.03
N GLU C 341 -20.06 -21.20 13.94
CA GLU C 341 -20.88 -22.41 14.02
C GLU C 341 -20.06 -23.62 14.46
N GLY D 1 0.01 -13.96 3.81
CA GLY D 1 0.79 -14.93 4.55
C GLY D 1 -0.01 -15.62 5.64
N ILE D 2 -0.97 -16.44 5.24
CA ILE D 2 -1.81 -17.14 6.21
C ILE D 2 -0.99 -18.24 6.87
N PHE D 3 -1.39 -18.61 8.08
CA PHE D 3 -0.71 -19.66 8.84
C PHE D 3 -1.51 -20.94 8.94
N GLY D 4 -2.77 -20.94 8.52
CA GLY D 4 -3.58 -22.14 8.47
C GLY D 4 -3.93 -22.75 9.81
N ALA D 5 -4.28 -21.91 10.79
CA ALA D 5 -4.78 -22.41 12.06
C ALA D 5 -6.27 -22.07 12.25
N ILE D 6 -6.62 -20.79 12.17
CA ILE D 6 -7.98 -20.34 12.51
C ILE D 6 -9.00 -20.84 11.49
N ALA D 7 -8.65 -20.79 10.21
CA ALA D 7 -9.42 -21.46 9.17
C ALA D 7 -8.85 -22.83 8.86
N GLY D 8 -7.81 -23.25 9.58
CA GLY D 8 -7.11 -24.48 9.33
C GLY D 8 -7.51 -25.56 10.31
N PHE D 9 -6.71 -25.75 11.36
CA PHE D 9 -6.97 -26.84 12.30
C PHE D 9 -7.72 -26.40 13.54
N ILE D 10 -8.07 -25.11 13.66
CA ILE D 10 -9.05 -24.67 14.64
C ILE D 10 -10.39 -24.69 13.90
N GLU D 11 -11.04 -25.84 13.90
CA GLU D 11 -12.17 -26.04 13.01
C GLU D 11 -13.43 -25.33 13.52
N ASN D 12 -13.64 -25.30 14.84
CA ASN D 12 -14.79 -24.65 15.42
C ASN D 12 -14.41 -23.50 16.35
N GLY D 13 -13.64 -23.78 17.39
CA GLY D 13 -13.39 -22.82 18.44
C GLY D 13 -14.61 -22.59 19.30
N TRP D 14 -14.37 -22.19 20.56
CA TRP D 14 -15.46 -22.03 21.50
C TRP D 14 -15.68 -20.56 21.79
N GLU D 15 -16.89 -20.27 22.28
CA GLU D 15 -17.52 -18.97 22.13
C GLU D 15 -17.51 -18.15 23.41
N GLY D 16 -16.59 -18.45 24.33
CA GLY D 16 -16.41 -17.67 25.53
C GLY D 16 -15.32 -16.61 25.42
N MET D 17 -15.34 -15.82 24.33
CA MET D 17 -14.45 -14.67 24.18
C MET D 17 -15.04 -13.46 24.90
N VAL D 18 -15.10 -13.59 26.22
CA VAL D 18 -15.54 -12.50 27.07
C VAL D 18 -14.40 -11.92 27.91
N ASP D 19 -13.31 -12.65 28.10
CA ASP D 19 -12.17 -12.18 28.86
C ASP D 19 -10.91 -12.04 28.03
N GLY D 20 -10.80 -12.74 26.91
CA GLY D 20 -9.64 -12.63 26.05
C GLY D 20 -9.93 -13.12 24.65
N TRP D 21 -9.05 -12.76 23.72
CA TRP D 21 -9.20 -13.20 22.34
C TRP D 21 -8.79 -14.65 22.17
N TYR D 22 -7.69 -15.05 22.82
CA TYR D 22 -7.15 -16.39 22.65
C TYR D 22 -7.46 -17.21 23.89
N GLY D 23 -7.42 -18.53 23.73
CA GLY D 23 -7.95 -19.38 24.78
C GLY D 23 -7.04 -20.53 25.14
N PHE D 24 -7.35 -21.15 26.27
CA PHE D 24 -6.69 -22.36 26.75
C PHE D 24 -7.76 -23.27 27.32
N ARG D 25 -7.96 -24.39 26.64
CA ARG D 25 -9.01 -25.36 26.87
C ARG D 25 -8.38 -26.67 27.30
N HIS D 26 -9.10 -27.47 28.08
CA HIS D 26 -8.47 -28.69 28.57
C HIS D 26 -9.52 -29.75 28.89
N GLN D 27 -9.03 -30.97 29.07
CA GLN D 27 -9.78 -32.12 29.54
C GLN D 27 -9.08 -32.65 30.77
N ASN D 28 -9.86 -33.01 31.79
CA ASN D 28 -9.28 -33.43 33.06
C ASN D 28 -10.15 -34.50 33.70
N SER D 29 -9.54 -35.23 34.64
CA SER D 29 -10.33 -36.04 35.56
C SER D 29 -11.20 -35.15 36.45
N GLU D 30 -10.65 -34.02 36.88
CA GLU D 30 -11.39 -33.06 37.71
C GLU D 30 -12.05 -31.97 36.87
N GLY D 31 -12.81 -32.38 35.85
CA GLY D 31 -13.60 -31.43 35.08
C GLY D 31 -12.83 -30.60 34.08
N ARG D 32 -13.48 -30.24 32.98
CA ARG D 32 -12.85 -29.45 31.94
C ARG D 32 -12.82 -27.97 32.35
N GLY D 33 -12.49 -27.12 31.40
CA GLY D 33 -12.45 -25.70 31.70
C GLY D 33 -12.00 -24.89 30.49
N GLN D 34 -11.81 -23.60 30.74
CA GLN D 34 -11.40 -22.65 29.71
C GLN D 34 -10.73 -21.48 30.41
N ALA D 35 -9.70 -20.94 29.75
CA ALA D 35 -9.01 -19.75 30.24
C ALA D 35 -8.77 -18.82 29.06
N ALA D 36 -7.95 -17.79 29.29
CA ALA D 36 -7.55 -16.88 28.23
C ALA D 36 -6.10 -16.48 28.46
N ASP D 37 -5.28 -16.58 27.42
CA ASP D 37 -3.89 -16.15 27.50
C ASP D 37 -3.87 -14.63 27.52
N LEU D 38 -3.61 -14.05 28.70
CA LEU D 38 -3.58 -12.59 28.83
C LEU D 38 -2.45 -11.98 28.01
N LYS D 39 -1.32 -12.68 27.92
CA LYS D 39 -0.18 -12.18 27.14
C LYS D 39 -0.51 -12.11 25.66
N SER D 40 -1.08 -13.18 25.10
CA SER D 40 -1.38 -13.21 23.67
C SER D 40 -2.52 -12.27 23.31
N THR D 41 -3.60 -12.27 24.10
CA THR D 41 -4.70 -11.36 23.81
C THR D 41 -4.30 -9.91 24.04
N GLN D 42 -3.41 -9.65 25.00
CA GLN D 42 -2.96 -8.28 25.23
C GLN D 42 -2.05 -7.83 24.10
N ALA D 43 -1.22 -8.74 23.59
CA ALA D 43 -0.38 -8.42 22.42
C ALA D 43 -1.25 -8.09 21.21
N ALA D 44 -2.26 -8.93 20.94
CA ALA D 44 -3.10 -8.72 19.77
C ALA D 44 -3.92 -7.44 19.88
N ILE D 45 -4.46 -7.16 21.07
CA ILE D 45 -5.15 -5.89 21.29
C ILE D 45 -4.17 -4.72 21.18
N ASP D 46 -2.90 -4.92 21.55
CA ASP D 46 -1.91 -3.87 21.37
C ASP D 46 -1.65 -3.58 19.90
N GLN D 47 -1.53 -4.60 19.04
CA GLN D 47 -1.37 -4.29 17.62
C GLN D 47 -2.63 -3.68 17.04
N ILE D 48 -3.81 -4.09 17.53
CA ILE D 48 -5.05 -3.51 17.04
C ILE D 48 -5.14 -2.03 17.41
N ASN D 49 -4.82 -1.69 18.66
CA ASN D 49 -4.84 -0.30 19.09
C ASN D 49 -3.76 0.52 18.40
N GLY D 50 -2.60 -0.09 18.11
CA GLY D 50 -1.60 0.60 17.33
C GLY D 50 -2.02 0.86 15.90
N LYS D 51 -2.77 -0.08 15.31
CA LYS D 51 -3.36 0.15 13.99
C LYS D 51 -4.37 1.30 14.05
N LEU D 52 -5.20 1.32 15.09
CA LEU D 52 -6.22 2.34 15.24
C LEU D 52 -5.66 3.69 15.67
N ASN D 53 -4.42 3.75 16.17
CA ASN D 53 -3.87 5.02 16.62
C ASN D 53 -3.53 5.93 15.45
N ARG D 54 -3.17 5.36 14.31
CA ARG D 54 -3.03 6.15 13.09
C ARG D 54 -4.38 6.44 12.43
N LEU D 55 -5.43 5.75 12.87
CA LEU D 55 -6.73 5.83 12.22
C LEU D 55 -7.79 6.49 13.09
N ILE D 56 -8.03 5.97 14.29
CA ILE D 56 -9.07 6.51 15.16
C ILE D 56 -8.49 7.76 15.82
N GLY D 57 -9.03 8.92 15.47
CA GLY D 57 -8.47 10.18 15.91
C GLY D 57 -7.23 10.54 15.11
N LYS D 58 -6.63 11.67 15.51
CA LYS D 58 -5.41 12.21 14.89
C LYS D 58 -5.58 12.43 13.39
N THR D 59 -6.75 12.91 13.01
CA THR D 59 -7.03 13.17 11.59
C THR D 59 -6.28 14.42 11.14
N ASN D 60 -6.03 14.48 9.83
CA ASN D 60 -5.32 15.62 9.26
C ASN D 60 -6.25 16.84 9.26
N GLU D 61 -5.81 17.89 9.94
CA GLU D 61 -6.69 19.01 10.29
C GLU D 61 -6.59 20.06 9.18
N LYS D 62 -7.34 19.80 8.09
CA LYS D 62 -7.31 20.63 6.90
C LYS D 62 -8.51 21.57 6.95
N PHE D 63 -8.25 22.87 7.12
CA PHE D 63 -9.32 23.82 7.36
C PHE D 63 -9.99 24.29 6.07
N HIS D 64 -9.23 24.98 5.22
CA HIS D 64 -9.79 25.61 4.03
C HIS D 64 -9.34 24.86 2.79
N GLN D 65 -10.30 24.53 1.93
CA GLN D 65 -10.05 23.75 0.72
C GLN D 65 -10.82 24.40 -0.43
N ILE D 66 -10.68 23.81 -1.62
CA ILE D 66 -11.38 24.32 -2.78
C ILE D 66 -12.85 23.90 -2.73
N GLU D 67 -13.69 24.63 -3.46
CA GLU D 67 -15.11 24.33 -3.49
C GLU D 67 -15.37 23.10 -4.35
N LYS D 68 -16.07 22.13 -3.77
CA LYS D 68 -16.32 20.84 -4.41
C LYS D 68 -17.75 20.71 -4.91
N GLU D 69 -18.73 21.08 -4.08
CA GLU D 69 -20.12 21.15 -4.54
C GLU D 69 -20.27 22.33 -5.50
N PHE D 70 -20.84 22.07 -6.67
CA PHE D 70 -20.82 23.03 -7.75
C PHE D 70 -22.24 23.44 -8.15
N SER D 71 -22.31 24.18 -9.25
CA SER D 71 -23.51 24.88 -9.70
C SER D 71 -23.48 24.88 -11.22
N GLU D 72 -24.20 25.83 -11.83
CA GLU D 72 -24.21 25.99 -13.28
C GLU D 72 -22.79 26.13 -13.84
N VAL D 73 -22.61 25.57 -15.04
CA VAL D 73 -21.27 25.34 -15.57
C VAL D 73 -20.61 26.65 -15.99
N GLU D 74 -19.31 26.74 -15.73
CA GLU D 74 -18.49 27.91 -16.05
C GLU D 74 -17.53 27.67 -17.21
N GLY D 75 -17.12 26.43 -17.43
CA GLY D 75 -16.18 26.11 -18.49
C GLY D 75 -14.85 25.62 -17.95
N ARG D 76 -13.83 26.46 -18.06
CA ARG D 76 -12.49 26.14 -17.56
C ARG D 76 -12.49 26.26 -16.05
N VAL D 77 -11.38 25.79 -15.44
CA VAL D 77 -10.99 25.83 -14.02
C VAL D 77 -11.99 25.07 -13.15
N GLN D 78 -13.29 25.33 -13.32
CA GLN D 78 -14.31 24.50 -12.68
C GLN D 78 -14.20 23.05 -13.14
N ASP D 79 -13.97 22.84 -14.43
CA ASP D 79 -13.67 21.50 -14.92
C ASP D 79 -12.38 20.95 -14.31
N LEU D 80 -11.36 21.79 -14.16
CA LEU D 80 -10.12 21.36 -13.52
C LEU D 80 -10.33 21.12 -12.03
N GLU D 81 -11.14 21.96 -11.37
CA GLU D 81 -11.41 21.78 -9.95
C GLU D 81 -12.18 20.49 -9.69
N LYS D 82 -13.18 20.21 -10.53
CA LYS D 82 -13.91 18.96 -10.41
C LYS D 82 -13.02 17.77 -10.74
N TYR D 83 -12.12 17.92 -11.71
CA TYR D 83 -11.20 16.83 -12.05
C TYR D 83 -10.24 16.54 -10.92
N VAL D 84 -9.66 17.58 -10.31
CA VAL D 84 -8.71 17.35 -9.23
C VAL D 84 -9.42 16.84 -7.98
N GLU D 85 -10.65 17.28 -7.73
CA GLU D 85 -11.38 16.75 -6.58
C GLU D 85 -11.78 15.29 -6.81
N ASP D 86 -12.21 14.99 -8.04
CA ASP D 86 -12.59 13.59 -8.38
C ASP D 86 -11.38 12.69 -8.20
N THR D 87 -10.24 13.04 -8.82
CA THR D 87 -9.01 12.21 -8.73
C THR D 87 -8.53 12.12 -7.27
N LYS D 88 -8.61 13.22 -6.52
CA LYS D 88 -8.22 13.21 -5.09
C LYS D 88 -9.05 12.13 -4.37
N ILE D 89 -10.38 12.18 -4.50
CA ILE D 89 -11.27 11.19 -3.84
C ILE D 89 -11.02 9.80 -4.42
N ASP D 90 -10.84 9.70 -5.75
CA ASP D 90 -10.62 8.39 -6.41
C ASP D 90 -9.34 7.76 -5.85
N LEU D 91 -8.28 8.56 -5.70
CA LEU D 91 -7.02 8.05 -5.12
C LEU D 91 -7.24 7.72 -3.62
N TRP D 92 -7.95 8.58 -2.90
CA TRP D 92 -8.17 8.37 -1.44
C TRP D 92 -9.12 7.18 -1.20
N SER D 93 -10.08 6.96 -2.10
CA SER D 93 -10.98 5.81 -1.94
C SER D 93 -10.26 4.52 -2.28
N TYR D 94 -9.43 4.53 -3.33
CA TYR D 94 -8.57 3.38 -3.60
C TYR D 94 -7.61 3.16 -2.44
N ASN D 95 -7.09 4.24 -1.86
CA ASN D 95 -6.15 4.14 -0.77
C ASN D 95 -6.82 3.61 0.49
N ALA D 96 -8.07 4.01 0.73
CA ALA D 96 -8.81 3.52 1.88
C ALA D 96 -9.21 2.06 1.71
N GLU D 97 -9.66 1.68 0.51
CA GLU D 97 -9.98 0.29 0.23
C GLU D 97 -8.74 -0.59 0.31
N LEU D 98 -7.61 -0.12 -0.22
CA LEU D 98 -6.36 -0.84 -0.12
C LEU D 98 -5.90 -0.96 1.33
N LEU D 99 -6.01 0.12 2.10
CA LEU D 99 -5.61 0.10 3.49
C LEU D 99 -6.46 -0.87 4.30
N VAL D 100 -7.77 -0.88 4.03
CA VAL D 100 -8.67 -1.83 4.68
C VAL D 100 -8.29 -3.25 4.30
N ALA D 101 -7.97 -3.49 3.02
CA ALA D 101 -7.63 -4.84 2.58
C ALA D 101 -6.32 -5.32 3.20
N LEU D 102 -5.27 -4.50 3.15
CA LEU D 102 -3.98 -4.90 3.74
C LEU D 102 -4.08 -5.07 5.25
N GLU D 103 -4.78 -4.17 5.94
CA GLU D 103 -4.83 -4.31 7.39
C GLU D 103 -5.79 -5.41 7.85
N ASN D 104 -6.84 -5.71 7.10
CA ASN D 104 -7.65 -6.88 7.45
C ASN D 104 -6.91 -8.17 7.18
N GLN D 105 -6.17 -8.23 6.05
CA GLN D 105 -5.34 -9.40 5.78
C GLN D 105 -4.26 -9.57 6.82
N HIS D 106 -3.62 -8.47 7.21
CA HIS D 106 -2.56 -8.52 8.22
C HIS D 106 -3.11 -8.84 9.60
N THR D 107 -4.35 -8.41 9.90
CA THR D 107 -4.97 -8.76 11.16
C THR D 107 -5.32 -10.23 11.22
N ILE D 108 -5.81 -10.79 10.10
CA ILE D 108 -6.04 -12.23 10.06
C ILE D 108 -4.73 -12.99 10.15
N ASP D 109 -3.64 -12.43 9.59
CA ASP D 109 -2.35 -13.13 9.62
C ASP D 109 -1.71 -13.07 11.00
N LEU D 110 -1.78 -11.92 11.70
CA LEU D 110 -1.13 -11.85 13.00
C LEU D 110 -1.95 -12.54 14.08
N THR D 111 -3.27 -12.54 13.96
CA THR D 111 -4.14 -13.32 14.84
C THR D 111 -4.24 -14.76 14.34
N ASP D 112 -3.08 -15.41 14.24
CA ASP D 112 -3.00 -16.72 13.63
C ASP D 112 -1.77 -17.42 14.17
N SER D 113 -1.88 -18.75 14.29
CA SER D 113 -0.83 -19.66 14.79
C SER D 113 -0.48 -19.26 16.23
N GLU D 114 0.80 -19.13 16.57
CA GLU D 114 1.32 -18.95 17.93
C GLU D 114 0.97 -20.11 18.86
N MET D 115 0.63 -21.26 18.28
CA MET D 115 0.69 -22.52 19.00
C MET D 115 2.13 -22.97 19.21
N ASN D 116 3.06 -22.41 18.43
CA ASN D 116 4.45 -22.84 18.43
C ASN D 116 5.12 -22.56 19.77
N LYS D 117 4.73 -21.50 20.48
CA LYS D 117 5.23 -21.28 21.82
C LYS D 117 4.81 -22.41 22.75
N LEU D 118 3.53 -22.72 22.76
CA LEU D 118 3.03 -23.85 23.53
C LEU D 118 3.54 -25.17 23.00
N PHE D 119 3.72 -25.27 21.68
CA PHE D 119 4.27 -26.48 21.08
C PHE D 119 5.67 -26.77 21.60
N GLU D 120 6.56 -25.76 21.54
CA GLU D 120 7.93 -25.95 22.00
C GLU D 120 8.00 -26.07 23.52
N LYS D 121 7.02 -25.50 24.23
CA LYS D 121 6.95 -25.69 25.67
C LYS D 121 6.58 -27.13 26.03
N THR D 122 5.74 -27.75 25.22
CA THR D 122 5.20 -29.08 25.52
C THR D 122 5.99 -30.20 24.83
N LYS D 123 6.89 -29.85 23.90
CA LYS D 123 7.66 -30.84 23.17
C LYS D 123 8.57 -31.63 24.11
N LYS D 124 9.14 -30.93 25.09
CA LYS D 124 10.07 -31.56 26.03
C LYS D 124 9.35 -32.57 26.92
N GLN D 125 8.11 -32.27 27.32
CA GLN D 125 7.37 -33.18 28.18
C GLN D 125 6.57 -34.23 27.42
N LEU D 126 6.46 -34.11 26.09
CA LEU D 126 5.86 -35.17 25.29
C LEU D 126 6.84 -35.87 24.36
N ARG D 127 8.14 -35.60 24.49
CA ARG D 127 9.11 -36.24 23.62
C ARG D 127 9.38 -37.70 24.00
N GLU D 128 8.99 -38.12 25.20
CA GLU D 128 9.40 -39.42 25.73
C GLU D 128 8.21 -40.25 26.18
N ASN D 129 7.15 -39.63 26.69
CA ASN D 129 5.90 -40.33 26.94
C ASN D 129 4.85 -39.89 25.91
N ALA D 130 4.35 -40.87 25.13
CA ALA D 130 3.61 -40.64 23.90
C ALA D 130 4.34 -39.67 22.98
N GLU D 131 3.62 -38.97 22.12
CA GLU D 131 4.17 -37.82 21.39
C GLU D 131 3.12 -36.73 21.35
N ASP D 132 3.36 -35.74 20.50
CA ASP D 132 2.48 -34.59 20.38
C ASP D 132 1.28 -34.93 19.50
N MET D 133 0.45 -33.92 19.28
CA MET D 133 -0.65 -34.01 18.32
C MET D 133 -1.06 -32.60 17.92
N GLY D 134 -1.38 -32.40 16.65
CA GLY D 134 -1.78 -31.11 16.15
C GLY D 134 -3.07 -31.05 15.38
N ASN D 135 -3.81 -32.15 15.28
CA ASN D 135 -5.06 -32.18 14.53
C ASN D 135 -6.17 -31.68 15.43
N GLY D 136 -6.53 -30.40 15.29
CA GLY D 136 -7.55 -29.85 16.15
C GLY D 136 -7.02 -29.61 17.55
N CYS D 137 -7.40 -30.51 18.45
CA CYS D 137 -6.90 -30.54 19.82
C CYS D 137 -5.39 -30.66 19.88
N PHE D 138 -4.84 -30.42 21.07
CA PHE D 138 -3.41 -30.54 21.33
C PHE D 138 -3.23 -31.55 22.46
N LYS D 139 -3.08 -32.83 22.10
CA LYS D 139 -3.03 -33.88 23.09
C LYS D 139 -1.75 -33.80 23.92
N ILE D 140 -1.91 -33.85 25.24
CA ILE D 140 -0.79 -33.80 26.18
C ILE D 140 -0.88 -35.04 27.06
N TYR D 141 0.15 -35.86 27.06
CA TYR D 141 0.08 -37.11 27.79
C TYR D 141 0.38 -36.95 29.28
N HIS D 142 0.91 -35.79 29.70
CA HIS D 142 1.35 -35.63 31.08
C HIS D 142 0.14 -35.64 32.02
N LYS D 143 -0.06 -36.76 32.70
CA LYS D 143 -1.19 -36.94 33.62
C LYS D 143 -0.97 -36.05 34.83
N CYS D 144 -1.74 -34.97 34.91
CA CYS D 144 -1.65 -34.08 36.05
C CYS D 144 -3.00 -33.39 36.23
N ASP D 145 -3.03 -32.36 37.06
CA ASP D 145 -4.24 -31.72 37.52
C ASP D 145 -4.29 -30.25 37.05
N ASN D 146 -5.24 -29.51 37.61
CA ASN D 146 -5.45 -28.12 37.20
C ASN D 146 -4.23 -27.24 37.49
N ALA D 147 -3.38 -27.64 38.43
CA ALA D 147 -2.19 -26.83 38.72
C ALA D 147 -1.14 -26.96 37.62
N CYS D 148 -0.98 -28.16 37.06
CA CYS D 148 -0.05 -28.32 35.94
C CYS D 148 -0.51 -27.56 34.71
N ILE D 149 -1.81 -27.59 34.43
CA ILE D 149 -2.34 -26.79 33.32
C ILE D 149 -2.23 -25.30 33.65
N GLU D 150 -2.34 -24.95 34.93
CA GLU D 150 -2.10 -23.57 35.33
C GLU D 150 -0.67 -23.15 35.02
N SER D 151 0.30 -24.04 35.29
CA SER D 151 1.69 -23.78 34.96
C SER D 151 1.88 -23.68 33.44
N ILE D 152 1.11 -24.46 32.68
CA ILE D 152 1.08 -24.31 31.22
C ILE D 152 0.58 -22.92 30.85
N ARG D 153 -0.50 -22.45 31.50
CA ARG D 153 -0.99 -21.09 31.30
C ARG D 153 -0.02 -20.05 31.83
N ASN D 154 0.75 -20.38 32.86
CA ASN D 154 1.64 -19.40 33.49
C ASN D 154 2.97 -19.26 32.77
N GLU D 155 3.20 -20.05 31.71
CA GLU D 155 4.50 -20.18 31.03
C GLU D 155 5.64 -20.46 31.99
N THR D 156 5.38 -21.24 33.04
CA THR D 156 6.41 -21.67 34.00
C THR D 156 6.22 -23.16 34.21
N TYR D 157 6.83 -23.98 33.37
CA TYR D 157 6.61 -25.41 33.41
C TYR D 157 7.96 -26.12 33.50
N ASP D 158 7.99 -27.22 34.26
CA ASP D 158 9.24 -27.81 34.70
C ASP D 158 9.68 -29.06 33.94
N HIS D 159 8.88 -29.53 32.97
CA HIS D 159 9.25 -30.62 32.07
C HIS D 159 9.56 -31.92 32.83
N ASN D 160 8.57 -32.37 33.61
CA ASN D 160 8.69 -33.61 34.38
C ASN D 160 8.09 -34.74 33.56
N VAL D 161 8.96 -35.55 32.96
CA VAL D 161 8.55 -36.57 32.01
C VAL D 161 8.39 -37.91 32.72
N TYR D 162 7.23 -38.54 32.53
CA TYR D 162 7.04 -39.91 32.99
C TYR D 162 7.82 -40.84 32.07
N ARG D 163 8.89 -41.44 32.60
CA ARG D 163 9.76 -42.30 31.82
C ARG D 163 9.34 -43.77 31.87
N ASP D 164 8.17 -44.06 32.44
CA ASP D 164 7.74 -45.45 32.62
C ASP D 164 7.43 -46.13 31.29
N GLU D 165 6.72 -45.44 30.40
CA GLU D 165 6.36 -45.99 29.11
C GLU D 165 7.04 -45.17 28.02
N ALA D 166 7.43 -45.83 26.94
CA ALA D 166 8.07 -45.14 25.82
C ALA D 166 7.06 -44.65 24.80
N LEU D 167 6.34 -45.56 24.13
CA LEU D 167 5.27 -45.15 23.24
C LEU D 167 4.00 -45.98 23.39
N ASN D 168 3.96 -46.96 24.30
CA ASN D 168 2.76 -47.75 24.49
C ASN D 168 2.59 -48.22 25.94
N GLN E 17 21.39 -15.42 25.31
CA GLN E 17 21.14 -16.84 25.09
C GLN E 17 21.76 -17.68 26.19
N LYS E 18 20.94 -18.09 27.16
CA LYS E 18 21.43 -18.86 28.29
C LYS E 18 21.80 -20.27 27.83
N ILE E 19 23.11 -20.54 27.81
CA ILE E 19 23.63 -21.85 27.31
C ILE E 19 23.81 -22.79 28.50
N PRO E 20 23.62 -24.12 28.33
CA PRO E 20 23.70 -25.07 29.46
C PRO E 20 25.11 -25.22 30.07
N GLY E 21 25.25 -26.10 31.06
CA GLY E 21 26.53 -26.27 31.77
C GLY E 21 27.68 -26.75 30.90
N ASN E 22 28.92 -26.51 31.33
CA ASN E 22 30.13 -26.91 30.54
C ASN E 22 30.12 -28.42 30.31
N ASP E 23 30.03 -29.21 31.39
CA ASP E 23 30.10 -30.68 31.25
C ASP E 23 29.07 -31.11 30.21
N ASN E 24 27.79 -30.85 30.47
CA ASN E 24 26.72 -31.19 29.50
C ASN E 24 26.80 -32.67 29.17
N SER E 25 27.38 -33.50 30.05
CA SER E 25 27.61 -34.94 29.74
C SER E 25 28.30 -35.03 28.38
N THR E 26 29.06 -34.00 27.99
CA THR E 26 29.74 -33.94 26.66
C THR E 26 28.78 -34.44 25.57
N ALA E 27 27.59 -33.83 25.45
CA ALA E 27 26.64 -34.20 24.37
C ALA E 27 25.63 -33.06 24.20
N THR E 28 25.99 -31.97 23.52
CA THR E 28 25.08 -30.79 23.44
C THR E 28 25.52 -29.75 22.41
N LEU E 29 24.72 -28.69 22.23
CA LEU E 29 25.04 -27.57 21.30
C LEU E 29 24.04 -26.44 21.54
N CYS E 30 23.72 -25.61 20.52
CA CYS E 30 22.82 -24.44 20.70
C CYS E 30 22.61 -23.66 19.38
N LEU E 31 21.88 -22.53 19.41
CA LEU E 31 21.70 -21.69 18.22
C LEU E 31 21.17 -20.33 18.66
N GLY E 32 21.39 -19.32 17.84
CA GLY E 32 20.86 -17.98 18.06
C GLY E 32 20.73 -17.26 16.75
N HIS E 33 20.36 -15.98 16.82
CA HIS E 33 20.34 -15.14 15.61
C HIS E 33 21.25 -13.92 15.68
N HIS E 34 21.04 -13.00 16.63
CA HIS E 34 21.45 -11.62 16.37
C HIS E 34 21.41 -10.80 17.65
N ALA E 35 22.17 -9.71 17.67
CA ALA E 35 22.03 -8.55 18.56
C ALA E 35 23.05 -7.49 18.17
N VAL E 36 22.77 -6.25 18.57
CA VAL E 36 23.73 -5.14 18.57
C VAL E 36 23.25 -4.11 19.58
N PRO E 37 24.13 -3.61 20.47
CA PRO E 37 23.67 -2.71 21.54
C PRO E 37 23.75 -1.22 21.17
N ASN E 38 23.06 -0.84 20.10
CA ASN E 38 23.02 0.56 19.70
C ASN E 38 21.61 1.13 19.78
N GLY E 39 20.64 0.53 19.10
CA GLY E 39 19.25 0.97 19.19
C GLY E 39 18.88 2.07 18.23
N THR E 40 17.81 1.86 17.44
CA THR E 40 17.28 2.88 16.56
C THR E 40 15.78 2.67 16.44
N ILE E 41 15.00 3.71 16.71
CA ILE E 41 13.55 3.60 16.81
C ILE E 41 12.93 3.92 15.46
N VAL E 42 12.16 2.98 14.92
CA VAL E 42 11.43 3.16 13.67
C VAL E 42 9.97 2.83 13.89
N LYS E 43 9.14 3.19 12.91
CA LYS E 43 7.70 3.03 12.96
C LYS E 43 7.26 1.91 12.03
N THR E 44 6.34 1.07 12.50
CA THR E 44 5.77 0.00 11.69
C THR E 44 4.27 0.22 11.56
N ILE E 45 3.57 -0.79 11.01
CA ILE E 45 2.07 -0.72 10.88
C ILE E 45 1.43 -1.15 12.19
N CYS E 46 2.09 -2.04 12.96
CA CYS E 46 1.58 -2.42 14.30
C CYS E 46 1.97 -1.37 15.34
N ASN E 47 3.28 -1.20 15.60
CA ASN E 47 3.75 -0.27 16.66
C ASN E 47 4.38 0.99 16.07
N ASP E 48 4.54 2.04 16.86
CA ASP E 48 5.21 3.26 16.42
C ASP E 48 6.55 3.49 17.11
N ARG E 49 6.94 2.63 18.05
CA ARG E 49 8.18 2.77 18.80
C ARG E 49 8.92 1.44 18.87
N ILE E 50 9.05 0.76 17.74
CA ILE E 50 9.82 -0.47 17.67
C ILE E 50 11.28 -0.10 17.42
N GLU E 51 12.20 -0.96 17.86
CA GLU E 51 13.63 -0.67 17.80
C GLU E 51 14.31 -1.68 16.88
N VAL E 52 15.14 -1.16 15.97
CA VAL E 52 15.83 -2.00 14.98
C VAL E 52 17.33 -1.77 15.11
N THR E 53 18.08 -2.68 14.48
CA THR E 53 19.54 -2.61 14.52
C THR E 53 20.08 -1.43 13.74
N ASN E 54 19.77 -1.38 12.44
CA ASN E 54 20.20 -0.30 11.58
C ASN E 54 18.97 0.34 10.94
N ALA E 55 19.12 1.58 10.51
CA ALA E 55 18.01 2.28 9.86
C ALA E 55 18.57 3.37 8.96
N THR E 56 18.04 3.44 7.74
CA THR E 56 18.40 4.49 6.79
C THR E 56 17.39 5.62 6.91
N GLU E 57 17.89 6.82 7.18
CA GLU E 57 17.05 8.01 7.27
C GLU E 57 16.56 8.35 5.87
N LEU E 58 15.33 7.95 5.55
CA LEU E 58 14.80 8.12 4.20
C LEU E 58 14.52 9.57 3.86
N VAL E 59 14.34 10.42 4.85
CA VAL E 59 14.00 11.82 4.64
C VAL E 59 15.25 12.66 4.86
N GLN E 60 15.64 13.41 3.83
CA GLN E 60 16.81 14.28 3.91
C GLN E 60 16.48 15.42 4.87
N ASN E 61 17.01 15.34 6.09
CA ASN E 61 16.65 16.30 7.13
C ASN E 61 17.24 17.67 6.86
N SER E 62 18.51 17.73 6.46
CA SER E 62 19.21 19.00 6.30
C SER E 62 19.95 19.02 4.97
N SER E 63 20.20 20.23 4.49
CA SER E 63 20.92 20.47 3.26
C SER E 63 22.38 20.78 3.56
N ILE E 64 23.13 21.14 2.52
CA ILE E 64 24.48 21.67 2.68
C ILE E 64 24.50 23.19 2.68
N GLY E 65 23.38 23.84 2.35
CA GLY E 65 23.27 25.27 2.46
C GLY E 65 23.78 26.06 1.27
N GLU E 66 24.15 25.42 0.17
CA GLU E 66 24.74 26.14 -0.94
C GLU E 66 24.39 25.44 -2.25
N ILE E 67 24.13 26.22 -3.29
CA ILE E 67 23.69 25.71 -4.58
C ILE E 67 24.94 25.40 -5.40
N CYS E 68 25.29 24.11 -5.48
CA CYS E 68 26.45 23.68 -6.24
C CYS E 68 26.02 23.09 -7.57
N ASP E 69 26.69 23.52 -8.65
CA ASP E 69 26.14 23.49 -10.00
C ASP E 69 27.02 22.69 -10.96
N SER E 70 27.48 21.52 -10.54
CA SER E 70 28.22 20.73 -11.52
C SER E 70 27.35 19.95 -12.51
N PRO E 71 26.30 19.20 -12.11
CA PRO E 71 25.54 18.48 -13.15
C PRO E 71 24.63 19.38 -13.97
N HIS E 72 23.93 20.32 -13.34
CA HIS E 72 23.04 21.23 -14.02
C HIS E 72 23.70 22.60 -14.13
N GLN E 73 23.67 23.17 -15.32
CA GLN E 73 24.20 24.53 -15.53
C GLN E 73 23.23 25.51 -14.87
N ILE E 74 23.62 26.01 -13.71
CA ILE E 74 22.74 26.85 -12.89
C ILE E 74 23.20 28.30 -13.05
N LEU E 75 22.31 29.14 -13.56
CA LEU E 75 22.61 30.54 -13.78
C LEU E 75 22.41 31.34 -12.49
N ASP E 76 23.20 32.39 -12.34
CA ASP E 76 23.32 33.11 -11.08
C ASP E 76 22.16 34.08 -10.87
N GLY E 77 22.12 34.66 -9.68
CA GLY E 77 21.11 35.63 -9.29
C GLY E 77 21.65 37.04 -9.37
N GLU E 78 22.12 37.55 -8.23
CA GLU E 78 22.77 38.86 -8.11
C GLU E 78 21.82 40.00 -8.50
N ASN E 79 20.77 40.13 -7.69
CA ASN E 79 19.86 41.27 -7.66
C ASN E 79 19.04 41.42 -8.94
N CYS E 80 18.94 40.36 -9.75
CA CYS E 80 18.16 40.40 -10.97
C CYS E 80 17.33 39.13 -11.09
N THR E 81 16.05 39.30 -11.43
CA THR E 81 15.13 38.19 -11.61
C THR E 81 15.20 37.65 -13.03
N LEU E 82 14.52 36.52 -13.26
CA LEU E 82 14.46 35.96 -14.61
C LEU E 82 13.69 36.89 -15.55
N ILE E 83 12.61 37.49 -15.07
CA ILE E 83 11.87 38.42 -15.90
C ILE E 83 12.68 39.70 -16.12
N ASP E 84 13.54 40.06 -15.16
CA ASP E 84 14.48 41.15 -15.39
C ASP E 84 15.47 40.82 -16.50
N ALA E 85 15.98 39.58 -16.51
CA ALA E 85 16.90 39.16 -17.58
C ALA E 85 16.18 39.09 -18.93
N LEU E 86 14.94 38.61 -18.93
CA LEU E 86 14.15 38.55 -20.15
C LEU E 86 13.82 39.94 -20.67
N LEU E 87 13.48 40.85 -19.76
CA LEU E 87 13.32 42.26 -20.10
C LEU E 87 14.63 42.97 -20.37
N GLY E 88 15.78 42.34 -20.09
CA GLY E 88 17.03 43.04 -20.24
C GLY E 88 17.24 44.07 -19.16
N ASP E 89 17.45 43.60 -17.94
CA ASP E 89 17.66 44.43 -16.78
C ASP E 89 18.93 45.25 -16.97
N PRO E 90 18.88 46.59 -16.84
CA PRO E 90 20.12 47.37 -16.88
C PRO E 90 21.09 47.06 -15.76
N GLN E 91 20.63 46.46 -14.66
CA GLN E 91 21.55 46.00 -13.63
C GLN E 91 22.29 44.74 -14.06
N CYS E 92 21.70 43.95 -14.96
CA CYS E 92 22.27 42.67 -15.39
C CYS E 92 22.30 42.60 -16.91
N ASP E 93 23.38 43.12 -17.49
CA ASP E 93 23.65 42.96 -18.91
C ASP E 93 24.50 41.74 -19.21
N GLY E 94 24.98 41.05 -18.18
CA GLY E 94 25.89 39.95 -18.38
C GLY E 94 25.20 38.61 -18.43
N PHE E 95 23.87 38.62 -18.58
CA PHE E 95 23.11 37.38 -18.64
C PHE E 95 22.37 37.21 -19.95
N GLN E 96 22.55 38.11 -20.92
CA GLN E 96 21.93 37.98 -22.22
C GLN E 96 22.59 36.85 -23.00
N ASN E 97 21.77 36.19 -23.83
CA ASN E 97 22.19 35.07 -24.69
C ASN E 97 22.80 33.92 -23.90
N LYS E 98 22.38 33.75 -22.65
CA LYS E 98 23.00 32.80 -21.74
C LYS E 98 22.06 31.61 -21.53
N LYS E 99 22.48 30.44 -22.00
CA LYS E 99 21.75 29.21 -21.74
C LYS E 99 21.86 28.84 -20.27
N TRP E 100 20.85 28.13 -19.77
CA TRP E 100 20.79 27.77 -18.36
C TRP E 100 19.83 26.62 -18.16
N ASP E 101 20.23 25.67 -17.31
CA ASP E 101 19.35 24.57 -16.96
C ASP E 101 18.51 24.88 -15.72
N LEU E 102 19.03 25.67 -14.78
CA LEU E 102 18.26 26.08 -13.62
C LEU E 102 18.52 27.55 -13.33
N PHE E 103 17.46 28.32 -13.13
CA PHE E 103 17.57 29.69 -12.70
C PHE E 103 17.33 29.75 -11.20
N VAL E 104 18.18 30.51 -10.50
CA VAL E 104 17.93 30.83 -9.09
C VAL E 104 17.70 32.34 -8.99
N GLU E 105 16.60 32.71 -8.36
CA GLU E 105 16.25 34.11 -8.15
C GLU E 105 16.55 34.48 -6.71
N ARG E 106 17.36 35.52 -6.53
CA ARG E 106 17.76 35.94 -5.19
C ARG E 106 16.60 36.61 -4.47
N SER E 107 16.54 36.40 -3.15
CA SER E 107 15.52 37.05 -2.33
C SER E 107 15.77 38.53 -2.18
N LYS E 108 16.99 39.00 -2.44
CA LYS E 108 17.34 40.40 -2.40
C LYS E 108 17.16 41.08 -3.76
N ALA E 109 16.66 40.36 -4.76
CA ALA E 109 16.51 40.91 -6.08
C ALA E 109 15.42 41.97 -6.12
N TYR E 110 15.69 43.05 -6.87
CA TYR E 110 14.74 44.15 -7.01
C TYR E 110 14.67 44.54 -8.48
N SER E 111 13.49 45.03 -8.87
CA SER E 111 13.32 45.52 -10.22
C SER E 111 14.06 46.84 -10.41
N ASN E 112 14.22 47.24 -11.67
CA ASN E 112 14.92 48.48 -11.97
C ASN E 112 14.26 49.14 -13.17
N CYS E 113 14.51 50.44 -13.29
CA CYS E 113 13.95 51.32 -14.33
C CYS E 113 12.44 51.34 -14.19
N TYR E 114 11.66 51.13 -15.25
CA TYR E 114 10.21 51.09 -15.11
C TYR E 114 9.78 49.84 -14.34
N PRO E 115 8.80 49.96 -13.46
CA PRO E 115 8.23 48.77 -12.81
C PRO E 115 7.27 48.05 -13.76
N TYR E 116 7.72 46.91 -14.28
CA TYR E 116 6.89 46.11 -15.16
C TYR E 116 5.81 45.41 -14.36
N ASP E 117 4.61 45.33 -14.94
CA ASP E 117 3.48 44.63 -14.33
C ASP E 117 2.91 43.68 -15.37
N VAL E 118 3.48 42.49 -15.47
CA VAL E 118 3.00 41.48 -16.40
C VAL E 118 1.65 40.99 -15.89
N PRO E 119 0.58 41.11 -16.68
CA PRO E 119 -0.76 40.77 -16.18
C PRO E 119 -0.95 39.30 -15.87
N ASP E 120 -0.11 38.43 -16.43
CA ASP E 120 -0.10 37.01 -16.13
C ASP E 120 1.33 36.60 -15.81
N TYR E 121 1.92 37.33 -14.84
CA TYR E 121 3.35 37.28 -14.57
C TYR E 121 3.84 35.87 -14.24
N ALA E 122 3.06 35.12 -13.46
CA ALA E 122 3.45 33.75 -13.14
C ALA E 122 3.44 32.86 -14.38
N SER E 123 2.51 33.11 -15.30
CA SER E 123 2.45 32.32 -16.53
C SER E 123 3.67 32.58 -17.41
N LEU E 124 4.05 33.84 -17.59
CA LEU E 124 5.25 34.16 -18.37
C LEU E 124 6.51 33.65 -17.69
N ARG E 125 6.55 33.74 -16.36
CA ARG E 125 7.67 33.23 -15.59
C ARG E 125 7.84 31.73 -15.79
N SER E 126 6.73 30.98 -15.69
CA SER E 126 6.80 29.54 -15.91
C SER E 126 7.10 29.20 -17.36
N LEU E 127 6.62 30.01 -18.31
CA LEU E 127 6.89 29.75 -19.72
C LEU E 127 8.37 29.89 -20.05
N VAL E 128 8.99 31.00 -19.64
CA VAL E 128 10.42 31.17 -19.90
C VAL E 128 11.26 30.24 -19.02
N ALA E 129 10.76 29.85 -17.85
CA ALA E 129 11.45 28.85 -17.05
C ALA E 129 11.48 27.51 -17.75
N SER E 130 10.36 27.11 -18.38
CA SER E 130 10.33 25.88 -19.13
C SER E 130 11.15 25.99 -20.42
N SER E 131 11.27 27.21 -20.96
CA SER E 131 12.13 27.47 -22.11
C SER E 131 13.58 27.19 -21.74
N GLY E 132 14.13 28.00 -20.83
CA GLY E 132 15.47 27.79 -20.33
C GLY E 132 16.56 27.91 -21.34
N THR E 133 16.35 28.69 -22.41
CA THR E 133 17.36 28.79 -23.45
C THR E 133 17.26 30.20 -24.03
N LEU E 134 18.10 31.10 -23.52
CA LEU E 134 18.11 32.49 -23.98
C LEU E 134 19.04 32.62 -25.18
N GLU E 135 18.46 32.88 -26.35
CA GLU E 135 19.22 33.39 -27.50
C GLU E 135 18.34 34.46 -28.13
N PHE E 136 18.59 35.70 -27.78
CA PHE E 136 17.81 36.80 -28.37
C PHE E 136 18.37 37.05 -29.76
N LYS E 137 17.77 36.36 -30.75
CA LYS E 137 18.17 36.59 -32.16
C LYS E 137 17.70 37.99 -32.51
N ASN E 138 18.64 38.89 -32.76
CA ASN E 138 18.30 40.30 -32.95
C ASN E 138 17.70 40.46 -34.34
N GLU E 139 16.42 40.14 -34.45
CA GLU E 139 15.73 40.15 -35.73
C GLU E 139 15.45 41.58 -36.19
N SER E 140 15.75 41.85 -37.46
CA SER E 140 15.47 43.15 -38.03
C SER E 140 13.98 43.30 -38.28
N PHE E 141 13.47 44.51 -38.07
CA PHE E 141 12.05 44.79 -38.24
C PHE E 141 11.83 45.94 -39.20
N ASN E 142 10.59 46.43 -39.29
CA ASN E 142 10.22 47.52 -40.17
C ASN E 142 9.59 48.67 -39.40
N TRP E 143 10.16 49.00 -38.23
CA TRP E 143 9.70 50.14 -37.44
C TRP E 143 10.03 51.42 -38.19
N THR E 144 9.02 52.01 -38.82
CA THR E 144 9.21 53.20 -39.64
C THR E 144 8.38 54.35 -39.05
N GLY E 145 8.99 55.52 -38.93
CA GLY E 145 8.30 56.66 -38.37
C GLY E 145 8.15 56.65 -36.87
N VAL E 146 9.00 55.92 -36.16
CA VAL E 146 8.96 55.86 -34.70
C VAL E 146 10.34 56.23 -34.16
N THR E 147 10.34 56.66 -32.90
CA THR E 147 11.58 57.02 -32.21
C THR E 147 11.99 55.83 -31.34
N GLN E 148 12.61 54.84 -31.98
CA GLN E 148 13.14 53.69 -31.26
C GLN E 148 14.42 54.09 -30.54
N ASN E 149 14.98 53.13 -29.78
CA ASN E 149 16.14 53.36 -28.91
C ASN E 149 15.90 54.51 -27.95
N GLY E 150 14.69 54.56 -27.38
CA GLY E 150 14.35 55.60 -26.44
C GLY E 150 15.08 55.43 -25.12
N THR E 151 15.20 56.53 -24.39
CA THR E 151 15.93 56.57 -23.13
C THR E 151 15.00 56.96 -22.00
N SER E 152 15.04 56.19 -20.91
CA SER E 152 14.27 56.51 -19.71
C SER E 152 15.14 57.32 -18.75
N SER E 153 14.65 57.48 -17.52
CA SER E 153 15.38 58.18 -16.47
C SER E 153 15.73 57.30 -15.29
N ALA E 154 14.89 56.31 -14.98
CA ALA E 154 15.15 55.42 -13.85
C ALA E 154 16.07 54.26 -14.20
N CYS E 155 16.39 54.08 -15.48
CA CYS E 155 17.42 53.12 -15.85
C CYS E 155 18.80 53.60 -15.43
N ILE E 156 19.64 52.67 -14.99
CA ILE E 156 21.04 52.94 -14.73
C ILE E 156 21.88 51.91 -15.48
N ARG E 157 22.71 52.38 -16.42
CA ARG E 157 23.56 51.50 -17.22
C ARG E 157 24.78 52.31 -17.64
N GLY E 158 25.83 52.20 -16.82
CA GLY E 158 27.00 53.04 -17.04
C GLY E 158 26.74 54.52 -16.87
N SER E 159 25.80 54.88 -15.98
CA SER E 159 25.39 56.26 -15.72
C SER E 159 24.93 56.98 -16.98
N SER E 160 24.21 56.25 -17.84
CA SER E 160 23.76 56.79 -19.12
C SER E 160 22.24 56.72 -19.31
N SER E 161 21.51 56.02 -18.43
CA SER E 161 20.06 55.89 -18.47
C SER E 161 19.57 55.32 -19.80
N SER E 162 19.98 54.08 -20.06
CA SER E 162 19.63 53.38 -21.28
C SER E 162 18.55 52.35 -21.00
N PHE E 163 17.57 52.28 -21.90
CA PHE E 163 16.37 51.48 -21.70
C PHE E 163 16.69 49.99 -21.78
N PHE E 164 15.63 49.17 -21.74
CA PHE E 164 15.74 47.72 -21.80
C PHE E 164 16.49 47.27 -23.05
N SER E 165 17.39 46.32 -22.86
CA SER E 165 18.25 45.85 -23.95
C SER E 165 17.58 44.80 -24.81
N ARG E 166 16.62 44.06 -24.26
CA ARG E 166 16.05 42.93 -24.98
C ARG E 166 14.75 43.29 -25.69
N LEU E 167 14.34 44.56 -25.65
CA LEU E 167 13.12 45.04 -26.29
C LEU E 167 13.14 46.56 -26.35
N ASN E 168 12.28 47.10 -27.22
CA ASN E 168 12.42 48.45 -27.73
C ASN E 168 11.32 49.38 -27.22
N TRP E 169 11.69 50.63 -26.94
CA TRP E 169 10.75 51.67 -26.53
C TRP E 169 10.44 52.55 -27.73
N LEU E 170 9.17 52.60 -28.12
CA LEU E 170 8.75 53.33 -29.31
C LEU E 170 7.83 54.47 -28.94
N THR E 171 8.18 55.67 -29.38
CA THR E 171 7.36 56.86 -29.18
C THR E 171 7.10 57.54 -30.51
N HIS E 172 6.55 58.76 -30.47
CA HIS E 172 6.32 59.51 -31.69
C HIS E 172 7.63 59.96 -32.32
N LEU E 173 7.62 60.05 -33.64
CA LEU E 173 8.73 60.61 -34.41
C LEU E 173 8.21 61.73 -35.27
N ASN E 174 8.85 62.91 -35.16
CA ASN E 174 8.42 64.14 -35.82
C ASN E 174 6.98 64.49 -35.47
N TYR E 175 6.61 64.28 -34.20
CA TYR E 175 5.27 64.52 -33.67
C TYR E 175 4.20 63.73 -34.44
N THR E 176 4.53 62.48 -34.77
CA THR E 176 3.64 61.63 -35.56
C THR E 176 3.93 60.18 -35.23
N TYR E 177 2.90 59.44 -34.85
CA TYR E 177 3.02 58.01 -34.58
C TYR E 177 2.15 57.25 -35.57
N PRO E 178 2.72 56.75 -36.66
CA PRO E 178 1.91 55.99 -37.63
C PRO E 178 1.47 54.65 -37.07
N ALA E 179 0.35 54.16 -37.60
CA ALA E 179 -0.19 52.86 -37.21
C ALA E 179 0.72 51.77 -37.74
N LEU E 180 1.53 51.19 -36.86
CA LEU E 180 2.52 50.22 -37.28
C LEU E 180 1.86 48.91 -37.70
N ASN E 181 2.37 48.33 -38.78
CA ASN E 181 1.73 47.19 -39.43
C ASN E 181 2.78 46.15 -39.83
N VAL E 182 3.78 45.95 -38.99
CA VAL E 182 4.91 45.10 -39.36
C VAL E 182 4.51 43.64 -39.21
N THR E 183 5.30 42.77 -39.86
CA THR E 183 5.10 41.33 -39.76
C THR E 183 6.41 40.63 -40.06
N MET E 184 6.63 39.50 -39.41
CA MET E 184 7.81 38.67 -39.67
C MET E 184 7.45 37.20 -39.53
N PRO E 185 7.38 36.45 -40.64
CA PRO E 185 6.90 35.07 -40.58
C PRO E 185 7.94 34.13 -39.99
N ASN E 186 7.46 32.93 -39.64
CA ASN E 186 8.31 31.87 -39.09
C ASN E 186 8.82 31.04 -40.26
N LYS E 187 9.91 31.49 -40.86
CA LYS E 187 10.56 30.74 -41.92
C LYS E 187 11.52 29.68 -41.38
N GLU E 188 11.75 29.67 -40.07
CA GLU E 188 12.63 28.69 -39.46
C GLU E 188 11.83 27.42 -39.11
N GLN E 189 12.44 26.53 -38.33
CA GLN E 189 11.80 25.29 -37.90
C GLN E 189 11.73 25.18 -36.39
N PHE E 190 11.58 26.32 -35.70
CA PHE E 190 11.40 26.30 -34.26
C PHE E 190 10.46 27.43 -33.86
N ASP E 191 9.85 27.27 -32.69
CA ASP E 191 8.95 28.28 -32.16
C ASP E 191 9.73 29.53 -31.79
N LYS E 192 9.21 30.70 -32.17
CA LYS E 192 9.86 31.97 -31.84
C LYS E 192 9.00 32.71 -30.83
N LEU E 193 9.43 32.72 -29.57
CA LEU E 193 8.78 33.54 -28.56
C LEU E 193 9.08 35.01 -28.79
N TYR E 194 8.03 35.83 -28.86
CA TYR E 194 8.15 37.26 -29.00
C TYR E 194 7.68 37.92 -27.70
N ILE E 195 8.53 38.74 -27.11
CA ILE E 195 8.23 39.43 -25.86
C ILE E 195 8.00 40.90 -26.18
N TRP E 196 6.76 41.35 -26.07
CA TRP E 196 6.40 42.74 -26.33
C TRP E 196 5.64 43.28 -25.14
N GLY E 197 5.28 44.56 -25.20
CA GLY E 197 4.55 45.17 -24.11
C GLY E 197 3.69 46.33 -24.58
N VAL E 198 2.88 46.83 -23.65
CA VAL E 198 2.12 48.06 -23.82
C VAL E 198 2.35 48.94 -22.61
N HIS E 199 2.46 50.25 -22.84
CA HIS E 199 2.85 51.20 -21.81
C HIS E 199 1.62 51.83 -21.18
N HIS E 200 1.56 51.82 -19.85
CA HIS E 200 0.51 52.47 -19.09
C HIS E 200 1.06 53.74 -18.47
N PRO E 201 0.83 54.90 -19.05
CA PRO E 201 1.43 56.14 -18.54
C PRO E 201 0.76 56.60 -17.26
N GLY E 202 1.23 57.75 -16.77
CA GLY E 202 0.72 58.30 -15.53
C GLY E 202 -0.21 59.48 -15.70
N THR E 203 -0.39 59.94 -16.93
CA THR E 203 -1.22 61.12 -17.19
C THR E 203 -1.69 61.03 -18.63
N ASP E 204 -2.93 61.45 -18.89
CA ASP E 204 -3.41 61.60 -20.26
C ASP E 204 -2.56 62.58 -21.06
N LYS E 205 -2.12 63.65 -20.42
CA LYS E 205 -1.18 64.58 -21.04
C LYS E 205 0.14 63.88 -21.37
N ASP E 206 0.58 62.97 -20.50
CA ASP E 206 1.79 62.20 -20.78
C ASP E 206 1.60 61.28 -21.98
N GLN E 207 0.42 60.65 -22.08
CA GLN E 207 0.11 59.79 -23.23
C GLN E 207 0.08 60.60 -24.53
N ILE E 208 -0.54 61.78 -24.50
CA ILE E 208 -0.62 62.60 -25.71
C ILE E 208 0.75 63.14 -26.10
N PHE E 209 1.51 63.65 -25.13
CA PHE E 209 2.79 64.27 -25.41
C PHE E 209 3.86 63.25 -25.78
N LEU E 210 3.74 62.01 -25.30
CA LEU E 210 4.87 61.08 -25.37
C LEU E 210 4.73 60.04 -26.47
N TYR E 211 3.63 59.28 -26.52
CA TYR E 211 3.52 58.17 -27.46
C TYR E 211 2.81 58.53 -28.75
N ALA E 212 1.54 58.92 -28.67
CA ALA E 212 0.74 59.16 -29.86
C ALA E 212 -0.31 60.21 -29.52
N GLN E 213 -1.32 60.33 -30.38
CA GLN E 213 -2.42 61.25 -30.13
C GLN E 213 -3.61 60.50 -29.55
N SER E 214 -4.19 61.08 -28.50
CA SER E 214 -5.34 60.54 -27.74
C SER E 214 -4.92 59.18 -27.15
N SER E 215 -5.81 58.19 -27.17
CA SER E 215 -5.53 56.90 -26.55
C SER E 215 -4.75 56.01 -27.52
N GLY E 216 -4.63 54.73 -27.17
CA GLY E 216 -3.96 53.77 -28.02
C GLY E 216 -4.85 52.58 -28.31
N ARG E 217 -4.37 51.72 -29.21
CA ARG E 217 -5.13 50.55 -29.63
C ARG E 217 -4.13 49.56 -30.21
N ILE E 218 -3.98 48.41 -29.56
CA ILE E 218 -2.90 47.47 -29.86
C ILE E 218 -3.49 46.07 -29.99
N THR E 219 -3.24 45.41 -31.11
CA THR E 219 -3.63 44.02 -31.32
C THR E 219 -2.49 43.26 -31.98
N VAL E 220 -2.04 42.19 -31.35
CA VAL E 220 -0.95 41.38 -31.86
C VAL E 220 -1.51 40.00 -32.16
N SER E 221 -1.60 39.67 -33.44
CA SER E 221 -2.31 38.49 -33.89
C SER E 221 -1.38 37.57 -34.66
N THR E 222 -1.45 36.28 -34.34
CA THR E 222 -0.79 35.23 -35.09
C THR E 222 -1.83 34.69 -36.09
N LYS E 223 -1.44 33.71 -36.91
CA LYS E 223 -2.43 33.01 -37.73
C LYS E 223 -3.40 32.23 -36.85
N ARG E 224 -2.88 31.53 -35.84
CA ARG E 224 -3.70 30.59 -35.08
C ARG E 224 -4.43 31.23 -33.92
N SER E 225 -4.06 32.43 -33.50
CA SER E 225 -4.69 33.07 -32.35
C SER E 225 -4.51 34.58 -32.49
N GLN E 226 -4.96 35.32 -31.48
CA GLN E 226 -4.81 36.77 -31.47
C GLN E 226 -4.75 37.25 -30.03
N GLN E 227 -4.00 38.33 -29.82
CA GLN E 227 -3.91 39.00 -28.52
C GLN E 227 -4.09 40.48 -28.74
N ALA E 228 -4.99 41.09 -27.99
CA ALA E 228 -5.25 42.51 -28.12
C ALA E 228 -5.30 43.14 -26.73
N VAL E 229 -4.91 44.40 -26.64
CA VAL E 229 -4.90 45.12 -25.37
C VAL E 229 -5.07 46.60 -25.65
N ILE E 230 -5.90 47.26 -24.86
CA ILE E 230 -6.05 48.71 -24.87
C ILE E 230 -5.26 49.26 -23.69
N PRO E 231 -4.38 50.23 -23.89
CA PRO E 231 -3.61 50.78 -22.77
C PRO E 231 -4.49 51.54 -21.79
N ASN E 232 -4.10 51.48 -20.52
CA ASN E 232 -4.84 52.12 -19.44
C ASN E 232 -4.02 53.25 -18.84
N ILE E 233 -4.67 54.39 -18.62
CA ILE E 233 -4.00 55.59 -18.12
C ILE E 233 -4.47 55.81 -16.69
N GLY E 234 -3.52 55.78 -15.75
CA GLY E 234 -3.84 55.91 -14.34
C GLY E 234 -2.85 56.77 -13.59
N SER E 235 -2.82 56.64 -12.26
CA SER E 235 -1.94 57.46 -11.41
C SER E 235 -1.27 56.57 -10.36
N ARG E 236 -0.62 55.50 -10.83
CA ARG E 236 -0.04 54.47 -9.97
C ARG E 236 0.97 55.07 -8.98
N PRO E 237 1.14 54.43 -7.82
CA PRO E 237 2.14 54.91 -6.86
C PRO E 237 3.56 54.82 -7.42
N ARG E 238 4.40 55.75 -6.97
CA ARG E 238 5.74 55.90 -7.52
C ARG E 238 6.66 54.80 -7.01
N ILE E 239 7.34 54.13 -7.93
CA ILE E 239 8.51 53.32 -7.62
C ILE E 239 9.69 53.95 -8.34
N ARG E 240 10.77 54.21 -7.58
CA ARG E 240 11.98 54.94 -8.01
C ARG E 240 11.65 56.13 -8.91
N ASP E 241 10.72 56.97 -8.44
CA ASP E 241 10.33 58.22 -9.17
C ASP E 241 9.67 57.92 -10.52
N ILE E 242 8.90 56.83 -10.60
CA ILE E 242 8.19 56.50 -11.84
C ILE E 242 6.71 56.32 -11.52
N PRO E 243 5.84 57.26 -11.92
CA PRO E 243 4.40 57.11 -11.69
C PRO E 243 3.69 56.39 -12.84
N SER E 244 4.24 55.24 -13.26
CA SER E 244 3.73 54.54 -14.42
C SER E 244 4.03 53.06 -14.30
N ARG E 245 3.40 52.29 -15.18
CA ARG E 245 3.64 50.86 -15.27
C ARG E 245 3.72 50.47 -16.74
N ILE E 246 4.37 49.33 -17.00
CA ILE E 246 4.29 48.68 -18.30
C ILE E 246 3.83 47.25 -18.07
N SER E 247 3.14 46.69 -19.05
CA SER E 247 2.62 45.33 -18.98
C SER E 247 3.11 44.55 -20.18
N ILE E 248 3.65 43.36 -19.92
CA ILE E 248 4.42 42.59 -20.88
C ILE E 248 3.58 41.42 -21.36
N TYR E 249 3.60 41.16 -22.68
CA TYR E 249 2.83 40.08 -23.27
C TYR E 249 3.73 39.26 -24.19
N TRP E 250 3.32 38.01 -24.40
CA TRP E 250 4.10 37.04 -25.17
C TRP E 250 3.23 36.39 -26.24
N THR E 251 3.84 36.13 -27.40
CA THR E 251 3.12 35.80 -28.63
C THR E 251 3.80 34.62 -29.34
N ILE E 252 3.87 33.48 -28.64
CA ILE E 252 4.42 32.23 -29.17
C ILE E 252 3.91 31.94 -30.58
N VAL E 253 4.83 31.69 -31.50
CA VAL E 253 4.53 31.50 -32.92
C VAL E 253 5.07 30.14 -33.36
N LYS E 254 4.19 29.30 -33.90
CA LYS E 254 4.55 28.00 -34.43
C LYS E 254 5.21 28.16 -35.81
N PRO E 255 5.98 27.16 -36.26
CA PRO E 255 6.54 27.22 -37.61
C PRO E 255 5.45 27.26 -38.67
N GLY E 256 5.66 28.11 -39.68
CA GLY E 256 4.68 28.37 -40.69
C GLY E 256 3.71 29.48 -40.33
N ASP E 257 3.36 29.62 -39.05
CA ASP E 257 2.51 30.71 -38.61
C ASP E 257 3.26 32.03 -38.71
N ILE E 258 2.49 33.10 -38.90
CA ILE E 258 3.03 34.43 -39.17
C ILE E 258 2.54 35.38 -38.08
N LEU E 259 3.48 36.06 -37.43
CA LEU E 259 3.15 37.08 -36.43
C LEU E 259 2.97 38.43 -37.11
N LEU E 260 2.06 39.23 -36.56
CA LEU E 260 1.75 40.55 -37.11
C LEU E 260 1.56 41.50 -35.94
N ILE E 261 2.58 42.32 -35.66
CA ILE E 261 2.42 43.40 -34.69
C ILE E 261 1.59 44.49 -35.33
N ASN E 262 0.41 44.76 -34.77
CA ASN E 262 -0.45 45.83 -35.23
C ASN E 262 -0.70 46.76 -34.05
N SER E 263 -0.31 48.02 -34.18
CA SER E 263 -0.45 48.95 -33.07
C SER E 263 -0.75 50.34 -33.60
N THR E 264 -1.44 51.11 -32.77
CA THR E 264 -1.74 52.51 -33.04
C THR E 264 -1.21 53.43 -31.95
N GLY E 265 -1.14 52.95 -30.71
CA GLY E 265 -0.62 53.75 -29.62
C GLY E 265 0.60 53.12 -28.96
N ASN E 266 0.50 52.86 -27.65
CA ASN E 266 1.62 52.44 -26.82
C ASN E 266 2.12 51.08 -27.26
N LEU E 267 3.30 51.04 -27.88
CA LEU E 267 3.90 49.78 -28.30
C LEU E 267 5.28 49.66 -27.67
N ILE E 268 5.41 48.78 -26.70
CA ILE E 268 6.70 48.44 -26.12
C ILE E 268 7.12 47.16 -26.85
N ALA E 269 7.75 47.35 -28.02
CA ALA E 269 7.97 46.37 -29.07
C ALA E 269 9.25 45.57 -28.83
N PRO E 270 9.32 44.33 -29.31
CA PRO E 270 10.57 43.57 -29.19
C PRO E 270 11.61 44.04 -30.20
N ARG E 271 12.87 43.77 -29.87
CA ARG E 271 13.96 44.00 -30.80
C ARG E 271 14.28 42.77 -31.63
N GLY E 272 13.49 41.70 -31.48
CA GLY E 272 13.72 40.46 -32.19
C GLY E 272 12.81 39.37 -31.67
N TYR E 273 13.36 38.21 -31.35
CA TYR E 273 12.57 37.14 -30.77
C TYR E 273 13.45 36.31 -29.85
N PHE E 274 12.81 35.64 -28.89
CA PHE E 274 13.49 34.74 -27.97
C PHE E 274 13.29 33.32 -28.44
N LYS E 275 14.39 32.59 -28.62
CA LYS E 275 14.29 31.20 -29.02
C LYS E 275 13.76 30.35 -27.88
N ILE E 276 12.76 29.53 -28.17
CA ILE E 276 12.15 28.64 -27.18
C ILE E 276 12.18 27.21 -27.72
N ARG E 277 12.62 26.28 -26.88
CA ARG E 277 12.51 24.86 -27.18
C ARG E 277 12.05 24.13 -25.93
N SER E 278 11.45 22.96 -26.13
CA SER E 278 10.91 22.15 -25.03
C SER E 278 12.05 21.49 -24.27
N GLY E 279 12.75 22.31 -23.48
CA GLY E 279 13.83 21.84 -22.64
C GLY E 279 13.33 21.36 -21.29
N LYS E 280 14.29 21.01 -20.45
CA LYS E 280 14.02 20.49 -19.11
C LYS E 280 14.49 21.47 -18.03
N SER E 281 14.25 22.75 -18.25
CA SER E 281 14.70 23.80 -17.33
C SER E 281 13.55 24.25 -16.42
N SER E 282 13.93 24.94 -15.35
CA SER E 282 12.97 25.44 -14.37
C SER E 282 13.56 26.63 -13.63
N ILE E 283 12.69 27.42 -13.03
CA ILE E 283 13.09 28.56 -12.22
C ILE E 283 13.05 28.12 -10.76
N MET E 284 13.78 28.83 -9.90
CA MET E 284 13.85 28.52 -8.49
C MET E 284 14.11 29.82 -7.75
N ARG E 285 13.49 29.99 -6.59
CA ARG E 285 13.68 31.19 -5.78
C ARG E 285 14.42 30.81 -4.52
N SER E 286 15.61 31.40 -4.32
CA SER E 286 16.50 30.96 -3.26
C SER E 286 17.40 32.12 -2.85
N ASP E 287 18.33 31.85 -1.93
CA ASP E 287 19.31 32.84 -1.51
C ASP E 287 20.71 32.28 -1.32
N ALA E 288 20.92 30.97 -1.52
CA ALA E 288 22.21 30.34 -1.29
C ALA E 288 23.19 30.68 -2.40
N PRO E 289 24.49 30.78 -2.07
CA PRO E 289 25.50 31.08 -3.11
C PRO E 289 25.83 29.88 -3.98
N ILE E 290 26.85 30.02 -4.83
CA ILE E 290 27.22 29.01 -5.81
C ILE E 290 28.46 28.28 -5.35
N GLY E 291 28.41 26.94 -5.38
CA GLY E 291 29.55 26.12 -4.97
C GLY E 291 29.84 24.97 -5.91
N LYS E 292 30.56 23.94 -5.44
CA LYS E 292 30.93 22.78 -6.24
C LYS E 292 30.57 21.49 -5.50
N CYS E 293 29.88 20.59 -6.18
CA CYS E 293 29.63 19.23 -5.69
C CYS E 293 29.57 18.29 -6.89
N LYS E 294 28.98 17.11 -6.67
CA LYS E 294 28.37 16.31 -7.72
C LYS E 294 26.98 15.92 -7.20
N SER E 295 26.02 16.82 -7.39
CA SER E 295 24.67 16.65 -6.87
C SER E 295 23.70 17.28 -7.83
N GLU E 296 22.73 16.49 -8.32
CA GLU E 296 21.83 16.92 -9.37
C GLU E 296 20.46 17.37 -8.85
N CYS E 297 20.28 17.45 -7.53
CA CYS E 297 19.03 17.88 -6.93
C CYS E 297 19.25 19.22 -6.24
N ILE E 298 18.42 20.21 -6.58
CA ILE E 298 18.56 21.56 -6.05
C ILE E 298 17.27 21.95 -5.33
N THR E 299 17.43 22.65 -4.22
CA THR E 299 16.37 23.06 -3.31
C THR E 299 16.69 24.50 -2.92
N PRO E 300 15.69 25.33 -2.58
CA PRO E 300 15.99 26.71 -2.17
C PRO E 300 16.88 26.82 -0.95
N ASN E 301 16.89 25.81 -0.07
CA ASN E 301 17.84 25.77 1.03
C ASN E 301 19.24 25.37 0.61
N GLY E 302 19.41 24.94 -0.65
CA GLY E 302 20.70 24.45 -1.11
C GLY E 302 20.57 23.05 -1.68
N SER E 303 21.58 22.62 -2.43
CA SER E 303 21.51 21.31 -3.08
C SER E 303 21.63 20.19 -2.05
N ILE E 304 20.70 19.25 -2.10
CA ILE E 304 20.78 18.06 -1.24
C ILE E 304 21.19 16.88 -2.10
N PRO E 305 21.93 15.92 -1.56
CA PRO E 305 22.22 14.70 -2.33
C PRO E 305 20.97 13.83 -2.41
N ASN E 306 20.63 13.42 -3.63
CA ASN E 306 19.43 12.61 -3.83
C ASN E 306 19.70 11.13 -3.71
N ASP E 307 20.36 10.74 -2.62
CA ASP E 307 20.50 9.34 -2.25
C ASP E 307 19.43 8.92 -1.25
N LYS E 308 18.33 9.66 -1.19
CA LYS E 308 17.20 9.41 -0.31
C LYS E 308 15.93 9.38 -1.14
N PRO E 309 14.92 8.61 -0.72
CA PRO E 309 13.65 8.59 -1.47
C PRO E 309 12.82 9.83 -1.23
N PHE E 310 12.82 10.34 -0.01
CA PHE E 310 11.98 11.45 0.40
C PHE E 310 12.83 12.59 0.94
N GLN E 311 12.18 13.68 1.30
CA GLN E 311 12.87 14.86 1.82
C GLN E 311 11.91 15.66 2.69
N ASN E 312 12.49 16.49 3.55
CA ASN E 312 11.74 17.53 4.27
C ASN E 312 12.54 18.82 4.23
N VAL E 313 13.04 19.19 3.06
CA VAL E 313 13.85 20.40 2.96
C VAL E 313 12.96 21.53 2.48
N ASN E 314 12.38 21.38 1.29
CA ASN E 314 11.43 22.37 0.79
C ASN E 314 10.53 21.70 -0.24
N ARG E 315 9.45 22.39 -0.58
CA ARG E 315 8.52 21.87 -1.58
C ARG E 315 9.10 22.00 -2.98
N ILE E 316 9.72 23.13 -3.30
CA ILE E 316 10.19 23.39 -4.66
C ILE E 316 11.50 22.64 -4.88
N THR E 317 11.58 21.93 -6.00
CA THR E 317 12.76 21.15 -6.36
C THR E 317 13.11 21.40 -7.82
N TYR E 318 14.23 20.82 -8.25
CA TYR E 318 14.63 20.84 -9.65
C TYR E 318 15.51 19.64 -9.93
N GLY E 319 15.23 18.95 -11.03
CA GLY E 319 16.02 17.80 -11.40
C GLY E 319 15.62 16.57 -10.59
N ALA E 320 16.52 15.59 -10.59
CA ALA E 320 16.27 14.33 -9.90
C ALA E 320 16.33 14.53 -8.40
N CYS E 321 15.20 14.87 -7.80
CA CYS E 321 15.10 15.16 -6.38
C CYS E 321 14.20 14.15 -5.67
N PRO E 322 14.44 13.91 -4.39
CA PRO E 322 13.49 13.11 -3.61
C PRO E 322 12.16 13.85 -3.45
N ARG E 323 11.10 13.07 -3.26
CA ARG E 323 9.76 13.64 -3.18
C ARG E 323 9.53 14.25 -1.81
N TYR E 324 8.99 15.46 -1.78
CA TYR E 324 8.79 16.17 -0.53
C TYR E 324 7.62 15.58 0.25
N VAL E 325 7.84 15.32 1.53
CA VAL E 325 6.82 14.82 2.43
C VAL E 325 6.72 15.76 3.61
N LYS E 326 5.61 15.68 4.34
CA LYS E 326 5.41 16.49 5.52
C LYS E 326 6.00 15.87 6.78
N HIS E 327 6.51 14.65 6.69
CA HIS E 327 7.17 14.00 7.82
C HIS E 327 8.58 14.56 7.97
N SER E 328 9.28 14.11 9.01
CA SER E 328 10.64 14.59 9.23
C SER E 328 11.63 13.46 9.51
N THR E 329 11.15 12.35 10.09
CA THR E 329 12.03 11.29 10.57
C THR E 329 11.50 9.93 10.11
N LEU E 330 11.22 9.81 8.80
CA LEU E 330 10.88 8.51 8.24
C LEU E 330 12.15 7.68 8.11
N LYS E 331 12.28 6.67 8.96
CA LYS E 331 13.46 5.82 8.96
C LYS E 331 13.05 4.41 8.57
N LEU E 332 13.56 3.94 7.44
CA LEU E 332 13.31 2.58 7.01
C LEU E 332 14.12 1.61 7.85
N ALA E 333 13.53 0.45 8.15
CA ALA E 333 14.24 -0.61 8.86
C ALA E 333 15.17 -1.32 7.87
N THR E 334 16.30 -0.68 7.59
CA THR E 334 17.32 -1.30 6.75
C THR E 334 17.87 -2.56 7.42
N GLY E 335 18.12 -2.49 8.72
CA GLY E 335 18.41 -3.67 9.50
C GLY E 335 17.15 -4.37 9.93
N MET E 336 17.29 -5.22 10.95
CA MET E 336 16.18 -5.99 11.50
C MET E 336 16.00 -5.61 12.96
N ARG E 337 15.04 -6.26 13.61
CA ARG E 337 14.62 -5.84 14.95
C ARG E 337 15.72 -6.02 15.98
N ASN E 338 15.90 -5.01 16.82
CA ASN E 338 16.97 -5.01 17.82
C ASN E 338 16.44 -5.52 19.17
N VAL E 339 17.18 -6.45 19.76
CA VAL E 339 16.97 -6.85 21.15
C VAL E 339 18.30 -6.65 21.86
N PRO E 340 18.64 -5.42 22.27
CA PRO E 340 20.02 -5.12 22.68
C PRO E 340 20.40 -5.65 24.04
N GLU E 341 19.48 -5.63 25.01
CA GLU E 341 19.84 -5.98 26.38
C GLU E 341 19.98 -7.49 26.55
N GLY F 1 2.49 -10.52 9.33
CA GLY F 1 2.64 -11.93 9.66
C GLY F 1 3.93 -12.23 10.41
N ILE F 2 3.93 -11.97 11.71
CA ILE F 2 5.11 -12.21 12.53
C ILE F 2 5.31 -13.72 12.70
N PHE F 3 6.56 -14.12 12.90
CA PHE F 3 6.90 -15.52 13.08
C PHE F 3 7.27 -15.86 14.51
N GLY F 4 7.48 -14.86 15.35
CA GLY F 4 7.71 -15.07 16.77
C GLY F 4 9.01 -15.75 17.13
N ALA F 5 10.11 -15.39 16.47
CA ALA F 5 11.43 -15.87 16.86
C ALA F 5 12.31 -14.76 17.40
N ILE F 6 12.50 -13.67 16.65
CA ILE F 6 13.40 -12.61 17.07
C ILE F 6 12.88 -11.90 18.33
N ALA F 7 11.56 -11.79 18.47
CA ALA F 7 10.94 -11.35 19.71
C ALA F 7 10.41 -12.50 20.55
N GLY F 8 10.57 -13.74 20.09
CA GLY F 8 9.99 -14.88 20.76
C GLY F 8 10.97 -15.73 21.53
N PHE F 9 11.34 -16.88 20.97
CA PHE F 9 12.24 -17.80 21.64
C PHE F 9 13.71 -17.47 21.44
N ILE F 10 14.02 -16.45 20.64
CA ILE F 10 15.35 -15.83 20.64
C ILE F 10 15.17 -14.57 21.47
N GLU F 11 15.40 -14.69 22.77
CA GLU F 11 14.97 -13.66 23.71
C GLU F 11 16.02 -12.60 23.98
N ASN F 12 17.31 -12.94 23.91
CA ASN F 12 18.36 -11.96 24.14
C ASN F 12 19.22 -11.73 22.90
N GLY F 13 19.86 -12.78 22.39
CA GLY F 13 20.82 -12.63 21.31
C GLY F 13 22.14 -12.05 21.76
N TRP F 14 23.23 -12.45 21.11
CA TRP F 14 24.57 -12.02 21.46
C TRP F 14 25.03 -10.95 20.48
N GLU F 15 25.77 -9.98 21.00
CA GLU F 15 25.96 -8.69 20.35
C GLU F 15 27.21 -8.64 19.48
N GLY F 16 27.99 -9.72 19.44
CA GLY F 16 29.26 -9.73 18.76
C GLY F 16 29.23 -10.04 17.28
N MET F 17 28.09 -10.40 16.72
CA MET F 17 28.03 -10.79 15.31
C MET F 17 28.19 -9.56 14.46
N VAL F 18 29.45 -9.24 14.14
CA VAL F 18 29.76 -8.10 13.29
C VAL F 18 29.94 -8.52 11.83
N ASP F 19 30.30 -9.77 11.56
CA ASP F 19 30.50 -10.24 10.20
C ASP F 19 29.17 -10.52 9.48
N GLY F 20 28.16 -10.99 10.19
CA GLY F 20 26.90 -11.33 9.56
C GLY F 20 25.71 -10.92 10.40
N TRP F 21 24.53 -11.07 9.82
CA TRP F 21 23.28 -10.76 10.53
C TRP F 21 22.84 -11.94 11.40
N TYR F 22 23.04 -13.16 10.94
CA TYR F 22 22.67 -14.36 11.66
C TYR F 22 23.91 -15.19 11.95
N GLY F 23 23.74 -16.20 12.81
CA GLY F 23 24.87 -17.02 13.20
C GLY F 23 24.40 -18.27 13.91
N PHE F 24 25.33 -19.18 14.15
CA PHE F 24 25.04 -20.46 14.78
C PHE F 24 25.92 -20.57 16.02
N ARG F 25 25.43 -20.04 17.14
CA ARG F 25 26.17 -20.12 18.38
C ARG F 25 26.15 -21.56 18.87
N HIS F 26 27.17 -21.96 19.61
CA HIS F 26 27.26 -23.35 20.00
C HIS F 26 28.02 -23.50 21.31
N GLN F 27 28.08 -24.74 21.80
CA GLN F 27 28.86 -25.07 23.00
C GLN F 27 29.45 -26.46 22.78
N ASN F 28 30.76 -26.56 22.91
CA ASN F 28 31.46 -27.82 22.71
C ASN F 28 32.30 -28.15 23.92
N SER F 29 32.83 -29.38 23.93
CA SER F 29 33.80 -29.76 24.95
C SER F 29 35.11 -29.02 24.75
N GLU F 30 35.41 -28.60 23.52
CA GLU F 30 36.62 -27.88 23.19
C GLU F 30 36.41 -26.37 23.07
N GLY F 31 35.27 -25.85 23.51
CA GLY F 31 35.06 -24.41 23.51
C GLY F 31 33.76 -23.97 22.87
N ARG F 32 33.02 -23.11 23.56
CA ARG F 32 31.73 -22.63 23.07
C ARG F 32 31.97 -21.42 22.16
N GLY F 33 31.95 -21.64 20.85
CA GLY F 33 32.27 -20.63 19.89
C GLY F 33 31.04 -19.89 19.36
N GLN F 34 31.08 -19.60 18.06
CA GLN F 34 30.08 -18.82 17.35
C GLN F 34 30.10 -19.26 15.89
N ALA F 35 29.32 -18.56 15.07
CA ALA F 35 29.27 -18.81 13.63
C ALA F 35 28.63 -17.60 12.95
N ALA F 36 28.49 -17.71 11.63
CA ALA F 36 27.74 -16.75 10.84
C ALA F 36 27.33 -17.43 9.54
N ASP F 37 26.04 -17.67 9.37
CA ASP F 37 25.54 -18.35 8.18
C ASP F 37 25.47 -17.33 7.05
N LEU F 38 26.45 -17.41 6.13
CA LEU F 38 26.55 -16.40 5.07
C LEU F 38 25.38 -16.46 4.10
N LYS F 39 24.74 -17.62 3.97
CA LYS F 39 23.64 -17.75 3.03
C LYS F 39 22.42 -16.94 3.48
N SER F 40 22.04 -17.08 4.75
CA SER F 40 20.85 -16.40 5.25
C SER F 40 21.05 -14.91 5.37
N THR F 41 22.19 -14.48 5.92
CA THR F 41 22.44 -13.03 5.99
C THR F 41 22.68 -12.45 4.61
N GLN F 42 23.20 -13.24 3.66
CA GLN F 42 23.36 -12.75 2.30
C GLN F 42 22.00 -12.57 1.63
N ALA F 43 21.07 -13.50 1.87
CA ALA F 43 19.72 -13.35 1.36
C ALA F 43 19.05 -12.11 1.95
N ALA F 44 19.24 -11.89 3.25
CA ALA F 44 18.66 -10.72 3.90
C ALA F 44 19.24 -9.41 3.36
N ILE F 45 20.56 -9.36 3.18
CA ILE F 45 21.19 -8.15 2.66
C ILE F 45 20.79 -7.92 1.20
N ASP F 46 20.65 -9.00 0.43
CA ASP F 46 20.21 -8.87 -0.96
C ASP F 46 18.78 -8.35 -1.05
N GLN F 47 17.88 -8.80 -0.18
CA GLN F 47 16.53 -8.26 -0.26
C GLN F 47 16.45 -6.83 0.28
N ILE F 48 17.28 -6.46 1.26
CA ILE F 48 17.35 -5.04 1.64
C ILE F 48 17.86 -4.19 0.49
N ASN F 49 18.89 -4.65 -0.22
CA ASN F 49 19.42 -3.90 -1.36
C ASN F 49 18.40 -3.81 -2.47
N GLY F 50 17.63 -4.89 -2.69
CA GLY F 50 16.55 -4.84 -3.66
C GLY F 50 15.43 -3.89 -3.26
N LYS F 51 15.14 -3.79 -1.96
CA LYS F 51 14.20 -2.79 -1.48
C LYS F 51 14.73 -1.38 -1.74
N LEU F 52 16.01 -1.15 -1.50
CA LEU F 52 16.60 0.17 -1.65
C LEU F 52 16.93 0.53 -3.09
N ASN F 53 16.86 -0.43 -4.02
CA ASN F 53 17.09 -0.09 -5.43
C ASN F 53 15.95 0.75 -5.99
N ARG F 54 14.73 0.52 -5.52
CA ARG F 54 13.61 1.38 -5.89
C ARG F 54 13.60 2.66 -5.07
N LEU F 55 14.38 2.73 -3.99
CA LEU F 55 14.33 3.84 -3.06
C LEU F 55 15.60 4.68 -3.06
N ILE F 56 16.75 4.07 -2.81
CA ILE F 56 18.01 4.80 -2.72
C ILE F 56 18.55 4.94 -4.14
N GLY F 57 18.50 6.16 -4.66
CA GLY F 57 18.88 6.42 -6.04
C GLY F 57 17.77 6.07 -7.01
N LYS F 58 17.97 6.48 -8.26
CA LYS F 58 17.03 6.29 -9.37
C LYS F 58 15.65 6.88 -9.02
N THR F 59 15.64 8.19 -8.82
CA THR F 59 14.41 8.92 -8.55
C THR F 59 13.74 9.30 -9.87
N ASN F 60 12.74 10.17 -9.80
CA ASN F 60 12.02 10.62 -10.98
C ASN F 60 12.47 12.03 -11.32
N GLU F 61 12.97 12.22 -12.55
CA GLU F 61 13.55 13.48 -12.98
C GLU F 61 12.42 14.46 -13.33
N LYS F 62 11.82 15.02 -12.29
CA LYS F 62 10.77 16.01 -12.44
C LYS F 62 11.41 17.39 -12.47
N PHE F 63 11.53 17.98 -13.66
CA PHE F 63 12.32 19.20 -13.82
C PHE F 63 11.50 20.45 -13.54
N HIS F 64 10.44 20.69 -14.31
CA HIS F 64 9.62 21.88 -14.16
C HIS F 64 8.29 21.52 -13.54
N GLN F 65 7.88 22.29 -12.53
CA GLN F 65 6.64 22.06 -11.81
C GLN F 65 5.91 23.37 -11.58
N ILE F 66 4.87 23.35 -10.75
CA ILE F 66 4.11 24.56 -10.45
C ILE F 66 4.81 25.31 -9.31
N GLU F 67 4.49 26.59 -9.18
CA GLU F 67 5.05 27.39 -8.10
C GLU F 67 4.31 27.09 -6.80
N LYS F 68 5.05 26.61 -5.81
CA LYS F 68 4.47 26.20 -4.52
C LYS F 68 4.62 27.27 -3.45
N GLU F 69 5.78 27.90 -3.34
CA GLU F 69 5.92 29.05 -2.47
C GLU F 69 5.13 30.22 -3.03
N PHE F 70 4.31 30.85 -2.19
CA PHE F 70 3.38 31.84 -2.67
C PHE F 70 3.62 33.19 -1.99
N SER F 71 2.71 34.12 -2.25
CA SER F 71 2.83 35.52 -1.88
C SER F 71 1.43 36.04 -1.59
N GLU F 72 1.26 37.36 -1.68
CA GLU F 72 -0.06 37.97 -1.52
C GLU F 72 -1.07 37.36 -2.50
N VAL F 73 -2.32 37.30 -2.06
CA VAL F 73 -3.33 36.49 -2.72
C VAL F 73 -3.71 37.10 -4.07
N GLU F 74 -4.03 36.23 -5.03
CA GLU F 74 -4.31 36.64 -6.40
C GLU F 74 -5.72 36.25 -6.84
N GLY F 75 -6.13 35.00 -6.63
CA GLY F 75 -7.42 34.57 -7.13
C GLY F 75 -7.75 33.18 -6.65
N ARG F 76 -8.75 32.58 -7.32
CA ARG F 76 -9.14 31.21 -7.06
C ARG F 76 -8.16 30.19 -7.65
N VAL F 77 -7.42 30.57 -8.70
CA VAL F 77 -6.45 29.67 -9.30
C VAL F 77 -5.27 29.45 -8.36
N GLN F 78 -4.90 30.47 -7.58
CA GLN F 78 -3.87 30.29 -6.55
C GLN F 78 -4.35 29.34 -5.47
N ASP F 79 -5.62 29.45 -5.08
CA ASP F 79 -6.20 28.52 -4.13
C ASP F 79 -6.21 27.10 -4.69
N LEU F 80 -6.51 26.94 -5.98
CA LEU F 80 -6.46 25.63 -6.60
C LEU F 80 -5.05 25.07 -6.64
N GLU F 81 -4.06 25.91 -6.94
CA GLU F 81 -2.67 25.47 -6.97
C GLU F 81 -2.20 25.05 -5.59
N LYS F 82 -2.55 25.82 -4.57
CA LYS F 82 -2.23 25.46 -3.19
C LYS F 82 -2.94 24.18 -2.78
N TYR F 83 -4.19 24.01 -3.21
CA TYR F 83 -4.94 22.80 -2.86
C TYR F 83 -4.37 21.57 -3.53
N VAL F 84 -4.01 21.67 -4.81
CA VAL F 84 -3.46 20.50 -5.49
C VAL F 84 -2.07 20.17 -4.96
N GLU F 85 -1.27 21.20 -4.61
CA GLU F 85 0.04 20.94 -4.05
C GLU F 85 -0.08 20.31 -2.67
N ASP F 86 -1.02 20.79 -1.86
CA ASP F 86 -1.22 20.25 -0.52
C ASP F 86 -1.79 18.84 -0.57
N THR F 87 -2.68 18.55 -1.52
CA THR F 87 -3.21 17.19 -1.63
C THR F 87 -2.15 16.24 -2.16
N LYS F 88 -1.27 16.71 -3.06
CA LYS F 88 -0.15 15.90 -3.49
C LYS F 88 0.79 15.61 -2.33
N ILE F 89 1.07 16.62 -1.50
CA ILE F 89 1.97 16.43 -0.37
C ILE F 89 1.34 15.51 0.68
N ASP F 90 0.03 15.67 0.93
CA ASP F 90 -0.64 14.79 1.89
C ASP F 90 -0.71 13.36 1.39
N LEU F 91 -1.01 13.18 0.09
CA LEU F 91 -1.02 11.85 -0.49
C LEU F 91 0.36 11.22 -0.45
N TRP F 92 1.40 11.99 -0.77
CA TRP F 92 2.75 11.44 -0.78
C TRP F 92 3.29 11.23 0.63
N SER F 93 2.86 12.03 1.60
CA SER F 93 3.31 11.83 2.98
C SER F 93 2.60 10.64 3.60
N TYR F 94 1.29 10.50 3.36
CA TYR F 94 0.58 9.28 3.72
C TYR F 94 1.19 8.07 3.04
N ASN F 95 1.57 8.22 1.78
CA ASN F 95 2.10 7.13 0.99
C ASN F 95 3.50 6.74 1.45
N ALA F 96 4.31 7.71 1.84
CA ALA F 96 5.63 7.43 2.37
C ALA F 96 5.57 6.83 3.76
N GLU F 97 4.66 7.32 4.61
CA GLU F 97 4.45 6.72 5.92
C GLU F 97 3.94 5.29 5.80
N LEU F 98 3.00 5.06 4.87
CA LEU F 98 2.53 3.72 4.59
C LEU F 98 3.65 2.83 4.07
N LEU F 99 4.47 3.36 3.16
CA LEU F 99 5.56 2.57 2.59
C LEU F 99 6.58 2.18 3.65
N VAL F 100 6.92 3.13 4.54
CA VAL F 100 7.81 2.84 5.65
C VAL F 100 7.19 1.80 6.57
N ALA F 101 5.88 1.91 6.84
CA ALA F 101 5.23 0.95 7.74
C ALA F 101 5.21 -0.45 7.14
N LEU F 102 4.80 -0.59 5.87
CA LEU F 102 4.76 -1.90 5.23
C LEU F 102 6.15 -2.50 5.08
N GLU F 103 7.14 -1.70 4.67
CA GLU F 103 8.47 -2.29 4.49
C GLU F 103 9.19 -2.55 5.80
N ASN F 104 8.95 -1.76 6.85
CA ASN F 104 9.52 -2.11 8.15
C ASN F 104 8.85 -3.35 8.72
N GLN F 105 7.53 -3.46 8.56
CA GLN F 105 6.83 -4.67 8.99
C GLN F 105 7.30 -5.89 8.22
N HIS F 106 7.48 -5.75 6.91
CA HIS F 106 7.92 -6.86 6.08
C HIS F 106 9.37 -7.23 6.37
N THR F 107 10.22 -6.24 6.68
CA THR F 107 11.59 -6.52 7.07
C THR F 107 11.65 -7.26 8.38
N ILE F 108 10.81 -6.88 9.35
CA ILE F 108 10.76 -7.61 10.61
C ILE F 108 10.20 -9.01 10.40
N ASP F 109 9.21 -9.15 9.50
CA ASP F 109 8.57 -10.45 9.29
C ASP F 109 9.47 -11.42 8.56
N LEU F 110 10.24 -10.95 7.56
CA LEU F 110 11.07 -11.90 6.83
C LEU F 110 12.35 -12.23 7.60
N THR F 111 12.91 -11.26 8.31
CA THR F 111 14.07 -11.50 9.19
C THR F 111 13.60 -12.15 10.49
N ASP F 112 12.99 -13.31 10.33
CA ASP F 112 12.24 -13.97 11.38
C ASP F 112 11.98 -15.39 10.91
N SER F 113 12.18 -16.35 11.81
CA SER F 113 12.26 -17.77 11.48
C SER F 113 13.27 -18.04 10.37
N GLU F 114 12.88 -18.90 9.41
CA GLU F 114 13.76 -19.56 8.44
C GLU F 114 14.85 -20.40 9.11
N MET F 115 14.65 -20.68 10.40
CA MET F 115 15.46 -21.60 11.19
C MET F 115 14.89 -23.01 11.21
N ASN F 116 13.77 -23.22 10.53
CA ASN F 116 13.21 -24.56 10.34
C ASN F 116 14.11 -25.41 9.46
N LYS F 117 14.93 -24.79 8.60
CA LYS F 117 15.90 -25.53 7.80
C LYS F 117 16.89 -26.26 8.70
N LEU F 118 17.36 -25.59 9.76
CA LEU F 118 18.24 -26.24 10.72
C LEU F 118 17.51 -27.34 11.47
N PHE F 119 16.23 -27.12 11.77
CA PHE F 119 15.40 -28.12 12.43
C PHE F 119 15.33 -29.40 11.61
N GLU F 120 14.84 -29.29 10.36
CA GLU F 120 14.71 -30.44 9.47
C GLU F 120 16.05 -31.05 9.10
N LYS F 121 17.12 -30.25 9.08
CA LYS F 121 18.46 -30.78 8.86
C LYS F 121 18.91 -31.64 10.02
N THR F 122 18.60 -31.23 11.23
CA THR F 122 19.06 -31.90 12.44
C THR F 122 18.15 -33.07 12.83
N LYS F 123 16.94 -33.14 12.26
CA LYS F 123 15.91 -34.10 12.70
C LYS F 123 16.38 -35.54 12.62
N LYS F 124 16.83 -35.97 11.44
CA LYS F 124 16.98 -37.39 11.18
C LYS F 124 18.14 -38.03 11.93
N GLN F 125 19.08 -37.23 12.44
CA GLN F 125 20.08 -37.71 13.37
C GLN F 125 19.79 -37.26 14.81
N LEU F 126 18.77 -36.42 15.02
CA LEU F 126 18.32 -36.04 16.34
C LEU F 126 17.06 -36.80 16.76
N ARG F 127 16.38 -37.47 15.83
CA ARG F 127 15.12 -38.12 16.14
C ARG F 127 15.27 -39.30 17.09
N GLU F 128 16.43 -39.97 17.08
CA GLU F 128 16.63 -41.17 17.87
C GLU F 128 17.33 -40.90 19.21
N ASN F 129 18.39 -40.10 19.22
CA ASN F 129 19.15 -39.86 20.44
C ASN F 129 18.42 -38.82 21.30
N ALA F 130 17.68 -39.33 22.29
CA ALA F 130 16.94 -38.52 23.27
C ALA F 130 15.92 -37.59 22.63
N GLU F 131 15.45 -37.97 21.45
CA GLU F 131 14.31 -37.38 20.73
C GLU F 131 14.58 -35.90 20.42
N ASP F 132 13.53 -35.09 20.43
CA ASP F 132 13.45 -33.88 19.62
C ASP F 132 13.56 -32.60 20.44
N MET F 133 14.54 -31.76 20.06
CA MET F 133 14.82 -30.49 20.71
C MET F 133 14.47 -29.33 19.79
N GLY F 134 13.69 -28.37 20.29
CA GLY F 134 13.33 -27.23 19.49
C GLY F 134 13.18 -25.90 20.21
N ASN F 135 13.60 -25.83 21.48
CA ASN F 135 13.24 -24.71 22.34
C ASN F 135 14.02 -23.42 22.06
N GLY F 136 14.95 -23.44 21.10
CA GLY F 136 15.69 -22.25 20.72
C GLY F 136 17.19 -22.50 20.68
N CYS F 137 17.68 -23.25 21.66
CA CYS F 137 18.97 -23.93 21.55
C CYS F 137 18.72 -25.38 21.18
N PHE F 138 19.25 -25.80 20.05
CA PHE F 138 19.16 -27.19 19.64
C PHE F 138 20.07 -27.98 20.56
N LYS F 139 19.48 -28.62 21.58
CA LYS F 139 20.27 -29.46 22.48
C LYS F 139 20.59 -30.75 21.74
N ILE F 140 21.57 -30.66 20.85
CA ILE F 140 21.91 -31.76 19.96
C ILE F 140 22.70 -32.80 20.75
N TYR F 141 22.16 -34.00 20.85
CA TYR F 141 22.83 -35.09 21.55
C TYR F 141 23.82 -35.85 20.68
N HIS F 142 24.13 -35.34 19.49
CA HIS F 142 25.22 -35.90 18.69
C HIS F 142 26.52 -35.40 19.29
N LYS F 143 27.17 -36.25 20.07
CA LYS F 143 28.45 -35.90 20.68
C LYS F 143 29.49 -35.72 19.58
N CYS F 144 29.86 -34.48 19.33
CA CYS F 144 30.76 -34.17 18.24
C CYS F 144 31.57 -32.93 18.59
N ASP F 145 32.45 -32.54 17.67
CA ASP F 145 33.37 -31.43 17.83
C ASP F 145 33.03 -30.36 16.80
N ASN F 146 33.93 -29.39 16.67
CA ASN F 146 33.71 -28.25 15.76
C ASN F 146 33.56 -28.67 14.31
N ALA F 147 33.98 -29.88 13.95
CA ALA F 147 33.76 -30.39 12.59
C ALA F 147 32.28 -30.54 12.28
N CYS F 148 31.49 -31.03 13.24
CA CYS F 148 30.06 -31.19 13.00
C CYS F 148 29.34 -29.85 12.91
N ILE F 149 29.73 -28.87 13.72
CA ILE F 149 29.17 -27.53 13.58
C ILE F 149 29.61 -26.93 12.24
N GLU F 150 30.83 -27.23 11.79
CA GLU F 150 31.26 -26.80 10.46
C GLU F 150 30.41 -27.43 9.37
N SER F 151 30.04 -28.70 9.55
CA SER F 151 29.18 -29.37 8.57
C SER F 151 27.76 -28.81 8.59
N ILE F 152 27.28 -28.45 9.78
CA ILE F 152 25.96 -27.83 9.90
C ILE F 152 25.95 -26.47 9.22
N ARG F 153 27.04 -25.70 9.40
CA ARG F 153 27.20 -24.45 8.66
C ARG F 153 27.27 -24.67 7.16
N ASN F 154 28.01 -25.69 6.74
CA ASN F 154 28.24 -25.96 5.33
C ASN F 154 27.03 -26.60 4.65
N GLU F 155 26.01 -26.99 5.43
CA GLU F 155 24.82 -27.70 4.95
C GLU F 155 25.26 -29.00 4.25
N THR F 156 26.21 -29.69 4.88
CA THR F 156 26.75 -30.97 4.41
C THR F 156 26.75 -31.99 5.52
N TYR F 157 25.65 -32.09 6.25
CA TYR F 157 25.57 -32.90 7.46
C TYR F 157 24.92 -34.25 7.16
N ASP F 158 25.61 -35.32 7.49
CA ASP F 158 25.07 -36.67 7.37
C ASP F 158 24.32 -37.03 8.65
N HIS F 159 23.94 -38.30 8.77
CA HIS F 159 23.10 -38.76 9.89
C HIS F 159 23.73 -40.01 10.48
N ASN F 160 24.67 -39.81 11.40
CA ASN F 160 25.25 -40.90 12.17
C ASN F 160 24.43 -41.06 13.45
N VAL F 161 23.62 -42.11 13.50
CA VAL F 161 22.63 -42.26 14.56
C VAL F 161 23.34 -42.63 15.87
N TYR F 162 22.89 -42.03 16.96
CA TYR F 162 23.45 -42.25 18.29
C TYR F 162 22.46 -43.13 19.05
N ARG F 163 22.63 -44.45 18.91
CA ARG F 163 21.73 -45.42 19.50
C ARG F 163 22.07 -45.76 20.95
N ASP F 164 23.14 -45.17 21.50
CA ASP F 164 23.47 -45.40 22.90
C ASP F 164 22.37 -44.89 23.83
N GLU F 165 21.82 -43.73 23.54
CA GLU F 165 20.66 -43.21 24.24
C GLU F 165 19.47 -43.22 23.28
N ALA F 166 18.52 -44.13 23.54
CA ALA F 166 17.33 -44.22 22.71
C ALA F 166 16.16 -43.49 23.38
N LEU F 167 16.04 -43.63 24.70
CA LEU F 167 14.97 -42.99 25.45
C LEU F 167 15.49 -42.13 26.60
N ASN F 168 16.55 -42.56 27.27
CA ASN F 168 17.15 -41.75 28.33
C ASN F 168 18.63 -42.09 28.51
N GLN G 1 -32.24 -10.38 24.26
CA GLN G 1 -32.10 -10.46 25.70
C GLN G 1 -32.14 -11.92 26.18
N VAL G 2 -31.09 -12.33 26.88
CA VAL G 2 -30.99 -13.70 27.37
C VAL G 2 -31.88 -13.87 28.60
N GLN G 3 -32.66 -14.96 28.61
CA GLN G 3 -33.46 -15.33 29.76
C GLN G 3 -33.75 -16.82 29.69
N LEU G 4 -33.58 -17.49 30.82
CA LEU G 4 -33.77 -18.95 30.92
C LEU G 4 -35.18 -19.19 31.44
N GLN G 5 -36.14 -19.26 30.51
CA GLN G 5 -37.54 -19.50 30.86
C GLN G 5 -37.69 -20.91 31.40
N GLN G 6 -38.56 -21.09 32.39
CA GLN G 6 -38.83 -22.40 32.95
C GLN G 6 -40.33 -22.68 32.94
N SER G 7 -40.69 -23.88 33.41
CA SER G 7 -42.07 -24.31 33.46
C SER G 7 -42.77 -23.73 34.70
N GLY G 8 -43.95 -24.29 34.99
CA GLY G 8 -44.66 -23.95 36.21
C GLY G 8 -44.38 -24.92 37.34
N ALA G 9 -45.13 -24.74 38.43
CA ALA G 9 -45.00 -25.62 39.58
C ALA G 9 -45.73 -26.94 39.33
N GLU G 10 -45.19 -28.02 39.89
CA GLU G 10 -45.69 -29.36 39.64
C GLU G 10 -45.66 -30.15 40.93
N LEU G 11 -46.60 -31.10 41.05
CA LEU G 11 -46.79 -31.93 42.24
C LEU G 11 -46.78 -33.40 41.85
N VAL G 12 -45.98 -34.20 42.55
CA VAL G 12 -45.89 -35.63 42.30
C VAL G 12 -46.23 -36.43 43.55
N MET G 13 -46.49 -37.71 43.34
CA MET G 13 -46.51 -38.67 44.42
C MET G 13 -45.08 -38.96 44.90
N PRO G 14 -44.92 -39.38 46.15
CA PRO G 14 -43.63 -39.96 46.57
C PRO G 14 -43.23 -41.13 45.69
N GLY G 15 -41.97 -41.13 45.26
CA GLY G 15 -41.46 -42.18 44.41
C GLY G 15 -41.75 -42.03 42.93
N ALA G 16 -42.47 -40.99 42.53
CA ALA G 16 -42.80 -40.77 41.14
C ALA G 16 -41.64 -40.09 40.41
N SER G 17 -41.82 -39.83 39.12
CA SER G 17 -40.81 -39.20 38.29
C SER G 17 -41.37 -37.93 37.67
N VAL G 18 -40.55 -36.88 37.64
CA VAL G 18 -40.91 -35.60 37.06
C VAL G 18 -39.73 -35.14 36.21
N LYS G 19 -40.05 -34.45 35.11
CA LYS G 19 -39.03 -33.95 34.20
C LYS G 19 -39.23 -32.45 34.03
N LEU G 20 -38.22 -31.67 34.42
CA LEU G 20 -38.26 -30.22 34.39
C LEU G 20 -37.72 -29.71 33.05
N SER G 21 -37.93 -28.43 32.80
CA SER G 21 -37.52 -27.81 31.56
C SER G 21 -36.92 -26.44 31.82
N CYS G 22 -36.03 -26.02 30.93
CA CYS G 22 -35.40 -24.70 31.00
C CYS G 22 -34.97 -24.33 29.59
N LYS G 23 -35.75 -23.48 28.93
CA LYS G 23 -35.52 -23.15 27.53
C LYS G 23 -34.58 -21.95 27.44
N ALA G 24 -33.35 -22.20 26.99
CA ALA G 24 -32.38 -21.13 26.83
C ALA G 24 -32.66 -20.36 25.55
N SER G 25 -32.50 -19.03 25.61
CA SER G 25 -32.77 -18.18 24.47
C SER G 25 -31.91 -16.94 24.54
N GLY G 26 -31.74 -16.30 23.37
CA GLY G 26 -30.93 -15.10 23.27
C GLY G 26 -29.46 -15.34 23.09
N TYR G 27 -29.00 -16.59 23.15
CA TYR G 27 -27.60 -16.92 22.97
C TYR G 27 -27.51 -18.33 22.42
N THR G 28 -26.38 -18.63 21.77
CA THR G 28 -26.21 -19.94 21.16
C THR G 28 -26.02 -21.01 22.24
N PHE G 29 -26.79 -22.09 22.11
CA PHE G 29 -26.93 -23.07 23.19
C PHE G 29 -25.62 -23.78 23.50
N ILE G 30 -24.88 -24.17 22.46
CA ILE G 30 -23.67 -24.99 22.65
C ILE G 30 -22.50 -24.24 23.24
N SER G 31 -22.61 -22.92 23.38
CA SER G 31 -21.47 -22.13 23.87
C SER G 31 -21.31 -22.27 25.39
N TYR G 32 -22.30 -21.81 26.15
CA TYR G 32 -22.17 -21.77 27.59
C TYR G 32 -22.80 -23.00 28.22
N TRP G 33 -22.21 -23.46 29.32
CA TRP G 33 -22.70 -24.63 30.02
C TRP G 33 -24.01 -24.33 30.74
N MET G 34 -24.79 -25.38 30.97
CA MET G 34 -26.03 -25.31 31.72
C MET G 34 -25.83 -25.95 33.08
N HIS G 35 -26.20 -25.22 34.14
CA HIS G 35 -26.07 -25.70 35.50
C HIS G 35 -27.41 -25.58 36.20
N TRP G 36 -27.68 -26.52 37.10
CA TRP G 36 -28.91 -26.52 37.87
C TRP G 36 -28.56 -26.36 39.35
N VAL G 37 -29.27 -25.46 40.03
CA VAL G 37 -29.03 -25.17 41.44
C VAL G 37 -30.33 -25.31 42.20
N LYS G 38 -30.32 -26.13 43.24
CA LYS G 38 -31.49 -26.38 44.07
C LYS G 38 -31.39 -25.55 45.35
N GLN G 39 -32.46 -24.82 45.67
CA GLN G 39 -32.57 -24.08 46.92
C GLN G 39 -33.70 -24.67 47.74
N ARG G 40 -33.36 -25.35 48.83
CA ARG G 40 -34.36 -25.83 49.76
C ARG G 40 -35.01 -24.66 50.49
N PRO G 41 -36.24 -24.81 50.97
CA PRO G 41 -36.90 -23.71 51.68
C PRO G 41 -36.19 -23.37 52.98
N GLY G 42 -35.72 -22.12 53.06
CA GLY G 42 -35.01 -21.66 54.24
C GLY G 42 -33.63 -22.22 54.42
N GLN G 43 -33.03 -22.76 53.36
CA GLN G 43 -31.71 -23.38 53.48
C GLN G 43 -30.74 -22.80 52.45
N GLY G 44 -29.56 -23.39 52.33
CA GLY G 44 -28.55 -22.90 51.43
C GLY G 44 -28.68 -23.46 50.01
N LEU G 45 -28.08 -22.74 49.07
CA LEU G 45 -28.06 -23.19 47.68
C LEU G 45 -27.16 -24.40 47.54
N GLU G 46 -27.57 -25.33 46.67
CA GLU G 46 -26.79 -26.53 46.39
C GLU G 46 -26.65 -26.70 44.90
N TRP G 47 -25.48 -27.18 44.47
CA TRP G 47 -25.15 -27.33 43.06
C TRP G 47 -25.44 -28.76 42.64
N ILE G 48 -26.29 -28.93 41.63
CA ILE G 48 -26.79 -30.25 41.25
C ILE G 48 -25.82 -30.92 40.28
N GLY G 49 -25.61 -30.30 39.13
CA GLY G 49 -24.76 -30.91 38.12
C GLY G 49 -24.48 -29.95 36.99
N GLU G 50 -23.62 -30.39 36.08
CA GLU G 50 -23.14 -29.59 34.97
C GLU G 50 -23.18 -30.42 33.70
N ILE G 51 -23.54 -29.76 32.59
CA ILE G 51 -23.71 -30.44 31.32
C ILE G 51 -23.14 -29.58 30.20
N ASP G 52 -22.46 -30.22 29.25
CA ASP G 52 -21.97 -29.53 28.07
C ASP G 52 -23.03 -29.61 26.98
N PRO G 53 -23.57 -28.47 26.52
CA PRO G 53 -24.58 -28.53 25.45
C PRO G 53 -24.03 -28.95 24.11
N SER G 54 -22.72 -28.88 23.90
CA SER G 54 -22.15 -29.26 22.60
C SER G 54 -22.16 -30.77 22.41
N ASP G 55 -21.76 -31.54 23.43
CA ASP G 55 -21.64 -32.99 23.24
C ASP G 55 -22.10 -33.80 24.45
N SER G 56 -22.92 -33.22 25.33
CA SER G 56 -23.54 -33.91 26.48
C SER G 56 -22.49 -34.51 27.42
N TYR G 57 -21.49 -33.72 27.78
CA TYR G 57 -20.55 -34.11 28.83
C TYR G 57 -21.12 -33.73 30.19
N THR G 58 -21.31 -34.71 31.06
CA THR G 58 -22.01 -34.51 32.32
C THR G 58 -21.13 -34.87 33.49
N ASN G 59 -21.08 -33.99 34.47
CA ASN G 59 -20.48 -34.28 35.78
C ASN G 59 -21.53 -33.98 36.84
N TYR G 60 -21.69 -34.90 37.79
CA TYR G 60 -22.73 -34.80 38.80
C TYR G 60 -22.13 -34.61 40.18
N ASN G 61 -22.92 -34.03 41.07
CA ASN G 61 -22.55 -33.93 42.47
C ASN G 61 -22.50 -35.32 43.10
N GLN G 62 -21.66 -35.45 44.14
CA GLN G 62 -21.45 -36.75 44.75
C GLN G 62 -22.69 -37.25 45.49
N LYS G 63 -23.57 -36.35 45.92
CA LYS G 63 -24.80 -36.77 46.58
C LYS G 63 -25.96 -36.98 45.62
N PHE G 64 -25.73 -36.84 44.32
CA PHE G 64 -26.80 -36.89 43.33
C PHE G 64 -26.60 -37.96 42.26
N LYS G 65 -25.97 -39.08 42.56
CA LYS G 65 -25.90 -40.15 41.59
C LYS G 65 -27.19 -40.96 41.62
N GLY G 66 -27.72 -41.29 40.43
CA GLY G 66 -28.96 -42.03 40.33
C GLY G 66 -30.20 -41.25 40.65
N LYS G 67 -30.08 -39.97 40.98
CA LYS G 67 -31.21 -39.13 41.38
C LYS G 67 -31.49 -38.03 40.37
N ALA G 68 -30.45 -37.41 39.82
CA ALA G 68 -30.59 -36.36 38.81
C ALA G 68 -29.93 -36.81 37.52
N ARG G 69 -30.59 -36.55 36.41
CA ARG G 69 -30.07 -36.91 35.10
C ARG G 69 -30.29 -35.74 34.15
N LEU G 70 -29.21 -35.25 33.54
CA LEU G 70 -29.24 -34.03 32.76
C LEU G 70 -29.20 -34.37 31.28
N THR G 71 -30.15 -33.82 30.53
CA THR G 71 -30.23 -34.00 29.08
C THR G 71 -30.50 -32.65 28.43
N VAL G 72 -30.17 -32.55 27.14
CA VAL G 72 -30.39 -31.33 26.38
C VAL G 72 -31.08 -31.68 25.05
N ASP G 73 -31.71 -30.68 24.47
CA ASP G 73 -32.26 -30.74 23.11
C ASP G 73 -31.68 -29.56 22.34
N LYS G 74 -30.72 -29.83 21.46
CA LYS G 74 -30.01 -28.77 20.79
C LYS G 74 -30.84 -28.06 19.74
N SER G 75 -31.93 -28.68 19.27
CA SER G 75 -32.75 -28.05 18.25
C SER G 75 -33.56 -26.88 18.81
N SER G 76 -34.17 -27.07 19.97
CA SER G 76 -35.04 -26.07 20.57
C SER G 76 -34.35 -25.24 21.65
N SER G 77 -33.05 -25.49 21.90
CA SER G 77 -32.25 -24.76 22.88
C SER G 77 -32.84 -24.84 24.28
N THR G 78 -32.89 -26.06 24.82
CA THR G 78 -33.48 -26.30 26.14
C THR G 78 -32.71 -27.40 26.87
N ALA G 79 -32.89 -27.46 28.19
CA ALA G 79 -32.24 -28.45 29.04
C ALA G 79 -33.27 -29.06 29.98
N TYR G 80 -33.06 -30.33 30.33
CA TYR G 80 -34.01 -31.08 31.14
C TYR G 80 -33.29 -31.75 32.32
N MET G 81 -34.03 -31.97 33.40
CA MET G 81 -33.62 -32.85 34.48
C MET G 81 -34.61 -34.00 34.60
N GLN G 82 -34.10 -35.21 34.86
CA GLN G 82 -34.93 -36.36 35.18
C GLN G 82 -34.78 -36.68 36.66
N LEU G 83 -35.90 -36.81 37.35
CA LEU G 83 -35.92 -37.10 38.78
C LEU G 83 -36.48 -38.50 39.01
N SER G 84 -35.80 -39.26 39.86
CA SER G 84 -36.18 -40.64 40.16
C SER G 84 -36.15 -40.88 41.65
N SER G 85 -37.09 -41.71 42.13
CA SER G 85 -37.21 -42.11 43.54
C SER G 85 -37.36 -40.90 44.45
N LEU G 86 -38.41 -40.12 44.19
CA LEU G 86 -38.60 -38.86 44.89
C LEU G 86 -39.12 -39.09 46.31
N THR G 87 -38.79 -38.15 47.19
CA THR G 87 -39.12 -38.22 48.61
C THR G 87 -39.51 -36.82 49.05
N SER G 88 -40.19 -36.72 50.20
CA SER G 88 -40.61 -35.42 50.73
C SER G 88 -39.44 -34.50 51.07
N GLU G 89 -38.23 -35.05 51.24
CA GLU G 89 -37.05 -34.23 51.46
C GLU G 89 -36.62 -33.49 50.20
N ASP G 90 -37.16 -33.84 49.04
CA ASP G 90 -36.74 -33.27 47.77
C ASP G 90 -37.52 -32.04 47.37
N SER G 91 -38.48 -31.60 48.18
CA SER G 91 -39.32 -30.46 47.81
C SER G 91 -38.54 -29.17 47.95
N ALA G 92 -38.28 -28.50 46.84
CA ALA G 92 -37.48 -27.29 46.83
C ALA G 92 -37.80 -26.50 45.56
N VAL G 93 -37.00 -25.46 45.32
CA VAL G 93 -37.09 -24.64 44.12
C VAL G 93 -35.82 -24.85 43.31
N TYR G 94 -35.97 -25.32 42.08
CA TYR G 94 -34.85 -25.69 41.23
C TYR G 94 -34.58 -24.56 40.24
N TYR G 95 -33.39 -23.97 40.32
CA TYR G 95 -32.98 -22.89 39.44
C TYR G 95 -32.03 -23.45 38.39
N CYS G 96 -32.37 -23.25 37.11
CA CYS G 96 -31.43 -23.54 36.04
C CYS G 96 -30.57 -22.30 35.82
N ALA G 97 -29.27 -22.49 35.67
CA ALA G 97 -28.34 -21.40 35.54
C ALA G 97 -27.39 -21.65 34.38
N ARG G 98 -27.00 -20.57 33.71
CA ARG G 98 -25.97 -20.63 32.69
C ARG G 98 -24.60 -20.80 33.35
N GLY G 99 -23.55 -20.79 32.55
CA GLY G 99 -22.23 -20.84 33.14
C GLY G 99 -21.08 -20.70 32.17
N TYR G 100 -19.95 -20.23 32.67
CA TYR G 100 -18.72 -20.24 31.90
C TYR G 100 -18.26 -21.70 31.78
N TYR G 101 -17.41 -21.96 30.78
CA TYR G 101 -17.06 -23.34 30.45
C TYR G 101 -16.30 -24.00 31.60
N GLY G 102 -16.70 -25.21 31.95
CA GLY G 102 -15.91 -26.09 32.79
C GLY G 102 -15.85 -25.76 34.26
N SER G 103 -14.66 -25.94 34.85
CA SER G 103 -14.47 -25.84 36.28
C SER G 103 -14.60 -24.42 36.81
N SER G 104 -14.37 -23.40 35.99
CA SER G 104 -14.47 -22.02 36.46
C SER G 104 -15.90 -21.69 36.88
N GLY G 105 -16.86 -21.92 35.98
CA GLY G 105 -18.26 -22.10 36.32
C GLY G 105 -18.95 -20.98 37.07
N TYR G 106 -18.74 -19.73 36.66
CA TYR G 106 -19.51 -18.64 37.23
C TYR G 106 -20.81 -18.48 36.45
N PHE G 107 -21.93 -18.55 37.16
CA PHE G 107 -23.25 -18.63 36.53
C PHE G 107 -23.68 -17.21 36.18
N ASP G 108 -23.42 -16.81 34.93
CA ASP G 108 -23.60 -15.42 34.56
C ASP G 108 -25.07 -15.03 34.43
N VAL G 109 -25.94 -15.96 34.04
CA VAL G 109 -27.39 -15.72 33.94
C VAL G 109 -28.10 -16.82 34.70
N TRP G 110 -29.04 -16.44 35.56
CA TRP G 110 -29.79 -17.38 36.38
C TRP G 110 -31.19 -17.59 35.81
N GLY G 111 -31.97 -18.42 36.50
CA GLY G 111 -33.33 -18.73 36.11
C GLY G 111 -34.32 -18.39 37.22
N THR G 112 -35.61 -18.39 36.86
CA THR G 112 -36.65 -18.02 37.79
C THR G 112 -36.97 -19.10 38.81
N GLY G 113 -36.87 -20.37 38.43
CA GLY G 113 -37.12 -21.44 39.37
C GLY G 113 -38.53 -21.99 39.29
N THR G 114 -38.65 -23.28 39.61
CA THR G 114 -39.94 -23.98 39.62
C THR G 114 -40.10 -24.68 40.95
N THR G 115 -41.23 -24.45 41.61
CA THR G 115 -41.51 -25.09 42.89
C THR G 115 -41.96 -26.52 42.66
N VAL G 116 -41.18 -27.47 43.15
CA VAL G 116 -41.50 -28.89 43.09
C VAL G 116 -41.89 -29.34 44.49
N THR G 117 -43.08 -29.93 44.61
CA THR G 117 -43.61 -30.38 45.89
C THR G 117 -43.81 -31.89 45.83
N VAL G 118 -43.32 -32.61 46.83
CA VAL G 118 -43.50 -34.04 46.94
C VAL G 118 -44.36 -34.31 48.18
N SER G 119 -45.59 -34.77 47.96
CA SER G 119 -46.49 -35.10 49.05
C SER G 119 -47.56 -36.05 48.54
N SER G 120 -48.16 -36.80 49.46
CA SER G 120 -49.27 -37.69 49.14
C SER G 120 -50.62 -37.02 49.30
N ALA G 121 -50.67 -35.79 49.80
CA ALA G 121 -51.92 -35.08 50.02
C ALA G 121 -52.44 -34.56 48.69
N ASP H 1 -15.67 -30.33 47.20
CA ASP H 1 -15.10 -30.97 48.38
C ASP H 1 -14.78 -29.94 49.46
N ILE H 2 -14.80 -28.66 49.07
CA ILE H 2 -14.49 -27.57 49.97
C ILE H 2 -15.79 -27.02 50.53
N GLN H 3 -16.02 -27.21 51.83
CA GLN H 3 -17.12 -26.55 52.51
C GLN H 3 -16.80 -25.06 52.62
N MET H 4 -17.84 -24.23 52.67
CA MET H 4 -17.67 -22.80 52.84
C MET H 4 -18.75 -22.28 53.76
N THR H 5 -18.38 -21.38 54.67
CA THR H 5 -19.28 -20.89 55.71
C THR H 5 -19.22 -19.37 55.76
N GLN H 6 -20.39 -18.73 55.78
CA GLN H 6 -20.45 -17.29 56.02
C GLN H 6 -20.16 -17.01 57.49
N THR H 7 -19.40 -15.94 57.73
CA THR H 7 -19.03 -15.58 59.10
C THR H 7 -20.24 -15.14 59.91
N THR H 8 -21.09 -14.32 59.32
CA THR H 8 -22.25 -13.76 60.00
C THR H 8 -23.51 -14.47 59.53
N SER H 9 -24.33 -14.94 60.48
CA SER H 9 -25.60 -15.56 60.13
C SER H 9 -26.57 -14.53 59.57
N SER H 10 -26.65 -13.36 60.22
CA SER H 10 -27.49 -12.26 59.75
C SER H 10 -26.92 -10.96 60.26
N LEU H 11 -26.83 -9.98 59.38
CA LEU H 11 -26.24 -8.68 59.70
C LEU H 11 -27.21 -7.58 59.31
N SER H 12 -27.20 -6.48 60.08
CA SER H 12 -28.08 -5.36 59.86
C SER H 12 -27.26 -4.08 59.71
N ALA H 13 -27.72 -3.20 58.82
CA ALA H 13 -27.10 -1.90 58.62
C ALA H 13 -28.15 -0.95 58.06
N SER H 14 -27.88 0.35 58.17
CA SER H 14 -28.81 1.36 57.74
C SER H 14 -28.50 1.83 56.32
N LEU H 15 -29.35 2.71 55.81
CA LEU H 15 -29.18 3.23 54.46
C LEU H 15 -27.97 4.16 54.40
N GLY H 16 -27.12 3.96 53.39
CA GLY H 16 -25.91 4.73 53.24
C GLY H 16 -24.73 4.23 54.06
N ASP H 17 -24.93 3.24 54.92
CA ASP H 17 -23.84 2.68 55.70
C ASP H 17 -22.97 1.77 54.84
N ARG H 18 -21.70 1.68 55.22
CA ARG H 18 -20.75 0.80 54.53
C ARG H 18 -20.76 -0.55 55.23
N VAL H 19 -21.45 -1.52 54.64
CA VAL H 19 -21.58 -2.85 55.22
C VAL H 19 -20.57 -3.78 54.54
N THR H 20 -19.85 -4.55 55.35
CA THR H 20 -18.87 -5.51 54.87
C THR H 20 -19.28 -6.90 55.29
N ILE H 21 -19.32 -7.82 54.33
CA ILE H 21 -19.71 -9.20 54.57
C ILE H 21 -18.59 -10.12 54.08
N SER H 22 -18.30 -11.15 54.86
CA SER H 22 -17.16 -12.02 54.60
C SER H 22 -17.55 -13.47 54.80
N CYS H 23 -16.81 -14.36 54.13
CA CYS H 23 -16.97 -15.80 54.32
C CYS H 23 -15.64 -16.49 54.09
N ARG H 24 -15.49 -17.66 54.70
CA ARG H 24 -14.22 -18.38 54.78
C ARG H 24 -14.35 -19.76 54.19
N ALA H 25 -13.33 -20.18 53.45
CA ALA H 25 -13.27 -21.51 52.87
C ALA H 25 -12.36 -22.40 53.72
N SER H 26 -12.67 -23.70 53.73
CA SER H 26 -11.89 -24.64 54.54
C SER H 26 -10.52 -24.90 53.95
N GLN H 27 -10.32 -24.64 52.66
CA GLN H 27 -9.03 -24.78 52.01
C GLN H 27 -8.81 -23.59 51.10
N ASP H 28 -7.61 -23.51 50.53
CA ASP H 28 -7.30 -22.48 49.55
C ASP H 28 -8.04 -22.79 48.25
N ILE H 29 -8.89 -21.87 47.83
CA ILE H 29 -9.66 -22.03 46.61
C ILE H 29 -9.15 -21.12 45.50
N SER H 30 -7.85 -20.75 45.56
CA SER H 30 -7.18 -19.84 44.64
C SER H 30 -7.91 -18.50 44.56
N ASN H 31 -8.54 -18.22 43.42
CA ASN H 31 -9.23 -16.97 43.20
C ASN H 31 -10.58 -17.22 42.54
N TYR H 32 -11.32 -18.18 43.06
CA TYR H 32 -12.60 -18.60 42.47
C TYR H 32 -13.69 -18.46 43.52
N LEU H 33 -14.39 -17.31 43.49
CA LEU H 33 -15.48 -17.05 44.41
C LEU H 33 -16.62 -16.37 43.66
N ASN H 34 -17.86 -16.70 44.02
CA ASN H 34 -19.04 -16.22 43.33
C ASN H 34 -20.07 -15.73 44.33
N TRP H 35 -20.47 -14.47 44.21
CA TRP H 35 -21.42 -13.84 45.13
C TRP H 35 -22.79 -13.72 44.46
N CYS H 36 -23.83 -14.19 45.15
CA CYS H 36 -25.17 -14.32 44.57
C CYS H 36 -26.17 -13.44 45.29
N GLN H 37 -27.08 -12.83 44.53
CA GLN H 37 -28.06 -11.89 45.05
C GLN H 37 -29.41 -12.60 45.15
N GLN H 38 -29.73 -13.15 46.31
CA GLN H 38 -31.03 -13.80 46.51
C GLN H 38 -32.04 -12.75 46.92
N LYS H 39 -32.76 -12.20 45.94
CA LYS H 39 -33.81 -11.25 46.23
C LYS H 39 -34.97 -11.95 46.94
N PRO H 40 -35.76 -11.23 47.74
CA PRO H 40 -36.87 -11.90 48.46
C PRO H 40 -37.92 -12.55 47.58
N ASP H 41 -38.19 -11.99 46.40
CA ASP H 41 -39.20 -12.58 45.53
C ASP H 41 -38.68 -13.84 44.85
N GLY H 42 -37.37 -13.91 44.60
CA GLY H 42 -36.78 -15.13 44.10
C GLY H 42 -35.79 -14.97 42.96
N THR H 43 -35.56 -13.74 42.52
CA THR H 43 -34.65 -13.50 41.40
C THR H 43 -33.20 -13.53 41.89
N ILE H 44 -32.44 -14.52 41.43
CA ILE H 44 -31.05 -14.68 41.79
C ILE H 44 -30.17 -13.97 40.75
N LYS H 45 -29.15 -13.28 41.23
CA LYS H 45 -28.22 -12.57 40.35
C LYS H 45 -26.80 -12.75 40.90
N LEU H 46 -25.85 -12.95 39.99
CA LEU H 46 -24.45 -13.16 40.37
C LEU H 46 -23.75 -11.82 40.43
N LEU H 47 -22.98 -11.58 41.51
CA LEU H 47 -22.35 -10.28 41.74
C LEU H 47 -20.90 -10.27 41.30
N ILE H 48 -20.08 -11.13 41.90
CA ILE H 48 -18.63 -11.06 41.79
C ILE H 48 -18.14 -12.40 41.27
N TYR H 49 -17.43 -12.38 40.14
CA TYR H 49 -16.88 -13.60 39.56
C TYR H 49 -15.36 -13.51 39.55
N TYR H 50 -14.72 -14.65 39.79
CA TYR H 50 -13.26 -14.79 39.94
C TYR H 50 -12.74 -13.93 41.08
N THR H 51 -13.57 -13.73 42.11
CA THR H 51 -13.36 -13.08 43.42
C THR H 51 -12.87 -11.64 43.34
N SER H 52 -12.69 -11.09 42.16
CA SER H 52 -12.25 -9.71 42.08
C SER H 52 -13.07 -8.86 41.13
N ARG H 53 -13.48 -9.40 39.98
CA ARG H 53 -14.21 -8.61 38.99
C ARG H 53 -15.72 -8.78 39.15
N LEU H 54 -16.43 -7.71 38.83
CA LEU H 54 -17.88 -7.62 38.99
C LEU H 54 -18.56 -7.84 37.66
N HIS H 55 -19.81 -8.30 37.72
CA HIS H 55 -20.60 -8.54 36.53
C HIS H 55 -21.05 -7.23 35.89
N SER H 56 -21.28 -7.28 34.58
CA SER H 56 -21.83 -6.13 33.88
C SER H 56 -23.29 -5.90 34.27
N GLY H 57 -23.64 -4.64 34.50
CA GLY H 57 -24.97 -4.27 34.94
C GLY H 57 -25.14 -4.21 36.44
N VAL H 58 -24.30 -4.91 37.18
CA VAL H 58 -24.30 -4.80 38.65
C VAL H 58 -23.76 -3.43 39.03
N PRO H 59 -24.38 -2.72 39.97
CA PRO H 59 -23.85 -1.40 40.38
C PRO H 59 -22.48 -1.52 41.01
N SER H 60 -21.68 -0.46 40.83
CA SER H 60 -20.28 -0.46 41.25
C SER H 60 -20.10 -0.45 42.77
N ARG H 61 -21.16 -0.19 43.53
CA ARG H 61 -21.06 -0.22 44.99
C ARG H 61 -20.79 -1.62 45.53
N PHE H 62 -21.15 -2.66 44.79
CA PHE H 62 -20.80 -4.02 45.18
C PHE H 62 -19.36 -4.31 44.77
N SER H 63 -18.56 -4.78 45.72
CA SER H 63 -17.16 -5.10 45.43
C SER H 63 -16.68 -6.16 46.41
N GLY H 64 -15.96 -7.15 45.88
CA GLY H 64 -15.38 -8.19 46.70
C GLY H 64 -13.91 -8.35 46.40
N SER H 65 -13.16 -8.85 47.37
CA SER H 65 -11.73 -9.04 47.23
C SER H 65 -11.27 -10.14 48.19
N GLY H 66 -9.96 -10.23 48.37
CA GLY H 66 -9.39 -11.25 49.22
C GLY H 66 -8.65 -12.31 48.44
N SER H 67 -7.82 -13.09 49.12
CA SER H 67 -7.05 -14.14 48.47
C SER H 67 -6.81 -15.26 49.47
N GLY H 68 -6.42 -16.41 48.95
CA GLY H 68 -6.18 -17.56 49.79
C GLY H 68 -7.45 -18.23 50.27
N THR H 69 -7.74 -18.10 51.57
CA THR H 69 -8.93 -18.69 52.14
C THR H 69 -9.96 -17.70 52.64
N ASP H 70 -9.54 -16.52 53.12
CA ASP H 70 -10.45 -15.53 53.67
C ASP H 70 -10.85 -14.54 52.58
N TYR H 71 -12.15 -14.40 52.36
CA TYR H 71 -12.68 -13.54 51.33
C TYR H 71 -13.78 -12.67 51.91
N SER H 72 -13.99 -11.51 51.29
CA SER H 72 -14.94 -10.54 51.81
C SER H 72 -15.64 -9.86 50.65
N LEU H 73 -16.82 -9.30 50.93
CA LEU H 73 -17.58 -8.49 49.99
C LEU H 73 -17.96 -7.19 50.68
N THR H 74 -17.67 -6.06 50.02
CA THR H 74 -17.86 -4.74 50.62
C THR H 74 -18.83 -3.93 49.79
N ILE H 75 -19.84 -3.37 50.45
CA ILE H 75 -20.81 -2.47 49.82
C ILE H 75 -20.56 -1.07 50.38
N SER H 76 -20.19 -0.14 49.48
CA SER H 76 -19.74 1.17 49.93
C SER H 76 -20.90 2.01 50.48
N ASN H 77 -22.01 2.07 49.75
CA ASN H 77 -23.16 2.88 50.15
C ASN H 77 -24.44 2.10 49.86
N LEU H 78 -25.14 1.72 50.92
CA LEU H 78 -26.34 0.90 50.78
C LEU H 78 -27.51 1.74 50.26
N GLU H 79 -28.46 1.07 49.64
CA GLU H 79 -29.70 1.69 49.18
C GLU H 79 -30.88 0.81 49.56
N GLN H 80 -32.07 1.20 49.10
CA GLN H 80 -33.30 0.49 49.48
C GLN H 80 -33.44 -0.83 48.74
N GLU H 81 -32.88 -0.93 47.54
CA GLU H 81 -33.01 -2.13 46.72
C GLU H 81 -32.03 -3.23 47.10
N ASP H 82 -31.18 -3.01 48.11
CA ASP H 82 -30.14 -3.96 48.48
C ASP H 82 -30.54 -4.87 49.63
N ILE H 83 -31.77 -4.79 50.13
CA ILE H 83 -32.19 -5.57 51.28
C ILE H 83 -32.51 -6.99 50.85
N ALA H 84 -31.53 -7.89 50.96
CA ALA H 84 -31.70 -9.26 50.49
C ALA H 84 -30.66 -10.15 51.17
N THR H 85 -30.52 -11.37 50.65
CA THR H 85 -29.69 -12.41 51.23
C THR H 85 -28.52 -12.70 50.29
N TYR H 86 -27.34 -12.94 50.86
CA TYR H 86 -26.11 -13.13 50.10
C TYR H 86 -25.61 -14.57 50.24
N PHE H 87 -25.13 -15.12 49.13
CA PHE H 87 -24.49 -16.44 49.11
C PHE H 87 -23.15 -16.33 48.38
N CYS H 88 -22.12 -16.96 48.95
CA CYS H 88 -20.79 -17.00 48.36
C CYS H 88 -20.40 -18.45 48.04
N GLN H 89 -19.83 -18.65 46.86
CA GLN H 89 -19.69 -19.98 46.26
C GLN H 89 -18.27 -20.21 45.78
N GLN H 90 -17.73 -21.39 46.09
CA GLN H 90 -16.42 -21.79 45.55
C GLN H 90 -16.60 -22.56 44.25
N SER H 91 -15.56 -22.48 43.41
CA SER H 91 -15.58 -23.25 42.16
C SER H 91 -14.22 -23.84 41.81
N ASN H 92 -13.27 -23.94 42.74
CA ASN H 92 -11.94 -24.44 42.40
C ASN H 92 -11.98 -25.93 42.09
N VAL H 93 -12.63 -26.72 42.94
CA VAL H 93 -12.66 -28.16 42.79
C VAL H 93 -14.12 -28.63 42.84
N LEU H 94 -14.40 -29.71 42.11
CA LEU H 94 -15.74 -30.26 42.08
C LEU H 94 -16.06 -30.92 43.42
N PRO H 95 -17.31 -30.82 43.89
CA PRO H 95 -18.42 -30.03 43.34
C PRO H 95 -18.37 -28.58 43.79
N ARG H 96 -19.13 -27.70 43.14
CA ARG H 96 -19.28 -26.34 43.65
C ARG H 96 -20.07 -26.37 44.95
N THR H 97 -19.71 -25.50 45.88
CA THR H 97 -20.41 -25.40 47.15
C THR H 97 -20.71 -23.94 47.44
N PHE H 98 -21.95 -23.67 47.84
CA PHE H 98 -22.39 -22.33 48.18
C PHE H 98 -22.23 -22.10 49.69
N GLY H 99 -22.32 -20.84 50.08
CA GLY H 99 -22.21 -20.48 51.48
C GLY H 99 -23.47 -20.79 52.27
N GLY H 100 -23.38 -20.55 53.57
CA GLY H 100 -24.53 -20.75 54.44
C GLY H 100 -25.62 -19.73 54.27
N GLY H 101 -25.30 -18.55 53.74
CA GLY H 101 -26.27 -17.51 53.51
C GLY H 101 -26.31 -16.51 54.66
N THR H 102 -26.63 -15.26 54.31
CA THR H 102 -26.72 -14.20 55.31
C THR H 102 -27.71 -13.16 54.80
N LYS H 103 -28.80 -12.96 55.54
CA LYS H 103 -29.84 -12.01 55.15
C LYS H 103 -29.47 -10.63 55.68
N LEU H 104 -29.31 -9.67 54.77
CA LEU H 104 -29.00 -8.28 55.14
C LEU H 104 -30.31 -7.54 55.37
N GLU H 105 -30.45 -6.95 56.56
CA GLU H 105 -31.68 -6.27 56.96
C GLU H 105 -31.41 -4.81 57.29
N ILE H 106 -32.47 -4.02 57.31
CA ILE H 106 -32.41 -2.62 57.68
C ILE H 106 -32.74 -2.49 59.15
N LYS H 107 -31.84 -1.88 59.93
CA LYS H 107 -32.05 -1.69 61.35
C LYS H 107 -32.98 -0.51 61.60
N GLN I 1 35.26 5.57 22.36
CA GLN I 1 36.51 4.86 22.08
C GLN I 1 36.63 3.60 22.91
N VAL I 2 36.92 2.48 22.26
CA VAL I 2 37.11 1.21 22.94
C VAL I 2 38.56 1.14 23.43
N GLN I 3 38.75 1.34 24.74
CA GLN I 3 40.07 1.21 25.33
C GLN I 3 39.95 0.46 26.64
N LEU I 4 40.80 -0.53 26.82
CA LEU I 4 40.84 -1.34 28.03
C LEU I 4 41.88 -0.71 28.97
N GLN I 5 41.43 0.22 29.80
CA GLN I 5 42.30 0.88 30.76
C GLN I 5 42.78 -0.13 31.79
N GLN I 6 44.06 -0.08 32.12
CA GLN I 6 44.70 -1.07 32.96
C GLN I 6 45.49 -0.37 34.06
N SER I 7 45.79 -1.12 35.13
CA SER I 7 46.37 -0.54 36.33
C SER I 7 47.86 -0.27 36.14
N GLY I 8 48.54 0.08 37.22
CA GLY I 8 49.96 0.33 37.20
C GLY I 8 50.78 -0.91 37.53
N ALA I 9 52.05 -0.67 37.88
CA ALA I 9 52.97 -1.73 38.19
C ALA I 9 52.91 -2.09 39.68
N GLU I 10 53.23 -3.34 39.99
CA GLU I 10 53.25 -3.84 41.36
C GLU I 10 54.57 -4.56 41.63
N LEU I 11 54.85 -4.77 42.92
CA LEU I 11 56.04 -5.47 43.38
C LEU I 11 55.70 -6.16 44.69
N VAL I 12 55.72 -7.49 44.69
CA VAL I 12 55.31 -8.27 45.85
C VAL I 12 56.35 -9.34 46.16
N MET I 13 56.12 -10.05 47.27
CA MET I 13 57.00 -11.12 47.69
C MET I 13 56.86 -12.31 46.74
N PRO I 14 57.93 -13.08 46.54
CA PRO I 14 57.75 -14.42 45.97
C PRO I 14 56.81 -15.27 46.82
N GLY I 15 55.88 -15.95 46.16
CA GLY I 15 54.87 -16.72 46.84
C GLY I 15 53.66 -15.94 47.30
N ALA I 16 53.64 -14.62 47.10
CA ALA I 16 52.51 -13.81 47.50
C ALA I 16 51.44 -13.82 46.41
N SER I 17 50.40 -13.01 46.62
CA SER I 17 49.29 -12.91 45.68
C SER I 17 49.06 -11.46 45.29
N VAL I 18 48.65 -11.25 44.04
CA VAL I 18 48.37 -9.94 43.49
C VAL I 18 47.07 -10.03 42.70
N LYS I 19 46.36 -8.91 42.59
CA LYS I 19 45.11 -8.87 41.85
C LYS I 19 45.16 -7.71 40.85
N LEU I 20 45.09 -8.04 39.56
CA LEU I 20 45.15 -7.08 38.48
C LEU I 20 43.75 -6.63 38.09
N SER I 21 43.68 -5.54 37.31
CA SER I 21 42.42 -4.98 36.89
C SER I 21 42.51 -4.51 35.44
N CYS I 22 41.36 -4.45 34.78
CA CYS I 22 41.28 -4.01 33.39
C CYS I 22 39.87 -3.49 33.14
N LYS I 23 39.73 -2.17 33.10
CA LYS I 23 38.43 -1.52 33.00
C LYS I 23 38.03 -1.38 31.54
N ALA I 24 36.95 -2.06 31.15
CA ALA I 24 36.43 -1.98 29.80
C ALA I 24 35.48 -0.79 29.67
N SER I 25 35.50 -0.16 28.50
CA SER I 25 34.68 1.04 28.30
C SER I 25 34.42 1.20 26.82
N GLY I 26 33.36 1.96 26.51
CA GLY I 26 33.00 2.28 25.15
C GLY I 26 32.21 1.20 24.43
N TYR I 27 31.97 0.06 25.06
CA TYR I 27 31.24 -1.03 24.43
C TYR I 27 30.60 -1.88 25.52
N THR I 28 29.60 -2.67 25.11
CA THR I 28 28.86 -3.50 26.05
C THR I 28 29.72 -4.67 26.51
N PHE I 29 29.85 -4.80 27.84
CA PHE I 29 30.82 -5.72 28.42
C PHE I 29 30.50 -7.18 28.10
N ILE I 30 29.21 -7.56 28.16
CA ILE I 30 28.83 -8.97 27.99
C ILE I 30 28.87 -9.43 26.54
N SER I 31 29.19 -8.56 25.60
CA SER I 31 29.20 -8.94 24.19
C SER I 31 30.42 -9.78 23.84
N TYR I 32 31.60 -9.19 23.97
CA TYR I 32 32.85 -9.83 23.59
C TYR I 32 33.57 -10.36 24.81
N TRP I 33 34.37 -11.41 24.60
CA TRP I 33 35.07 -12.08 25.67
C TRP I 33 36.30 -11.27 26.10
N MET I 34 36.90 -11.69 27.21
CA MET I 34 38.18 -11.17 27.69
C MET I 34 39.24 -12.25 27.63
N HIS I 35 40.40 -11.88 27.14
CA HIS I 35 41.56 -12.77 27.12
C HIS I 35 42.77 -12.00 27.65
N TRP I 36 43.69 -12.72 28.28
CA TRP I 36 44.87 -12.11 28.86
C TRP I 36 46.10 -12.76 28.26
N VAL I 37 47.10 -11.95 27.91
CA VAL I 37 48.27 -12.41 27.20
C VAL I 37 49.51 -12.01 28.01
N LYS I 38 50.32 -13.00 28.35
CA LYS I 38 51.55 -12.79 29.11
C LYS I 38 52.75 -12.73 28.18
N GLN I 39 53.60 -11.73 28.37
CA GLN I 39 54.80 -11.57 27.56
C GLN I 39 55.98 -11.30 28.51
N ARG I 40 56.77 -12.33 28.76
CA ARG I 40 58.04 -12.14 29.45
C ARG I 40 58.97 -11.32 28.56
N PRO I 41 59.76 -10.41 29.14
CA PRO I 41 60.68 -9.60 28.32
C PRO I 41 61.71 -10.46 27.60
N GLY I 42 61.85 -10.21 26.29
CA GLY I 42 62.72 -10.99 25.45
C GLY I 42 62.15 -12.32 25.01
N GLN I 43 60.90 -12.62 25.35
CA GLN I 43 60.27 -13.89 25.04
C GLN I 43 59.06 -13.66 24.14
N GLY I 44 58.31 -14.74 23.89
CA GLY I 44 57.14 -14.68 23.04
C GLY I 44 55.86 -14.48 23.82
N LEU I 45 54.79 -14.19 23.06
CA LEU I 45 53.48 -13.96 23.63
C LEU I 45 52.84 -15.28 24.01
N GLU I 46 52.15 -15.31 25.15
CA GLU I 46 51.52 -16.53 25.64
C GLU I 46 50.07 -16.25 26.05
N TRP I 47 49.20 -17.20 25.73
CA TRP I 47 47.78 -17.12 26.04
C TRP I 47 47.47 -17.96 27.27
N ILE I 48 46.83 -17.36 28.26
CA ILE I 48 46.69 -17.98 29.57
C ILE I 48 45.26 -18.33 29.93
N GLY I 49 44.26 -17.64 29.38
CA GLY I 49 42.89 -17.98 29.72
C GLY I 49 41.90 -17.03 29.07
N GLU I 50 40.63 -17.44 29.14
CA GLU I 50 39.53 -16.68 28.58
C GLU I 50 38.33 -16.73 29.52
N ILE I 51 37.52 -15.68 29.48
CA ILE I 51 36.36 -15.57 30.34
C ILE I 51 35.18 -15.11 29.49
N ASP I 52 33.97 -15.42 29.96
CA ASP I 52 32.74 -14.97 29.32
C ASP I 52 32.08 -13.95 30.24
N PRO I 53 31.97 -12.68 29.83
CA PRO I 53 31.37 -11.68 30.73
C PRO I 53 29.89 -11.88 31.00
N SER I 54 29.19 -12.65 30.16
CA SER I 54 27.76 -12.88 30.40
C SER I 54 27.52 -13.82 31.58
N ASP I 55 28.23 -14.95 31.65
CA ASP I 55 27.94 -15.91 32.70
C ASP I 55 29.18 -16.59 33.28
N SER I 56 30.38 -16.02 33.08
CA SER I 56 31.64 -16.51 33.67
C SER I 56 31.95 -17.94 33.25
N TYR I 57 32.18 -18.14 31.95
CA TYR I 57 32.73 -19.39 31.47
C TYR I 57 34.25 -19.37 31.56
N THR I 58 34.82 -20.39 32.20
CA THR I 58 36.25 -20.43 32.48
C THR I 58 36.91 -21.47 31.58
N ASN I 59 37.91 -21.03 30.83
CA ASN I 59 38.80 -21.92 30.09
C ASN I 59 40.22 -21.40 30.25
N TYR I 60 41.12 -22.26 30.73
CA TYR I 60 42.48 -21.88 31.05
C TYR I 60 43.46 -22.67 30.20
N ASN I 61 44.68 -22.14 30.09
CA ASN I 61 45.76 -22.87 29.49
C ASN I 61 46.13 -24.07 30.35
N GLN I 62 46.65 -25.11 29.70
CA GLN I 62 46.95 -26.36 30.40
C GLN I 62 48.11 -26.19 31.39
N LYS I 63 49.09 -25.35 31.06
CA LYS I 63 50.26 -25.20 31.92
C LYS I 63 49.98 -24.32 33.13
N PHE I 64 48.85 -23.62 33.16
CA PHE I 64 48.56 -22.66 34.22
C PHE I 64 47.30 -23.03 35.01
N LYS I 65 47.13 -24.30 35.38
CA LYS I 65 46.02 -24.68 36.24
C LYS I 65 46.36 -24.41 37.69
N GLY I 66 45.40 -23.85 38.43
CA GLY I 66 45.60 -23.53 39.83
C GLY I 66 46.49 -22.33 40.08
N LYS I 67 46.98 -21.67 39.05
CA LYS I 67 47.93 -20.58 39.14
C LYS I 67 47.35 -19.25 38.69
N ALA I 68 46.50 -19.26 37.68
CA ALA I 68 45.83 -18.05 37.20
C ALA I 68 44.33 -18.27 37.21
N ARG I 69 43.58 -17.27 37.67
CA ARG I 69 42.13 -17.37 37.73
C ARG I 69 41.50 -16.09 37.21
N LEU I 70 40.30 -16.22 36.67
CA LEU I 70 39.62 -15.15 35.94
C LEU I 70 38.29 -14.84 36.62
N THR I 71 38.07 -13.55 36.91
CA THR I 71 36.81 -13.07 37.45
C THR I 71 36.46 -11.77 36.74
N VAL I 72 35.16 -11.46 36.73
CA VAL I 72 34.68 -10.21 36.17
C VAL I 72 33.71 -9.56 37.15
N ASP I 73 33.51 -8.26 36.97
CA ASP I 73 32.49 -7.49 37.69
C ASP I 73 31.64 -6.80 36.65
N LYS I 74 30.44 -7.31 36.43
CA LYS I 74 29.57 -6.80 35.37
C LYS I 74 29.04 -5.41 35.68
N SER I 75 29.03 -5.01 36.95
CA SER I 75 28.53 -3.68 37.30
C SER I 75 29.50 -2.59 36.86
N SER I 76 30.80 -2.80 37.09
CA SER I 76 31.80 -1.79 36.80
C SER I 76 32.50 -1.97 35.45
N SER I 77 32.11 -3.00 34.69
CA SER I 77 32.74 -3.36 33.41
C SER I 77 34.24 -3.59 33.57
N THR I 78 34.59 -4.49 34.50
CA THR I 78 35.98 -4.72 34.88
C THR I 78 36.30 -6.20 34.85
N ALA I 79 37.48 -6.55 34.35
CA ALA I 79 37.98 -7.92 34.34
C ALA I 79 39.19 -8.04 35.24
N TYR I 80 39.17 -9.01 36.15
CA TYR I 80 40.18 -9.13 37.21
C TYR I 80 41.06 -10.36 36.99
N MET I 81 42.32 -10.24 37.43
CA MET I 81 43.29 -11.34 37.41
C MET I 81 43.86 -11.52 38.80
N GLN I 82 43.62 -12.67 39.40
CA GLN I 82 44.25 -13.02 40.67
C GLN I 82 45.34 -14.05 40.41
N LEU I 83 46.53 -13.80 40.94
CA LEU I 83 47.69 -14.67 40.74
C LEU I 83 48.09 -15.23 42.09
N SER I 84 48.54 -16.48 42.09
CA SER I 84 48.88 -17.17 43.33
C SER I 84 50.19 -17.94 43.15
N SER I 85 50.92 -18.06 44.26
CA SER I 85 52.19 -18.79 44.34
C SER I 85 53.21 -18.25 43.33
N LEU I 86 53.56 -16.98 43.53
CA LEU I 86 54.43 -16.30 42.58
C LEU I 86 55.88 -16.74 42.74
N THR I 87 56.58 -16.78 41.62
CA THR I 87 57.97 -17.21 41.53
C THR I 87 58.71 -16.17 40.67
N SER I 88 60.04 -16.15 40.72
CA SER I 88 60.84 -15.21 39.94
C SER I 88 60.65 -15.38 38.43
N GLU I 89 60.21 -16.56 37.97
CA GLU I 89 59.91 -16.76 36.55
C GLU I 89 58.66 -16.02 36.11
N ASP I 90 57.84 -15.53 37.03
CA ASP I 90 56.54 -14.95 36.73
C ASP I 90 56.62 -13.50 36.27
N SER I 91 57.80 -12.87 36.31
CA SER I 91 57.93 -11.45 36.02
C SER I 91 57.72 -11.19 34.54
N ALA I 92 56.63 -10.52 34.20
CA ALA I 92 56.28 -10.27 32.81
C ALA I 92 55.37 -9.06 32.72
N VAL I 93 54.95 -8.75 31.50
CA VAL I 93 53.98 -7.70 31.23
C VAL I 93 52.68 -8.36 30.79
N TYR I 94 51.63 -8.20 31.58
CA TYR I 94 50.36 -8.89 31.36
C TYR I 94 49.44 -7.98 30.57
N TYR I 95 49.09 -8.40 29.36
CA TYR I 95 48.25 -7.59 28.47
C TYR I 95 46.80 -8.03 28.59
N CYS I 96 45.93 -7.09 28.95
CA CYS I 96 44.49 -7.33 28.90
C CYS I 96 44.01 -7.12 27.47
N ALA I 97 43.36 -8.13 26.91
CA ALA I 97 42.94 -8.09 25.51
C ALA I 97 41.46 -8.39 25.41
N ARG I 98 40.79 -7.71 24.49
CA ARG I 98 39.43 -8.09 24.13
C ARG I 98 39.46 -9.38 23.33
N GLY I 99 38.28 -9.90 23.01
CA GLY I 99 38.25 -11.12 22.24
C GLY I 99 36.92 -11.40 21.59
N TYR I 100 36.97 -11.85 20.34
CA TYR I 100 35.75 -12.25 19.66
C TYR I 100 35.25 -13.55 20.30
N TYR I 101 33.97 -13.84 20.13
CA TYR I 101 33.32 -14.85 20.95
C TYR I 101 33.87 -16.24 20.65
N GLY I 102 34.22 -16.96 21.72
CA GLY I 102 34.54 -18.36 21.61
C GLY I 102 35.89 -18.73 21.04
N SER I 103 35.94 -19.83 20.30
CA SER I 103 37.18 -20.38 19.79
C SER I 103 37.71 -19.65 18.56
N SER I 104 36.96 -18.70 17.99
CA SER I 104 37.52 -17.86 16.95
C SER I 104 38.65 -17.01 17.48
N GLY I 105 38.38 -16.27 18.56
CA GLY I 105 39.41 -15.69 19.41
C GLY I 105 40.37 -14.74 18.75
N TYR I 106 39.90 -13.88 17.85
CA TYR I 106 40.76 -12.83 17.34
C TYR I 106 40.58 -11.61 18.24
N PHE I 107 41.69 -11.12 18.79
CA PHE I 107 41.66 -10.09 19.82
C PHE I 107 41.63 -8.74 19.13
N ASP I 108 40.44 -8.18 18.98
CA ASP I 108 40.27 -7.01 18.13
C ASP I 108 40.81 -5.74 18.80
N VAL I 109 40.76 -5.66 20.13
CA VAL I 109 41.27 -4.52 20.87
C VAL I 109 42.18 -5.03 21.98
N TRP I 110 43.38 -4.46 22.07
CA TRP I 110 44.38 -4.84 23.06
C TRP I 110 44.47 -3.80 24.16
N GLY I 111 45.32 -4.07 25.15
CA GLY I 111 45.57 -3.17 26.25
C GLY I 111 47.00 -2.68 26.29
N THR I 112 47.36 -2.08 27.43
CA THR I 112 48.68 -1.47 27.59
C THR I 112 49.64 -2.32 28.40
N GLY I 113 49.17 -3.07 29.38
CA GLY I 113 50.06 -3.94 30.13
C GLY I 113 50.47 -3.36 31.47
N THR I 114 50.77 -4.26 32.41
CA THR I 114 51.28 -3.89 33.73
C THR I 114 52.61 -4.60 33.93
N THR I 115 53.63 -3.86 34.34
CA THR I 115 54.93 -4.44 34.62
C THR I 115 54.87 -5.14 35.98
N VAL I 116 54.73 -6.46 35.96
CA VAL I 116 54.69 -7.27 37.17
C VAL I 116 56.10 -7.80 37.40
N THR I 117 56.67 -7.49 38.56
CA THR I 117 58.02 -7.90 38.91
C THR I 117 57.99 -8.65 40.24
N VAL I 118 58.64 -9.80 40.28
CA VAL I 118 58.74 -10.61 41.49
C VAL I 118 60.20 -10.63 41.93
N SER I 119 60.46 -10.09 43.12
CA SER I 119 61.80 -10.08 43.68
C SER I 119 61.72 -9.90 45.19
N SER I 120 62.78 -10.34 45.88
CA SER I 120 62.88 -10.16 47.33
C SER I 120 63.65 -8.90 47.71
N ALA I 121 64.26 -8.21 46.76
CA ALA I 121 65.08 -7.04 47.04
C ALA I 121 64.16 -5.84 47.27
N ASP J 1 49.12 -30.17 21.84
CA ASP J 1 49.42 -28.75 21.70
C ASP J 1 50.09 -28.49 20.36
N ILE J 2 49.67 -27.41 19.69
CA ILE J 2 50.19 -27.09 18.36
C ILE J 2 51.48 -26.31 18.56
N GLN J 3 52.62 -26.96 18.31
CA GLN J 3 53.91 -26.28 18.35
C GLN J 3 54.04 -25.40 17.11
N MET J 4 53.83 -24.10 17.29
CA MET J 4 53.72 -23.17 16.18
C MET J 4 54.97 -22.31 16.13
N THR J 5 55.58 -22.20 14.95
CA THR J 5 56.93 -21.68 14.82
C THR J 5 56.99 -20.60 13.74
N GLN J 6 57.78 -19.57 14.00
CA GLN J 6 58.20 -18.60 13.00
C GLN J 6 59.67 -18.85 12.71
N THR J 7 59.99 -19.28 11.48
CA THR J 7 61.35 -19.68 11.16
C THR J 7 62.28 -18.48 11.05
N THR J 8 61.80 -17.38 10.47
CA THR J 8 62.61 -16.18 10.30
C THR J 8 62.72 -15.47 11.64
N SER J 9 63.92 -15.48 12.23
CA SER J 9 64.12 -14.81 13.51
C SER J 9 64.07 -13.29 13.35
N SER J 10 64.72 -12.77 12.32
CA SER J 10 64.71 -11.33 12.04
C SER J 10 64.94 -11.12 10.55
N LEU J 11 64.51 -9.97 10.06
CA LEU J 11 64.63 -9.65 8.65
C LEU J 11 64.72 -8.14 8.50
N SER J 12 65.47 -7.69 7.49
CA SER J 12 65.67 -6.27 7.22
C SER J 12 65.20 -5.93 5.81
N ALA J 13 64.56 -4.77 5.68
CA ALA J 13 64.14 -4.26 4.38
C ALA J 13 64.13 -2.74 4.45
N SER J 14 64.20 -2.11 3.28
CA SER J 14 64.26 -0.65 3.20
C SER J 14 62.86 -0.07 3.03
N LEU J 15 62.80 1.26 3.03
CA LEU J 15 61.53 1.96 2.88
C LEU J 15 60.99 1.80 1.46
N GLY J 16 59.73 1.43 1.36
CA GLY J 16 59.10 1.18 0.07
C GLY J 16 59.31 -0.21 -0.48
N ASP J 17 60.13 -1.04 0.17
CA ASP J 17 60.35 -2.40 -0.28
C ASP J 17 59.15 -3.28 0.07
N ARG J 18 58.97 -4.33 -0.72
CA ARG J 18 57.89 -5.29 -0.49
C ARG J 18 58.46 -6.45 0.32
N VAL J 19 58.18 -6.46 1.62
CA VAL J 19 58.68 -7.49 2.53
C VAL J 19 57.58 -8.53 2.75
N THR J 20 57.95 -9.80 2.66
CA THR J 20 57.04 -10.91 2.87
C THR J 20 57.51 -11.72 4.07
N ILE J 21 56.62 -11.91 5.05
CA ILE J 21 56.92 -12.65 6.26
C ILE J 21 55.95 -13.82 6.35
N SER J 22 56.45 -14.97 6.80
CA SER J 22 55.69 -16.21 6.79
C SER J 22 55.93 -16.98 8.07
N CYS J 23 54.98 -17.86 8.41
CA CYS J 23 55.12 -18.77 9.54
C CYS J 23 54.35 -20.05 9.27
N ARG J 24 54.74 -21.11 9.97
CA ARG J 24 54.23 -22.45 9.72
C ARG J 24 53.69 -23.04 11.02
N ALA J 25 52.54 -23.71 10.92
CA ALA J 25 51.95 -24.43 12.03
C ALA J 25 52.25 -25.92 11.92
N SER J 26 52.30 -26.60 13.07
CA SER J 26 52.63 -28.01 13.09
C SER J 26 51.50 -28.88 12.54
N GLN J 27 50.28 -28.38 12.52
CA GLN J 27 49.14 -29.11 11.98
C GLN J 27 48.29 -28.18 11.13
N ASP J 28 47.28 -28.74 10.49
CA ASP J 28 46.34 -27.94 9.72
C ASP J 28 45.46 -27.16 10.69
N ILE J 29 45.57 -25.83 10.63
CA ILE J 29 44.82 -24.96 11.52
C ILE J 29 43.71 -24.23 10.76
N SER J 30 43.22 -24.83 9.66
CA SER J 30 42.15 -24.30 8.82
C SER J 30 42.44 -22.90 8.30
N ASN J 31 41.60 -21.94 8.67
CA ASN J 31 41.70 -20.58 8.15
C ASN J 31 41.51 -19.56 9.28
N TYR J 32 42.10 -19.85 10.43
CA TYR J 32 42.01 -18.97 11.60
C TYR J 32 43.42 -18.59 12.01
N LEU J 33 43.86 -17.41 11.59
CA LEU J 33 45.19 -16.89 11.90
C LEU J 33 45.08 -15.44 12.33
N ASN J 34 45.93 -15.03 13.27
CA ASN J 34 45.91 -13.68 13.80
C ASN J 34 47.31 -13.10 13.78
N TRP J 35 47.47 -11.95 13.12
CA TRP J 35 48.76 -11.27 13.02
C TRP J 35 48.76 -10.09 13.98
N CYS J 36 49.74 -10.06 14.88
CA CYS J 36 49.82 -9.05 15.93
C CYS J 36 51.07 -8.19 15.73
N GLN J 37 50.86 -6.87 15.75
CA GLN J 37 51.93 -5.90 15.58
C GLN J 37 52.25 -5.25 16.92
N GLN J 38 53.47 -5.47 17.41
CA GLN J 38 53.92 -4.90 18.67
C GLN J 38 54.96 -3.83 18.38
N LYS J 39 54.58 -2.57 18.55
CA LYS J 39 55.53 -1.47 18.45
C LYS J 39 56.52 -1.53 19.60
N PRO J 40 57.73 -0.97 19.42
CA PRO J 40 58.75 -1.05 20.49
C PRO J 40 58.36 -0.39 21.80
N ASP J 41 57.43 0.56 21.80
CA ASP J 41 57.02 1.18 23.05
C ASP J 41 56.14 0.23 23.88
N GLY J 42 55.34 -0.60 23.21
CA GLY J 42 54.57 -1.61 23.91
C GLY J 42 53.14 -1.80 23.43
N THR J 43 52.71 -1.02 22.46
CA THR J 43 51.33 -1.09 21.99
C THR J 43 51.16 -2.24 21.01
N ILE J 44 50.33 -3.22 21.38
CA ILE J 44 50.02 -4.36 20.53
C ILE J 44 48.76 -4.07 19.73
N LYS J 45 48.76 -4.47 18.46
CA LYS J 45 47.59 -4.31 17.60
C LYS J 45 47.45 -5.53 16.72
N LEU J 46 46.22 -6.00 16.54
CA LEU J 46 45.96 -7.13 15.67
C LEU J 46 45.66 -6.66 14.26
N LEU J 47 46.18 -7.39 13.27
CA LEU J 47 46.22 -6.93 11.89
C LEU J 47 45.31 -7.73 10.97
N ILE J 48 45.52 -9.05 10.90
CA ILE J 48 44.80 -9.92 9.98
C ILE J 48 44.07 -10.98 10.80
N TYR J 49 42.74 -11.00 10.72
CA TYR J 49 41.95 -11.99 11.41
C TYR J 49 41.30 -12.92 10.41
N TYR J 50 41.16 -14.20 10.82
CA TYR J 50 40.62 -15.29 10.00
C TYR J 50 41.45 -15.51 8.74
N THR J 51 42.76 -15.20 8.83
CA THR J 51 43.87 -15.42 7.89
C THR J 51 43.69 -14.73 6.54
N SER J 52 42.58 -14.06 6.31
CA SER J 52 42.41 -13.40 5.02
C SER J 52 41.97 -11.95 5.14
N ARG J 53 41.08 -11.63 6.08
CA ARG J 53 40.55 -10.28 6.20
C ARG J 53 41.32 -9.47 7.23
N LEU J 54 41.31 -8.15 7.03
CA LEU J 54 42.11 -7.21 7.80
C LEU J 54 41.21 -6.44 8.76
N HIS J 55 41.81 -6.03 9.87
CA HIS J 55 41.11 -5.22 10.86
C HIS J 55 40.84 -3.82 10.31
N SER J 56 39.68 -3.28 10.63
CA SER J 56 39.34 -1.92 10.21
C SER J 56 40.25 -0.91 10.91
N GLY J 57 40.69 0.09 10.15
CA GLY J 57 41.62 1.10 10.61
C GLY J 57 43.06 0.80 10.24
N VAL J 58 43.40 -0.47 10.01
CA VAL J 58 44.72 -0.82 9.51
C VAL J 58 44.87 -0.32 8.08
N PRO J 59 46.01 0.27 7.71
CA PRO J 59 46.20 0.68 6.31
C PRO J 59 46.18 -0.50 5.35
N SER J 60 45.71 -0.24 4.12
CA SER J 60 45.45 -1.29 3.15
C SER J 60 46.70 -1.97 2.62
N ARG J 61 47.89 -1.44 2.91
CA ARG J 61 49.14 -2.02 2.41
C ARG J 61 49.45 -3.37 3.06
N PHE J 62 48.82 -3.69 4.18
CA PHE J 62 49.04 -4.97 4.84
C PHE J 62 48.16 -6.04 4.18
N SER J 63 48.72 -7.24 4.02
CA SER J 63 48.00 -8.33 3.38
C SER J 63 48.55 -9.66 3.88
N GLY J 64 47.65 -10.54 4.30
CA GLY J 64 48.02 -11.88 4.73
C GLY J 64 47.14 -12.92 4.08
N SER J 65 47.74 -14.07 3.76
CA SER J 65 47.02 -15.13 3.07
C SER J 65 47.59 -16.47 3.50
N GLY J 66 47.27 -17.50 2.73
CA GLY J 66 47.70 -18.86 3.01
C GLY J 66 46.53 -19.75 3.40
N SER J 67 46.81 -21.05 3.33
CA SER J 67 45.82 -22.06 3.69
C SER J 67 46.56 -23.32 4.14
N GLY J 68 45.82 -24.20 4.80
CA GLY J 68 46.40 -25.43 5.30
C GLY J 68 47.31 -25.20 6.49
N THR J 69 48.62 -25.36 6.28
CA THR J 69 49.60 -25.16 7.34
C THR J 69 50.52 -23.97 7.11
N ASP J 70 50.80 -23.63 5.86
CA ASP J 70 51.73 -22.55 5.52
C ASP J 70 50.95 -21.27 5.29
N TYR J 71 51.34 -20.21 5.98
CA TYR J 71 50.69 -18.91 5.88
C TYR J 71 51.74 -17.82 5.79
N SER J 72 51.35 -16.69 5.22
CA SER J 72 52.28 -15.60 4.98
C SER J 72 51.58 -14.26 5.17
N LEU J 73 52.38 -13.25 5.49
CA LEU J 73 51.91 -11.86 5.58
C LEU J 73 52.79 -11.00 4.71
N THR J 74 52.18 -10.25 3.80
CA THR J 74 52.90 -9.48 2.80
C THR J 74 52.60 -7.99 2.99
N ILE J 75 53.65 -7.18 3.07
CA ILE J 75 53.54 -5.73 3.15
C ILE J 75 53.99 -5.17 1.81
N SER J 76 53.07 -4.50 1.10
CA SER J 76 53.34 -4.09 -0.28
C SER J 76 54.38 -2.98 -0.35
N ASN J 77 54.21 -1.94 0.46
CA ASN J 77 55.15 -0.82 0.47
C ASN J 77 55.42 -0.42 1.92
N LEU J 78 56.65 -0.61 2.37
CA LEU J 78 57.00 -0.33 3.75
C LEU J 78 57.10 1.17 3.98
N GLU J 79 56.87 1.59 5.23
CA GLU J 79 57.07 2.97 5.65
C GLU J 79 57.85 3.00 6.95
N GLN J 80 57.99 4.19 7.52
CA GLN J 80 58.79 4.35 8.73
C GLN J 80 58.06 3.83 9.97
N GLU J 81 56.73 3.89 9.98
CA GLU J 81 55.94 3.48 11.14
C GLU J 81 55.74 1.98 11.21
N ASP J 82 56.22 1.20 10.24
CA ASP J 82 55.99 -0.23 10.20
C ASP J 82 57.08 -1.03 10.90
N ILE J 83 58.04 -0.37 11.54
CA ILE J 83 59.12 -1.05 12.23
C ILE J 83 58.55 -1.65 13.52
N ALA J 84 58.42 -2.97 13.56
CA ALA J 84 57.80 -3.64 14.71
C ALA J 84 58.21 -5.11 14.73
N THR J 85 57.68 -5.80 15.74
CA THR J 85 57.84 -7.25 15.87
C THR J 85 56.49 -7.90 15.61
N TYR J 86 56.48 -8.97 14.81
CA TYR J 86 55.26 -9.56 14.30
C TYR J 86 55.07 -10.96 14.87
N PHE J 87 53.86 -11.25 15.33
CA PHE J 87 53.51 -12.56 15.87
C PHE J 87 52.30 -13.11 15.13
N CYS J 88 52.31 -14.40 14.82
CA CYS J 88 51.19 -15.06 14.18
C CYS J 88 50.59 -16.09 15.13
N GLN J 89 49.26 -16.15 15.17
CA GLN J 89 48.51 -16.86 16.20
C GLN J 89 47.54 -17.86 15.58
N GLN J 90 47.52 -19.08 16.11
CA GLN J 90 46.47 -20.04 15.79
C GLN J 90 45.40 -19.99 16.86
N SER J 91 44.19 -20.41 16.49
CA SER J 91 43.08 -20.35 17.44
C SER J 91 42.13 -21.54 17.37
N ASN J 92 42.44 -22.57 16.57
CA ASN J 92 41.48 -23.67 16.38
C ASN J 92 41.21 -24.43 17.68
N VAL J 93 42.24 -25.05 18.23
CA VAL J 93 42.07 -25.87 19.42
C VAL J 93 42.70 -25.14 20.61
N LEU J 94 42.08 -25.34 21.78
CA LEU J 94 42.60 -24.75 22.99
C LEU J 94 43.93 -25.40 23.37
N PRO J 95 44.92 -24.63 23.84
CA PRO J 95 44.90 -23.16 23.96
C PRO J 95 45.34 -22.45 22.69
N ARG J 96 45.12 -21.15 22.59
CA ARG J 96 45.73 -20.37 21.51
C ARG J 96 47.23 -20.32 21.71
N THR J 97 47.97 -20.30 20.60
CA THR J 97 49.42 -20.28 20.64
C THR J 97 49.90 -19.21 19.67
N PHE J 98 50.82 -18.37 20.14
CA PHE J 98 51.42 -17.33 19.32
C PHE J 98 52.69 -17.85 18.65
N GLY J 99 53.15 -17.10 17.66
CA GLY J 99 54.37 -17.45 16.96
C GLY J 99 55.61 -17.10 17.75
N GLY J 100 56.76 -17.44 17.17
CA GLY J 100 58.03 -17.13 17.81
C GLY J 100 58.40 -15.65 17.77
N GLY J 101 57.81 -14.90 16.85
CA GLY J 101 58.09 -13.49 16.72
C GLY J 101 59.23 -13.23 15.74
N THR J 102 59.18 -12.05 15.11
CA THR J 102 60.22 -11.65 14.17
C THR J 102 60.28 -10.13 14.16
N LYS J 103 61.45 -9.59 14.51
CA LYS J 103 61.63 -8.14 14.63
C LYS J 103 62.10 -7.59 13.30
N LEU J 104 61.24 -6.82 12.64
CA LEU J 104 61.55 -6.22 11.34
C LEU J 104 62.37 -4.96 11.54
N GLU J 105 63.50 -4.85 10.84
CA GLU J 105 64.41 -3.73 10.98
C GLU J 105 64.61 -3.03 9.63
N ILE J 106 65.14 -1.81 9.70
CA ILE J 106 65.45 -1.03 8.52
C ILE J 106 66.92 -1.20 8.19
N LYS J 107 67.21 -1.61 6.96
CA LYS J 107 68.59 -1.78 6.51
C LYS J 107 69.14 -0.47 5.96
N GLN K 1 5.43 -27.18 -30.85
CA GLN K 1 4.50 -28.30 -31.00
C GLN K 1 5.16 -29.62 -30.61
N VAL K 2 4.54 -30.33 -29.68
CA VAL K 2 5.10 -31.58 -29.19
C VAL K 2 4.89 -32.69 -30.21
N GLN K 3 5.95 -33.45 -30.47
CA GLN K 3 5.90 -34.60 -31.35
C GLN K 3 7.02 -35.55 -30.96
N LEU K 4 6.73 -36.85 -30.96
CA LEU K 4 7.71 -37.88 -30.67
C LEU K 4 8.21 -38.42 -32.01
N GLN K 5 9.32 -37.86 -32.50
CA GLN K 5 9.90 -38.29 -33.75
C GLN K 5 10.37 -39.74 -33.65
N GLN K 6 10.23 -40.46 -34.75
CA GLN K 6 10.40 -41.90 -34.76
C GLN K 6 11.22 -42.29 -35.99
N SER K 7 12.04 -43.34 -35.82
CA SER K 7 12.95 -43.75 -36.88
C SER K 7 12.22 -44.55 -37.96
N GLY K 8 12.99 -45.05 -38.91
CA GLY K 8 12.46 -45.88 -39.98
C GLY K 8 12.33 -47.33 -39.58
N ALA K 9 11.96 -48.15 -40.56
CA ALA K 9 11.76 -49.58 -40.31
C ALA K 9 13.09 -50.33 -40.31
N GLU K 10 13.13 -51.42 -39.56
CA GLU K 10 14.29 -52.30 -39.52
C GLU K 10 13.88 -53.73 -39.89
N LEU K 11 14.84 -54.49 -40.40
CA LEU K 11 14.64 -55.88 -40.78
C LEU K 11 15.93 -56.63 -40.45
N VAL K 12 15.90 -57.42 -39.38
CA VAL K 12 17.11 -58.00 -38.80
C VAL K 12 16.97 -59.51 -38.74
N MET K 13 18.07 -60.16 -38.32
CA MET K 13 18.10 -61.61 -38.21
C MET K 13 17.22 -62.08 -37.06
N PRO K 14 16.72 -63.32 -37.12
CA PRO K 14 16.11 -63.92 -35.92
C PRO K 14 17.17 -64.25 -34.90
N GLY K 15 16.95 -63.79 -33.66
CA GLY K 15 17.93 -63.93 -32.61
C GLY K 15 18.93 -62.80 -32.51
N ALA K 16 18.89 -61.84 -33.42
CA ALA K 16 19.81 -60.71 -33.40
C ALA K 16 19.28 -59.63 -32.45
N SER K 17 19.88 -58.46 -32.48
CA SER K 17 19.51 -57.36 -31.61
C SER K 17 19.29 -56.09 -32.43
N VAL K 18 18.31 -55.29 -32.02
CA VAL K 18 18.01 -54.03 -32.68
C VAL K 18 17.75 -52.99 -31.58
N LYS K 19 18.12 -51.75 -31.87
CA LYS K 19 17.96 -50.65 -30.91
C LYS K 19 17.14 -49.55 -31.55
N LEU K 20 15.88 -49.42 -31.11
CA LEU K 20 14.99 -48.39 -31.62
C LEU K 20 15.27 -47.05 -30.94
N SER K 21 14.67 -46.00 -31.48
CA SER K 21 14.87 -44.64 -30.97
C SER K 21 13.58 -43.86 -31.07
N CYS K 22 13.45 -42.84 -30.22
CA CYS K 22 12.27 -41.98 -30.23
C CYS K 22 12.70 -40.63 -29.64
N LYS K 23 12.92 -39.64 -30.50
CA LYS K 23 13.44 -38.36 -30.09
C LYS K 23 12.28 -37.45 -29.69
N ALA K 24 12.22 -37.09 -28.41
CA ALA K 24 11.17 -36.22 -27.90
C ALA K 24 11.54 -34.77 -28.09
N SER K 25 10.55 -33.94 -28.39
CA SER K 25 10.81 -32.52 -28.64
C SER K 25 9.57 -31.72 -28.29
N GLY K 26 9.77 -30.42 -28.06
CA GLY K 26 8.70 -29.52 -27.73
C GLY K 26 8.31 -29.48 -26.26
N TYR K 27 8.89 -30.34 -25.43
CA TYR K 27 8.58 -30.37 -24.01
C TYR K 27 9.82 -30.86 -23.27
N THR K 28 9.88 -30.51 -21.97
CA THR K 28 11.01 -30.90 -21.15
C THR K 28 11.02 -32.39 -20.92
N PHE K 29 12.17 -33.02 -21.17
CA PHE K 29 12.27 -34.47 -21.20
C PHE K 29 11.99 -35.09 -19.85
N ILE K 30 12.55 -34.52 -18.77
CA ILE K 30 12.48 -35.15 -17.46
C ILE K 30 11.12 -35.04 -16.80
N SER K 31 10.21 -34.22 -17.32
CA SER K 31 8.94 -34.01 -16.66
C SER K 31 7.96 -35.15 -16.91
N TYR K 32 7.55 -35.33 -18.16
CA TYR K 32 6.62 -36.41 -18.49
C TYR K 32 7.37 -37.70 -18.78
N TRP K 33 6.73 -38.82 -18.45
CA TRP K 33 7.36 -40.12 -18.63
C TRP K 33 7.33 -40.53 -20.10
N MET K 34 8.10 -41.57 -20.42
CA MET K 34 8.09 -42.17 -21.75
C MET K 34 7.63 -43.61 -21.66
N HIS K 35 6.67 -43.97 -22.50
CA HIS K 35 6.12 -45.32 -22.53
C HIS K 35 6.18 -45.86 -23.95
N TRP K 36 6.38 -47.17 -24.06
CA TRP K 36 6.42 -47.85 -25.34
C TRP K 36 5.26 -48.85 -25.40
N VAL K 37 4.54 -48.86 -26.51
CA VAL K 37 3.38 -49.73 -26.67
C VAL K 37 3.53 -50.52 -27.96
N LYS K 38 3.39 -51.84 -27.86
CA LYS K 38 3.55 -52.76 -28.97
C LYS K 38 2.19 -53.17 -29.53
N GLN K 39 2.04 -53.10 -30.84
CA GLN K 39 0.81 -53.50 -31.52
C GLN K 39 1.15 -54.47 -32.64
N ARG K 40 0.78 -55.74 -32.47
CA ARG K 40 0.91 -56.71 -33.55
C ARG K 40 -0.11 -56.42 -34.64
N PRO K 41 0.16 -56.84 -35.89
CA PRO K 41 -0.81 -56.61 -36.97
C PRO K 41 -2.12 -57.36 -36.76
N GLY K 42 -3.21 -56.60 -36.61
CA GLY K 42 -4.52 -57.17 -36.40
C GLY K 42 -4.85 -57.51 -34.97
N GLN K 43 -3.90 -57.39 -34.06
CA GLN K 43 -4.11 -57.69 -32.65
C GLN K 43 -4.29 -56.40 -31.86
N GLY K 44 -4.32 -56.52 -30.53
CA GLY K 44 -4.49 -55.38 -29.66
C GLY K 44 -3.15 -54.78 -29.24
N LEU K 45 -3.22 -53.52 -28.79
CA LEU K 45 -2.03 -52.85 -28.29
C LEU K 45 -1.60 -53.48 -26.97
N GLU K 46 -0.28 -53.53 -26.76
CA GLU K 46 0.29 -54.18 -25.58
C GLU K 46 1.32 -53.23 -24.96
N TRP K 47 1.26 -53.09 -23.64
CA TRP K 47 2.09 -52.13 -22.92
C TRP K 47 3.42 -52.78 -22.55
N ILE K 48 4.52 -52.15 -22.98
CA ILE K 48 5.85 -52.75 -22.88
C ILE K 48 6.49 -52.39 -21.54
N GLY K 49 6.72 -51.10 -21.32
CA GLY K 49 7.45 -50.68 -20.14
C GLY K 49 7.35 -49.17 -19.94
N GLU K 50 7.86 -48.73 -18.80
CA GLU K 50 7.69 -47.37 -18.33
C GLU K 50 8.99 -46.90 -17.68
N ILE K 51 9.40 -45.68 -17.98
CA ILE K 51 10.72 -45.18 -17.59
C ILE K 51 10.60 -43.74 -17.13
N ASP K 52 11.35 -43.39 -16.08
CA ASP K 52 11.44 -42.01 -15.63
C ASP K 52 12.62 -41.33 -16.30
N PRO K 53 12.42 -40.28 -17.10
CA PRO K 53 13.56 -39.60 -17.73
C PRO K 53 14.44 -38.83 -16.76
N SER K 54 13.97 -38.56 -15.54
CA SER K 54 14.78 -37.81 -14.59
C SER K 54 15.94 -38.64 -14.05
N ASP K 55 15.67 -39.89 -13.64
CA ASP K 55 16.74 -40.69 -13.05
C ASP K 55 16.71 -42.16 -13.46
N SER K 56 16.06 -42.49 -14.59
CA SER K 56 16.04 -43.84 -15.17
C SER K 56 15.47 -44.89 -14.20
N TYR K 57 14.26 -44.62 -13.70
CA TYR K 57 13.52 -45.62 -12.94
C TYR K 57 12.65 -46.42 -13.90
N THR K 58 12.82 -47.75 -13.90
CA THR K 58 12.16 -48.59 -14.89
C THR K 58 11.31 -49.65 -14.23
N ASN K 59 10.07 -49.78 -14.69
CA ASN K 59 9.23 -50.92 -14.37
C ASN K 59 8.83 -51.59 -15.67
N TYR K 60 8.97 -52.92 -15.72
CA TYR K 60 8.72 -53.68 -16.94
C TYR K 60 7.47 -54.54 -16.77
N ASN K 61 6.82 -54.82 -17.90
CA ASN K 61 5.69 -55.74 -17.90
C ASN K 61 6.18 -57.15 -17.61
N GLN K 62 5.29 -57.96 -17.02
CA GLN K 62 5.68 -59.28 -16.52
C GLN K 62 6.07 -60.23 -17.66
N LYS K 63 5.53 -60.02 -18.86
CA LYS K 63 5.91 -60.86 -19.98
C LYS K 63 7.19 -60.41 -20.67
N PHE K 64 7.79 -59.31 -20.23
CA PHE K 64 8.87 -58.65 -20.94
C PHE K 64 10.14 -58.50 -20.11
N LYS K 65 10.57 -59.54 -19.40
CA LYS K 65 11.89 -59.48 -18.77
C LYS K 65 12.91 -60.07 -19.72
N GLY K 66 14.04 -59.36 -19.91
CA GLY K 66 15.09 -59.83 -20.78
C GLY K 66 14.85 -59.61 -22.25
N LYS K 67 13.66 -59.15 -22.65
CA LYS K 67 13.34 -58.89 -24.04
C LYS K 67 13.37 -57.41 -24.39
N ALA K 68 12.86 -56.57 -23.50
CA ALA K 68 12.88 -55.13 -23.69
C ALA K 68 13.74 -54.48 -22.61
N ARG K 69 14.48 -53.45 -23.01
CA ARG K 69 15.36 -52.72 -22.11
C ARG K 69 15.27 -51.24 -22.48
N LEU K 70 14.96 -50.40 -21.49
CA LEU K 70 14.63 -49.00 -21.72
C LEU K 70 15.77 -48.12 -21.22
N THR K 71 16.25 -47.24 -22.09
CA THR K 71 17.29 -46.28 -21.74
C THR K 71 16.93 -44.93 -22.33
N VAL K 72 17.51 -43.87 -21.77
CA VAL K 72 17.27 -42.50 -22.23
C VAL K 72 18.62 -41.80 -22.40
N ASP K 73 18.59 -40.74 -23.21
CA ASP K 73 19.70 -39.80 -23.37
C ASP K 73 19.14 -38.41 -23.09
N LYS K 74 19.49 -37.85 -21.94
CA LYS K 74 18.88 -36.60 -21.51
C LYS K 74 19.41 -35.38 -22.27
N SER K 75 20.57 -35.51 -22.93
CA SER K 75 21.13 -34.38 -23.65
C SER K 75 20.34 -34.07 -24.92
N SER K 76 20.02 -35.10 -25.70
CA SER K 76 19.35 -34.93 -26.97
C SER K 76 17.84 -35.15 -26.90
N SER K 77 17.31 -35.43 -25.70
CA SER K 77 15.88 -35.64 -25.45
C SER K 77 15.33 -36.79 -26.30
N THR K 78 15.84 -37.99 -26.03
CA THR K 78 15.45 -39.18 -26.78
C THR K 78 15.40 -40.39 -25.85
N ALA K 79 14.69 -41.43 -26.30
CA ALA K 79 14.53 -42.67 -25.55
C ALA K 79 14.76 -43.86 -26.48
N TYR K 80 15.32 -44.93 -25.94
CA TYR K 80 15.68 -46.11 -26.73
C TYR K 80 15.10 -47.37 -26.11
N MET K 81 14.77 -48.33 -26.96
CA MET K 81 14.57 -49.72 -26.56
C MET K 81 15.68 -50.58 -27.15
N GLN K 82 16.10 -51.59 -26.39
CA GLN K 82 17.01 -52.61 -26.88
C GLN K 82 16.31 -53.95 -26.86
N LEU K 83 16.31 -54.63 -28.00
CA LEU K 83 15.65 -55.93 -28.13
C LEU K 83 16.71 -57.02 -28.16
N SER K 84 16.44 -58.11 -27.45
CA SER K 84 17.38 -59.23 -27.36
C SER K 84 16.65 -60.54 -27.64
N SER K 85 17.35 -61.42 -28.38
CA SER K 85 16.85 -62.74 -28.77
C SER K 85 15.52 -62.63 -29.52
N LEU K 86 15.58 -61.96 -30.67
CA LEU K 86 14.38 -61.69 -31.45
C LEU K 86 13.85 -62.96 -32.10
N THR K 87 12.52 -63.01 -32.23
CA THR K 87 11.82 -64.14 -32.82
C THR K 87 10.72 -63.56 -33.70
N SER K 88 10.19 -64.39 -34.61
CA SER K 88 9.14 -63.94 -35.53
C SER K 88 7.86 -63.52 -34.81
N GLU K 89 7.66 -63.96 -33.57
CA GLU K 89 6.53 -63.49 -32.77
C GLU K 89 6.68 -62.03 -32.36
N ASP K 90 7.89 -61.48 -32.41
CA ASP K 90 8.13 -60.10 -32.02
C ASP K 90 7.87 -59.09 -33.13
N SER K 91 7.47 -59.55 -34.33
CA SER K 91 7.26 -58.66 -35.46
C SER K 91 5.97 -57.87 -35.24
N ALA K 92 6.11 -56.57 -35.00
CA ALA K 92 4.96 -55.72 -34.71
C ALA K 92 5.32 -54.28 -35.03
N VAL K 93 4.44 -53.37 -34.62
CA VAL K 93 4.66 -51.93 -34.78
C VAL K 93 4.78 -51.34 -33.38
N TYR K 94 5.94 -50.77 -33.08
CA TYR K 94 6.24 -50.27 -31.75
C TYR K 94 6.01 -48.76 -31.70
N TYR K 95 5.07 -48.34 -30.87
CA TYR K 95 4.75 -46.93 -30.70
C TYR K 95 5.39 -46.42 -29.41
N CYS K 96 6.21 -45.38 -29.51
CA CYS K 96 6.67 -44.66 -28.33
C CYS K 96 5.64 -43.61 -27.97
N ALA K 97 5.29 -43.56 -26.68
CA ALA K 97 4.23 -42.67 -26.24
C ALA K 97 4.71 -41.90 -25.02
N ARG K 98 4.17 -40.69 -24.87
CA ARG K 98 4.38 -39.89 -23.67
C ARG K 98 3.52 -40.48 -22.55
N GLY K 99 3.48 -39.81 -21.40
CA GLY K 99 2.63 -40.27 -20.34
C GLY K 99 2.62 -39.28 -19.20
N TYR K 100 1.55 -39.37 -18.40
CA TYR K 100 1.53 -38.69 -17.12
C TYR K 100 2.45 -39.45 -16.17
N TYR K 101 2.81 -38.80 -15.06
CA TYR K 101 3.76 -39.39 -14.11
C TYR K 101 3.14 -40.63 -13.48
N GLY K 102 3.79 -41.76 -13.67
CA GLY K 102 3.68 -42.88 -12.76
C GLY K 102 2.54 -43.83 -13.10
N SER K 103 1.88 -44.35 -12.08
CA SER K 103 0.82 -45.33 -12.24
C SER K 103 -0.42 -44.77 -12.92
N SER K 104 -0.62 -43.44 -12.90
CA SER K 104 -1.79 -42.87 -13.57
C SER K 104 -1.69 -43.08 -15.08
N GLY K 105 -0.58 -42.68 -15.67
CA GLY K 105 -0.12 -43.21 -16.95
C GLY K 105 -1.05 -43.06 -18.13
N TYR K 106 -1.65 -41.88 -18.32
CA TYR K 106 -2.41 -41.65 -19.54
C TYR K 106 -1.49 -41.05 -20.59
N PHE K 107 -1.44 -41.70 -21.75
CA PHE K 107 -0.45 -41.38 -22.78
C PHE K 107 -1.02 -40.26 -23.64
N ASP K 108 -0.68 -39.02 -23.29
CA ASP K 108 -1.32 -37.88 -23.94
C ASP K 108 -0.83 -37.67 -25.36
N VAL K 109 0.43 -37.99 -25.66
CA VAL K 109 0.99 -37.84 -26.99
C VAL K 109 1.59 -39.17 -27.41
N TRP K 110 1.23 -39.64 -28.61
CA TRP K 110 1.66 -40.93 -29.13
C TRP K 110 2.74 -40.73 -30.21
N GLY K 111 3.22 -41.85 -30.75
CA GLY K 111 4.20 -41.86 -31.80
C GLY K 111 3.66 -42.49 -33.07
N THR K 112 4.47 -42.43 -34.13
CA THR K 112 4.06 -42.89 -35.44
C THR K 112 4.31 -44.38 -35.66
N GLY K 113 5.08 -45.02 -34.81
CA GLY K 113 5.27 -46.47 -34.95
C GLY K 113 6.50 -46.83 -35.75
N THR K 114 6.93 -48.08 -35.58
CA THR K 114 8.09 -48.62 -36.28
C THR K 114 7.80 -50.04 -36.70
N THR K 115 7.77 -50.29 -38.00
CA THR K 115 7.55 -51.64 -38.53
C THR K 115 8.84 -52.43 -38.33
N VAL K 116 8.81 -53.38 -37.41
CA VAL K 116 9.94 -54.29 -37.16
C VAL K 116 9.51 -55.67 -37.63
N THR K 117 10.29 -56.25 -38.54
CA THR K 117 9.98 -57.56 -39.11
C THR K 117 11.14 -58.50 -38.81
N VAL K 118 10.82 -59.67 -38.27
CA VAL K 118 11.81 -60.69 -37.93
C VAL K 118 11.61 -61.86 -38.89
N SER K 119 12.55 -62.05 -39.82
CA SER K 119 12.49 -63.14 -40.76
C SER K 119 13.88 -63.40 -41.32
N SER K 120 14.08 -64.61 -41.84
CA SER K 120 15.33 -64.98 -42.49
C SER K 120 15.30 -64.76 -44.00
N ALA K 121 14.17 -64.31 -44.54
CA ALA K 121 14.03 -64.13 -45.98
C ALA K 121 14.76 -62.86 -46.40
N ASP L 1 -3.25 -60.18 -12.63
CA ASP L 1 -3.32 -59.45 -13.89
C ASP L 1 -4.77 -59.27 -14.32
N ILE L 2 -5.15 -58.02 -14.57
CA ILE L 2 -6.54 -57.70 -14.93
C ILE L 2 -6.75 -58.07 -16.40
N GLN L 3 -7.52 -59.13 -16.63
CA GLN L 3 -7.94 -59.49 -17.98
C GLN L 3 -9.13 -58.61 -18.37
N MET L 4 -8.89 -57.64 -19.24
CA MET L 4 -9.86 -56.60 -19.54
C MET L 4 -10.41 -56.83 -20.94
N THR L 5 -11.75 -56.79 -21.06
CA THR L 5 -12.46 -57.26 -22.24
C THR L 5 -13.33 -56.15 -22.81
N GLN L 6 -13.29 -55.98 -24.13
CA GLN L 6 -14.25 -55.14 -24.83
C GLN L 6 -15.51 -55.94 -25.11
N THR L 7 -16.67 -55.28 -25.02
CA THR L 7 -17.94 -55.98 -25.18
C THR L 7 -18.18 -56.39 -26.64
N THR L 8 -17.99 -55.45 -27.57
CA THR L 8 -18.35 -55.66 -28.97
C THR L 8 -17.09 -55.80 -29.81
N SER L 9 -17.06 -56.83 -30.66
CA SER L 9 -15.94 -56.99 -31.57
C SER L 9 -15.95 -55.93 -32.67
N SER L 10 -17.10 -55.66 -33.25
CA SER L 10 -17.23 -54.64 -34.28
C SER L 10 -18.68 -54.16 -34.32
N LEU L 11 -18.86 -52.87 -34.55
CA LEU L 11 -20.18 -52.27 -34.58
C LEU L 11 -20.26 -51.29 -35.75
N SER L 12 -21.46 -51.17 -36.33
CA SER L 12 -21.69 -50.29 -37.47
C SER L 12 -22.77 -49.28 -37.15
N ALA L 13 -22.57 -48.04 -37.59
CA ALA L 13 -23.56 -46.99 -37.43
C ALA L 13 -23.40 -45.99 -38.57
N SER L 14 -24.48 -45.25 -38.85
CA SER L 14 -24.48 -44.29 -39.94
C SER L 14 -24.04 -42.91 -39.45
N LEU L 15 -23.94 -41.97 -40.39
CA LEU L 15 -23.52 -40.62 -40.05
C LEU L 15 -24.60 -39.89 -39.27
N GLY L 16 -24.20 -39.25 -38.17
CA GLY L 16 -25.12 -38.58 -37.29
C GLY L 16 -25.78 -39.47 -36.25
N ASP L 17 -25.57 -40.78 -36.32
CA ASP L 17 -26.13 -41.69 -35.33
C ASP L 17 -25.34 -41.61 -34.03
N ARG L 18 -26.02 -41.91 -32.93
CA ARG L 18 -25.41 -41.90 -31.61
C ARG L 18 -24.93 -43.32 -31.30
N VAL L 19 -23.64 -43.57 -31.50
CA VAL L 19 -23.05 -44.88 -31.26
C VAL L 19 -22.48 -44.91 -29.86
N THR L 20 -22.81 -45.96 -29.12
CA THR L 20 -22.34 -46.14 -27.74
C THR L 20 -21.52 -47.42 -27.66
N ILE L 21 -20.31 -47.30 -27.14
CA ILE L 21 -19.37 -48.41 -27.05
C ILE L 21 -18.95 -48.56 -25.59
N SER L 22 -18.82 -49.81 -25.15
CA SER L 22 -18.55 -50.12 -23.75
C SER L 22 -17.51 -51.22 -23.64
N CYS L 23 -16.81 -51.24 -22.50
CA CYS L 23 -15.88 -52.32 -22.18
C CYS L 23 -15.87 -52.54 -20.68
N ARG L 24 -15.56 -53.78 -20.29
CA ARG L 24 -15.68 -54.23 -18.90
C ARG L 24 -14.32 -54.74 -18.41
N ALA L 25 -13.99 -54.38 -17.17
CA ALA L 25 -12.78 -54.85 -16.51
C ALA L 25 -13.12 -55.96 -15.53
N SER L 26 -12.17 -56.88 -15.34
CA SER L 26 -12.40 -58.01 -14.45
C SER L 26 -12.38 -57.62 -12.98
N GLN L 27 -11.85 -56.44 -12.65
CA GLN L 27 -11.81 -55.95 -11.29
C GLN L 27 -12.18 -54.47 -11.31
N ASP L 28 -12.40 -53.91 -10.11
CA ASP L 28 -12.65 -52.49 -9.98
C ASP L 28 -11.35 -51.73 -10.26
N ILE L 29 -11.33 -50.96 -11.33
CA ILE L 29 -10.17 -50.17 -11.70
C ILE L 29 -10.33 -48.71 -11.26
N SER L 30 -11.18 -48.46 -10.26
CA SER L 30 -11.52 -47.13 -9.74
C SER L 30 -12.00 -46.21 -10.85
N ASN L 31 -11.21 -45.21 -11.19
CA ASN L 31 -11.57 -44.24 -12.22
C ASN L 31 -10.41 -44.03 -13.18
N TYR L 32 -9.78 -45.12 -13.58
CA TYR L 32 -8.61 -45.07 -14.45
C TYR L 32 -8.93 -45.80 -15.75
N LEU L 33 -9.46 -45.04 -16.71
CA LEU L 33 -9.82 -45.54 -18.03
C LEU L 33 -9.30 -44.56 -19.07
N ASN L 34 -8.65 -45.09 -20.11
CA ASN L 34 -8.12 -44.27 -21.20
C ASN L 34 -8.55 -44.86 -22.53
N TRP L 35 -9.15 -44.03 -23.38
CA TRP L 35 -9.69 -44.45 -24.66
C TRP L 35 -8.77 -44.02 -25.79
N CYS L 36 -8.40 -44.97 -26.64
CA CYS L 36 -7.49 -44.74 -27.76
C CYS L 36 -8.22 -45.01 -29.06
N GLN L 37 -8.10 -44.11 -30.04
CA GLN L 37 -8.55 -44.36 -31.40
C GLN L 37 -7.32 -44.55 -32.28
N GLN L 38 -7.40 -45.52 -33.19
CA GLN L 38 -6.35 -45.74 -34.18
C GLN L 38 -6.99 -45.54 -35.55
N LYS L 39 -6.61 -44.45 -36.21
CA LYS L 39 -7.01 -44.25 -37.59
C LYS L 39 -6.35 -45.32 -38.47
N PRO L 40 -6.98 -45.69 -39.59
CA PRO L 40 -6.44 -46.81 -40.39
C PRO L 40 -5.04 -46.59 -40.95
N ASP L 41 -4.58 -45.34 -41.08
CA ASP L 41 -3.20 -45.12 -41.52
C ASP L 41 -2.22 -45.46 -40.41
N GLY L 42 -2.58 -45.21 -39.16
CA GLY L 42 -1.73 -45.61 -38.05
C GLY L 42 -1.57 -44.60 -36.94
N THR L 43 -2.25 -43.46 -37.04
CA THR L 43 -2.10 -42.39 -36.07
C THR L 43 -2.99 -42.67 -34.85
N ILE L 44 -2.35 -42.80 -33.68
CA ILE L 44 -3.05 -43.08 -32.43
C ILE L 44 -3.13 -41.78 -31.64
N LYS L 45 -4.29 -41.55 -31.01
CA LYS L 45 -4.49 -40.39 -30.15
C LYS L 45 -5.29 -40.80 -28.92
N LEU L 46 -5.06 -40.12 -27.81
CA LEU L 46 -5.77 -40.39 -26.57
C LEU L 46 -6.99 -39.48 -26.45
N LEU L 47 -8.09 -40.06 -25.95
CA LEU L 47 -9.38 -39.38 -25.95
C LEU L 47 -9.86 -39.08 -24.54
N ILE L 48 -10.00 -40.10 -23.70
CA ILE L 48 -10.52 -39.98 -22.35
C ILE L 48 -9.39 -40.24 -21.38
N TYR L 49 -9.24 -39.38 -20.37
CA TYR L 49 -8.27 -39.63 -19.32
C TYR L 49 -8.95 -39.46 -17.97
N TYR L 50 -8.59 -40.36 -17.03
CA TYR L 50 -9.19 -40.47 -15.71
C TYR L 50 -10.70 -40.72 -15.79
N THR L 51 -11.10 -41.48 -16.82
CA THR L 51 -12.41 -42.07 -17.14
C THR L 51 -13.53 -41.05 -17.36
N SER L 52 -13.27 -39.78 -17.17
CA SER L 52 -14.36 -38.81 -17.34
C SER L 52 -14.00 -37.64 -18.23
N ARG L 53 -12.77 -37.13 -18.13
CA ARG L 53 -12.41 -35.91 -18.84
C ARG L 53 -11.83 -36.22 -20.23
N LEU L 54 -12.01 -35.26 -21.13
CA LEU L 54 -11.61 -35.36 -22.53
C LEU L 54 -10.27 -34.66 -22.73
N HIS L 55 -9.43 -35.26 -23.57
CA HIS L 55 -8.14 -34.65 -23.89
C HIS L 55 -8.33 -33.39 -24.72
N SER L 56 -7.39 -32.45 -24.57
CA SER L 56 -7.47 -31.18 -25.27
C SER L 56 -7.28 -31.38 -26.77
N GLY L 57 -8.11 -30.67 -27.55
CA GLY L 57 -8.11 -30.75 -29.00
C GLY L 57 -9.09 -31.77 -29.56
N VAL L 58 -9.51 -32.72 -28.74
CA VAL L 58 -10.53 -33.69 -29.18
C VAL L 58 -11.87 -32.97 -29.30
N PRO L 59 -12.66 -33.22 -30.34
CA PRO L 59 -13.99 -32.62 -30.44
C PRO L 59 -14.91 -33.10 -29.31
N SER L 60 -15.84 -32.22 -28.94
CA SER L 60 -16.68 -32.43 -27.76
C SER L 60 -17.71 -33.55 -27.93
N ARG L 61 -17.88 -34.07 -29.15
CA ARG L 61 -18.84 -35.14 -29.37
C ARG L 61 -18.45 -36.45 -28.67
N PHE L 62 -17.17 -36.64 -28.34
CA PHE L 62 -16.76 -37.82 -27.61
C PHE L 62 -17.05 -37.64 -26.12
N SER L 63 -17.51 -38.72 -25.48
CA SER L 63 -17.83 -38.66 -24.06
C SER L 63 -17.76 -40.07 -23.48
N GLY L 64 -17.03 -40.21 -22.38
CA GLY L 64 -16.93 -41.48 -21.68
C GLY L 64 -17.29 -41.30 -20.22
N SER L 65 -17.86 -42.35 -19.63
CA SER L 65 -18.27 -42.30 -18.24
C SER L 65 -18.29 -43.72 -17.69
N GLY L 66 -18.91 -43.86 -16.52
CA GLY L 66 -18.96 -45.15 -15.85
C GLY L 66 -18.06 -45.19 -14.63
N SER L 67 -18.28 -46.17 -13.77
CA SER L 67 -17.46 -46.32 -12.56
C SER L 67 -17.51 -47.78 -12.14
N GLY L 68 -16.60 -48.13 -11.22
CA GLY L 68 -16.51 -49.49 -10.77
C GLY L 68 -15.85 -50.40 -11.78
N THR L 69 -16.63 -51.27 -12.42
CA THR L 69 -16.11 -52.19 -13.42
C THR L 69 -16.67 -51.97 -14.82
N ASP L 70 -17.91 -51.48 -14.94
CA ASP L 70 -18.54 -51.28 -16.23
C ASP L 70 -18.39 -49.83 -16.66
N TYR L 71 -17.77 -49.63 -17.82
CA TYR L 71 -17.51 -48.30 -18.34
C TYR L 71 -17.91 -48.24 -19.81
N SER L 72 -18.21 -47.03 -20.28
CA SER L 72 -18.71 -46.87 -21.64
C SER L 72 -18.17 -45.58 -22.24
N LEU L 73 -18.14 -45.53 -23.57
CA LEU L 73 -17.79 -44.34 -24.33
C LEU L 73 -18.91 -44.05 -25.31
N THR L 74 -19.37 -42.80 -25.34
CA THR L 74 -20.53 -42.41 -26.13
C THR L 74 -20.13 -41.33 -27.13
N ILE L 75 -20.48 -41.54 -28.40
CA ILE L 75 -20.26 -40.56 -29.46
C ILE L 75 -21.63 -40.02 -29.86
N SER L 76 -21.83 -38.71 -29.69
CA SER L 76 -23.16 -38.13 -29.88
C SER L 76 -23.55 -38.07 -31.35
N ASN L 77 -22.78 -37.32 -32.14
CA ASN L 77 -23.02 -37.20 -33.58
C ASN L 77 -21.82 -37.74 -34.33
N LEU L 78 -22.07 -38.66 -35.25
CA LEU L 78 -20.99 -39.36 -35.96
C LEU L 78 -20.70 -38.62 -37.26
N GLU L 79 -19.43 -38.33 -37.51
CA GLU L 79 -19.00 -37.71 -38.75
C GLU L 79 -18.16 -38.70 -39.56
N GLN L 80 -17.62 -38.22 -40.68
CA GLN L 80 -16.87 -39.09 -41.58
C GLN L 80 -15.48 -39.41 -41.04
N GLU L 81 -14.87 -38.48 -40.29
CA GLU L 81 -13.51 -38.67 -39.79
C GLU L 81 -13.44 -39.56 -38.56
N ASP L 82 -14.57 -40.00 -38.02
CA ASP L 82 -14.59 -40.79 -36.80
C ASP L 82 -14.51 -42.29 -37.07
N ILE L 83 -14.33 -42.70 -38.33
CA ILE L 83 -14.21 -44.12 -38.65
C ILE L 83 -12.84 -44.58 -38.18
N ALA L 84 -12.80 -45.34 -37.09
CA ALA L 84 -11.54 -45.79 -36.50
C ALA L 84 -11.81 -47.03 -35.66
N THR L 85 -10.76 -47.51 -34.99
CA THR L 85 -10.85 -48.64 -34.07
C THR L 85 -10.54 -48.13 -32.67
N TYR L 86 -11.37 -48.51 -31.70
CA TYR L 86 -11.38 -47.90 -30.38
C TYR L 86 -10.88 -48.89 -29.35
N PHE L 87 -9.88 -48.48 -28.56
CA PHE L 87 -9.34 -49.31 -27.48
C PHE L 87 -9.44 -48.56 -26.16
N CYS L 88 -9.82 -49.29 -25.11
CA CYS L 88 -9.85 -48.78 -23.75
C CYS L 88 -8.83 -49.54 -22.90
N GLN L 89 -8.17 -48.83 -21.98
CA GLN L 89 -7.15 -49.45 -21.15
C GLN L 89 -7.41 -49.15 -19.68
N GLN L 90 -6.86 -49.99 -18.81
CA GLN L 90 -6.86 -49.75 -17.38
C GLN L 90 -5.48 -49.29 -16.94
N SER L 91 -5.45 -48.48 -15.90
CA SER L 91 -4.19 -48.00 -15.34
C SER L 91 -4.21 -47.93 -13.82
N ASN L 92 -5.08 -48.72 -13.17
CA ASN L 92 -5.12 -48.72 -11.71
C ASN L 92 -3.90 -49.43 -11.13
N VAL L 93 -3.54 -50.58 -11.68
CA VAL L 93 -2.44 -51.38 -11.16
C VAL L 93 -1.55 -51.79 -12.32
N LEU L 94 -0.27 -52.03 -12.01
CA LEU L 94 0.67 -52.53 -13.00
C LEU L 94 0.34 -53.98 -13.34
N PRO L 95 0.44 -54.37 -14.63
CA PRO L 95 0.74 -53.55 -15.80
C PRO L 95 -0.50 -52.89 -16.40
N ARG L 96 -0.34 -51.93 -17.29
CA ARG L 96 -1.47 -51.46 -18.08
C ARG L 96 -1.91 -52.55 -19.04
N THR L 97 -3.22 -52.65 -19.27
CA THR L 97 -3.76 -53.62 -20.21
C THR L 97 -4.77 -52.92 -21.10
N PHE L 98 -4.60 -53.06 -22.41
CA PHE L 98 -5.53 -52.52 -23.39
C PHE L 98 -6.72 -53.44 -23.56
N GLY L 99 -7.76 -52.91 -24.19
CA GLY L 99 -8.93 -53.70 -24.51
C GLY L 99 -8.73 -54.52 -25.77
N GLY L 100 -9.78 -55.26 -26.13
CA GLY L 100 -9.73 -56.06 -27.34
C GLY L 100 -9.83 -55.25 -28.62
N GLY L 101 -10.37 -54.05 -28.55
CA GLY L 101 -10.53 -53.22 -29.72
C GLY L 101 -11.87 -53.47 -30.41
N THR L 102 -12.35 -52.45 -31.11
CA THR L 102 -13.63 -52.54 -31.82
C THR L 102 -13.59 -51.58 -33.01
N LYS L 103 -13.64 -52.14 -34.22
CA LYS L 103 -13.55 -51.35 -35.44
C LYS L 103 -14.93 -50.79 -35.79
N LEU L 104 -15.09 -49.48 -35.68
CA LEU L 104 -16.33 -48.82 -36.01
C LEU L 104 -16.42 -48.59 -37.51
N GLU L 105 -17.51 -49.06 -38.11
CA GLU L 105 -17.70 -49.00 -39.56
C GLU L 105 -18.97 -48.23 -39.90
N ILE L 106 -19.03 -47.78 -41.15
CA ILE L 106 -20.20 -47.07 -41.67
C ILE L 106 -21.11 -48.09 -42.35
N LYS L 107 -22.36 -48.14 -41.92
CA LYS L 107 -23.33 -49.06 -42.51
C LYS L 107 -24.00 -48.42 -43.72
#